data_3MY7
#
_entry.id   3MY7
#
_cell.length_a   66.654
_cell.length_b   145.489
_cell.length_c   91.986
_cell.angle_alpha   90.00
_cell.angle_beta   105.81
_cell.angle_gamma   90.00
#
_symmetry.space_group_name_H-M   'P 1 21 1'
#
loop_
_entity.id
_entity.type
_entity.pdbx_description
1 polymer 'Alcohol dehydrogenase/acetaldehyde dehydrogenase'
2 non-polymer 'CHLORIDE ION'
3 water water
#
_entity_poly.entity_id   1
_entity_poly.type   'polypeptide(L)'
_entity_poly.pdbx_seq_one_letter_code
;(MSE)PVTN(MSE)AELDA(MSE)IARVKKAQEEFATYSQEQVDKIFRAASLAANQARIPLAQQAVEESG(MSE)GIVED
KVIKNHFASEFIYNKYKDEQTCGILEEDDNLGT(MSE)TIAEPVGIICGIVPTTNPTSTAIFKSLISLKTRNGIIFSPHP
RAKNSTNDAAKLVLDAAVAAGAPKDIIGWIDQPSVELSNAL(MSE)KHDDIALILATGGPG(MSE)VKAAYSSGKPAIGV
GAGNVPVVIDETADIKRAVASVL(MSE)SKTFDNGVVCASEQAVIVVDEVYDEVKERFASHKAHVLSKTDADKVRKVLLI
DGALNAKIVGQPATAIAE(MSE)AGVKVPADTKVLIGEGLGKVSYDDAFAHEKLSPTLG(MSE)FRADNFEDAVAQAVT
(MSE)VEIGGIGHTSGLYTNQDVNADRIRYFGDK(MSE)KTARILINIPTTHGGIGDLYNFNVAPSLTLGCGSWGGNSIS
ENVGPKHLINKKTVAKRAEN(MSE)
;
_entity_poly.pdbx_strand_id   A,B,C,D
#
loop_
_chem_comp.id
_chem_comp.type
_chem_comp.name
_chem_comp.formula
CL non-polymer 'CHLORIDE ION' 'Cl -1'
#
# COMPACT_ATOMS: atom_id res chain seq x y z
N PRO A 2 -47.13 -14.80 2.79
CA PRO A 2 -47.92 -13.60 2.98
C PRO A 2 -47.56 -12.86 4.27
N VAL A 3 -46.81 -11.78 4.13
CA VAL A 3 -46.28 -11.01 5.26
C VAL A 3 -46.86 -9.61 5.22
N THR A 4 -47.93 -9.40 6.00
CA THR A 4 -48.59 -8.10 6.08
C THR A 4 -48.68 -7.62 7.52
N ASN A 5 -48.30 -8.49 8.46
CA ASN A 5 -48.33 -8.16 9.90
C ASN A 5 -47.30 -8.92 10.74
N MSE A 6 -47.37 -8.71 12.06
CA MSE A 6 -46.35 -9.14 13.03
C MSE A 6 -46.12 -10.64 13.19
O MSE A 6 -44.98 -11.10 13.22
CB MSE A 6 -46.66 -8.53 14.39
CG MSE A 6 -46.23 -7.09 14.52
SE MSE A 6 -44.29 -6.99 14.51
CE MSE A 6 -44.10 -5.39 15.64
N ALA A 7 -47.22 -11.39 13.34
CA ALA A 7 -47.16 -12.85 13.47
C ALA A 7 -46.68 -13.48 12.18
N GLU A 8 -46.93 -12.78 11.07
CA GLU A 8 -46.47 -13.22 9.75
C GLU A 8 -44.99 -12.85 9.50
N LEU A 9 -44.55 -11.71 10.00
CA LEU A 9 -43.14 -11.33 9.91
C LEU A 9 -42.28 -12.30 10.71
N ASP A 10 -42.65 -12.46 11.99
CA ASP A 10 -42.03 -13.44 12.88
C ASP A 10 -42.00 -14.84 12.27
N ALA A 11 -43.16 -15.32 11.82
CA ALA A 11 -43.25 -16.62 11.14
C ALA A 11 -42.34 -16.72 9.91
N MSE A 12 -42.19 -15.63 9.17
CA MSE A 12 -41.36 -15.67 7.96
C MSE A 12 -39.86 -15.66 8.33
O MSE A 12 -39.07 -16.40 7.75
CB MSE A 12 -41.76 -14.55 6.97
CG MSE A 12 -41.03 -13.21 7.10
SE MSE A 12 -39.41 -13.13 5.98
CE MSE A 12 -40.29 -13.89 4.41
N ILE A 13 -39.53 -14.85 9.34
CA ILE A 13 -38.19 -14.76 9.89
C ILE A 13 -37.69 -16.14 10.32
N ALA A 14 -38.58 -16.91 10.95
CA ALA A 14 -38.24 -18.26 11.38
C ALA A 14 -37.93 -19.20 10.21
N ARG A 15 -38.65 -19.04 9.10
CA ARG A 15 -38.41 -19.85 7.91
C ARG A 15 -37.05 -19.51 7.28
N VAL A 16 -36.70 -18.23 7.25
CA VAL A 16 -35.38 -17.81 6.75
C VAL A 16 -34.29 -18.28 7.70
N LYS A 17 -34.56 -18.23 9.01
CA LYS A 17 -33.64 -18.73 10.02
C LYS A 17 -33.21 -20.18 9.72
N LYS A 18 -34.20 -21.03 9.46
CA LYS A 18 -33.97 -22.44 9.14
C LYS A 18 -33.28 -22.58 7.79
N ALA A 19 -33.67 -21.75 6.82
CA ALA A 19 -33.07 -21.80 5.49
C ALA A 19 -31.56 -21.52 5.63
N GLN A 20 -31.23 -20.42 6.30
CA GLN A 20 -29.84 -20.08 6.49
C GLN A 20 -29.09 -21.20 7.22
N GLU A 21 -29.74 -21.80 8.25
CA GLU A 21 -29.15 -22.98 8.93
C GLU A 21 -28.73 -24.05 7.92
N GLU A 22 -29.62 -24.39 6.99
CA GLU A 22 -29.30 -25.37 5.95
C GLU A 22 -28.23 -24.84 4.98
N PHE A 23 -28.36 -23.57 4.58
CA PHE A 23 -27.46 -22.95 3.62
C PHE A 23 -26.02 -22.87 4.13
N ALA A 24 -25.88 -22.59 5.43
CA ALA A 24 -24.60 -22.58 6.11
C ALA A 24 -23.78 -23.82 5.80
N THR A 25 -24.44 -24.97 5.60
CA THR A 25 -23.77 -26.24 5.40
C THR A 25 -23.27 -26.44 3.97
N TYR A 26 -23.70 -25.59 3.04
CA TYR A 26 -23.42 -25.78 1.61
C TYR A 26 -21.93 -25.68 1.25
N SER A 27 -21.51 -26.44 0.24
CA SER A 27 -20.12 -26.32 -0.26
C SER A 27 -19.91 -25.10 -1.17
N GLN A 28 -18.65 -24.68 -1.35
CA GLN A 28 -18.32 -23.55 -2.23
C GLN A 28 -18.75 -23.82 -3.67
N GLU A 29 -18.63 -25.08 -4.12
CA GLU A 29 -19.14 -25.48 -5.44
C GLU A 29 -20.64 -25.23 -5.61
N GLN A 30 -21.45 -25.73 -4.67
CA GLN A 30 -22.90 -25.50 -4.61
C GLN A 30 -23.21 -24.01 -4.59
N VAL A 31 -22.50 -23.27 -3.74
CA VAL A 31 -22.64 -21.81 -3.69
C VAL A 31 -22.33 -21.19 -5.05
N ASP A 32 -21.22 -21.57 -5.66
CA ASP A 32 -20.84 -21.03 -6.96
C ASP A 32 -21.98 -21.21 -7.97
N LYS A 33 -22.60 -22.39 -7.95
CA LYS A 33 -23.61 -22.78 -8.94
C LYS A 33 -24.88 -21.92 -8.77
N ILE A 34 -25.29 -21.76 -7.51
CA ILE A 34 -26.38 -20.87 -7.14
C ILE A 34 -26.05 -19.42 -7.55
N PHE A 35 -24.82 -19.01 -7.25
CA PHE A 35 -24.36 -17.65 -7.52
C PHE A 35 -24.37 -17.34 -9.03
N ARG A 36 -23.85 -18.25 -9.85
CA ARG A 36 -23.89 -18.06 -11.30
C ARG A 36 -25.33 -18.06 -11.79
N ALA A 37 -26.12 -19.03 -11.34
CA ALA A 37 -27.47 -19.21 -11.87
C ALA A 37 -28.34 -18.02 -11.53
N ALA A 38 -28.15 -17.46 -10.34
CA ALA A 38 -29.04 -16.41 -9.88
C ALA A 38 -28.65 -15.07 -10.48
N SER A 39 -27.36 -14.88 -10.69
CA SER A 39 -26.88 -13.67 -11.34
C SER A 39 -27.31 -13.64 -12.80
N LEU A 40 -27.27 -14.80 -13.46
CA LEU A 40 -27.61 -14.88 -14.90
C LEU A 40 -29.10 -14.61 -15.15
N ALA A 41 -29.95 -15.20 -14.29
CA ALA A 41 -31.37 -14.94 -14.29
C ALA A 41 -31.72 -13.45 -14.05
N ALA A 42 -31.16 -12.85 -13.01
CA ALA A 42 -31.30 -11.43 -12.70
C ALA A 42 -30.90 -10.52 -13.89
N ASN A 43 -29.72 -10.74 -14.47
CA ASN A 43 -29.35 -10.09 -15.72
C ASN A 43 -30.38 -10.28 -16.82
N GLN A 44 -30.84 -11.52 -17.05
CA GLN A 44 -31.78 -11.76 -18.14
C GLN A 44 -33.11 -10.99 -17.95
N ALA A 45 -33.41 -10.66 -16.70
CA ALA A 45 -34.61 -9.88 -16.39
C ALA A 45 -34.31 -8.38 -16.34
N ARG A 46 -33.13 -8.03 -16.83
CA ARG A 46 -32.61 -6.65 -16.96
C ARG A 46 -33.75 -5.68 -17.29
N ILE A 47 -34.37 -5.92 -18.43
CA ILE A 47 -35.34 -5.00 -19.04
C ILE A 47 -36.68 -5.08 -18.30
N PRO A 48 -37.30 -6.26 -18.23
CA PRO A 48 -38.60 -6.23 -17.53
C PRO A 48 -38.55 -5.70 -16.11
N LEU A 49 -37.43 -5.86 -15.42
CA LEU A 49 -37.37 -5.34 -14.06
C LEU A 49 -37.16 -3.82 -14.09
N ALA A 50 -36.40 -3.32 -15.08
CA ALA A 50 -36.25 -1.87 -15.25
C ALA A 50 -37.61 -1.17 -15.52
N GLN A 51 -38.38 -1.75 -16.44
CA GLN A 51 -39.64 -1.20 -16.87
C GLN A 51 -40.61 -1.15 -15.72
N GLN A 52 -40.71 -2.29 -15.02
CA GLN A 52 -41.49 -2.39 -13.81
C GLN A 52 -41.10 -1.30 -12.79
N ALA A 53 -39.81 -1.10 -12.58
CA ALA A 53 -39.36 -0.11 -11.60
C ALA A 53 -39.85 1.32 -11.93
N VAL A 54 -39.57 1.79 -13.14
CA VAL A 54 -40.05 3.11 -13.60
C VAL A 54 -41.58 3.25 -13.53
N GLU A 55 -42.31 2.24 -13.97
CA GLU A 55 -43.76 2.31 -13.98
C GLU A 55 -44.31 2.51 -12.58
N GLU A 56 -43.89 1.66 -11.65
CA GLU A 56 -44.41 1.69 -10.28
C GLU A 56 -44.01 2.91 -9.42
N SER A 57 -42.73 3.29 -9.45
CA SER A 57 -42.25 4.38 -8.59
C SER A 57 -42.49 5.75 -9.22
N GLY A 58 -42.78 5.74 -10.52
CA GLY A 58 -43.02 6.97 -11.29
C GLY A 58 -41.79 7.85 -11.53
N MSE A 59 -40.60 7.28 -11.48
CA MSE A 59 -39.38 8.08 -11.66
C MSE A 59 -38.34 7.39 -12.54
O MSE A 59 -38.46 6.19 -12.83
CB MSE A 59 -38.76 8.46 -10.29
CG MSE A 59 -38.01 7.34 -9.59
SE MSE A 59 -37.24 7.82 -7.84
CE MSE A 59 -38.82 7.74 -6.69
N GLY A 60 -37.34 8.15 -12.98
CA GLY A 60 -36.17 7.62 -13.69
C GLY A 60 -36.39 7.27 -15.15
N ILE A 61 -35.37 6.60 -15.71
CA ILE A 61 -35.23 6.31 -17.12
C ILE A 61 -34.97 4.82 -17.30
N VAL A 62 -35.95 4.13 -17.89
CA VAL A 62 -35.92 2.69 -18.16
C VAL A 62 -34.56 2.15 -18.60
N GLU A 63 -33.96 2.72 -19.65
CA GLU A 63 -32.71 2.14 -20.15
C GLU A 63 -31.48 2.51 -19.30
N ASP A 64 -31.62 3.45 -18.38
CA ASP A 64 -30.57 3.70 -17.41
C ASP A 64 -30.64 2.72 -16.24
N LYS A 65 -31.87 2.33 -15.88
CA LYS A 65 -32.12 1.33 -14.86
C LYS A 65 -31.81 -0.08 -15.38
N VAL A 66 -31.90 -0.26 -16.70
CA VAL A 66 -31.51 -1.51 -17.33
C VAL A 66 -30.01 -1.74 -17.01
N ILE A 67 -29.22 -0.68 -17.17
CA ILE A 67 -27.75 -0.67 -16.92
C ILE A 67 -27.41 -0.87 -15.43
N LYS A 68 -28.17 -0.22 -14.55
CA LYS A 68 -28.13 -0.49 -13.11
C LYS A 68 -28.40 -1.96 -12.80
N ASN A 69 -29.46 -2.54 -13.38
CA ASN A 69 -29.77 -3.94 -13.11
C ASN A 69 -28.66 -4.87 -13.64
N HIS A 70 -28.07 -4.50 -14.77
CA HIS A 70 -26.92 -5.20 -15.30
C HIS A 70 -25.73 -5.14 -14.36
N PHE A 71 -25.38 -3.95 -13.87
CA PHE A 71 -24.22 -3.87 -13.03
C PHE A 71 -24.44 -4.55 -11.66
N ALA A 72 -25.70 -4.64 -11.22
CA ALA A 72 -26.01 -5.30 -9.97
C ALA A 72 -26.01 -6.82 -10.13
N SER A 73 -25.96 -7.29 -11.37
CA SER A 73 -26.07 -8.71 -11.62
C SER A 73 -24.81 -9.30 -12.26
N GLU A 74 -24.58 -8.98 -13.54
CA GLU A 74 -23.45 -9.58 -14.26
C GLU A 74 -22.12 -9.13 -13.72
N PHE A 75 -22.04 -7.84 -13.40
CA PHE A 75 -20.80 -7.23 -12.97
C PHE A 75 -20.43 -7.75 -11.58
N ILE A 76 -21.44 -7.79 -10.71
CA ILE A 76 -21.27 -8.35 -9.38
C ILE A 76 -20.83 -9.80 -9.45
N TYR A 77 -21.42 -10.58 -10.35
CA TYR A 77 -20.93 -11.93 -10.65
C TYR A 77 -19.44 -12.00 -11.07
N ASN A 78 -19.03 -11.23 -12.07
CA ASN A 78 -17.62 -11.28 -12.52
C ASN A 78 -16.59 -10.82 -11.49
N LYS A 79 -16.99 -9.84 -10.66
CA LYS A 79 -16.16 -9.38 -9.55
C LYS A 79 -15.89 -10.47 -8.52
N TYR A 80 -16.90 -11.26 -8.22
CA TYR A 80 -16.81 -12.17 -7.08
C TYR A 80 -16.93 -13.66 -7.42
N LYS A 81 -16.98 -14.00 -8.71
CA LYS A 81 -16.99 -15.41 -9.15
C LYS A 81 -15.95 -16.25 -8.36
N ASP A 82 -14.72 -15.72 -8.23
CA ASP A 82 -13.60 -16.45 -7.60
C ASP A 82 -13.25 -16.07 -6.14
N GLU A 83 -14.04 -15.21 -5.51
CA GLU A 83 -13.77 -14.77 -4.13
C GLU A 83 -14.17 -15.83 -3.14
N GLN A 84 -13.29 -16.16 -2.22
CA GLN A 84 -13.59 -17.14 -1.19
C GLN A 84 -14.38 -16.50 -0.04
N THR A 85 -15.42 -17.20 0.41
CA THR A 85 -16.36 -16.69 1.41
C THR A 85 -16.66 -17.74 2.46
N CYS A 86 -16.37 -19.00 2.15
CA CYS A 86 -16.61 -20.12 3.05
C CYS A 86 -15.26 -20.74 3.47
N GLY A 87 -15.19 -21.27 4.69
CA GLY A 87 -14.09 -22.14 5.11
C GLY A 87 -12.84 -21.49 5.69
N ILE A 88 -11.67 -22.02 5.34
CA ILE A 88 -10.39 -21.56 5.86
C ILE A 88 -9.79 -20.45 4.99
N LEU A 89 -9.17 -19.45 5.63
CA LEU A 89 -8.66 -18.27 4.95
C LEU A 89 -7.17 -17.97 5.22
N THR A 97 -3.23 -22.24 14.89
CA THR A 97 -3.93 -21.00 14.53
C THR A 97 -4.45 -20.97 13.08
N MSE A 98 -5.67 -20.46 12.91
CA MSE A 98 -6.34 -20.42 11.60
C MSE A 98 -7.51 -19.44 11.58
O MSE A 98 -8.03 -19.09 12.64
CB MSE A 98 -6.82 -21.82 11.17
CG MSE A 98 -8.10 -22.31 11.82
SE MSE A 98 -8.68 -23.99 11.02
CE MSE A 98 -9.87 -24.68 12.42
N THR A 99 -7.93 -19.00 10.39
CA THR A 99 -9.09 -18.11 10.23
C THR A 99 -10.23 -18.77 9.43
N ILE A 100 -11.43 -18.79 10.00
CA ILE A 100 -12.62 -19.40 9.37
C ILE A 100 -13.65 -18.34 9.07
N ALA A 101 -14.05 -18.25 7.80
CA ALA A 101 -15.08 -17.30 7.41
C ALA A 101 -16.41 -17.90 7.74
N GLU A 102 -17.31 -17.08 8.25
CA GLU A 102 -18.63 -17.58 8.52
C GLU A 102 -19.76 -16.59 8.24
N PRO A 103 -20.92 -17.12 7.80
CA PRO A 103 -21.95 -16.17 7.43
C PRO A 103 -22.46 -15.46 8.67
N VAL A 104 -22.85 -14.21 8.50
CA VAL A 104 -23.27 -13.40 9.62
C VAL A 104 -24.62 -13.91 10.19
N GLY A 105 -25.47 -14.44 9.31
CA GLY A 105 -26.78 -15.01 9.68
C GLY A 105 -27.88 -14.53 8.75
N ILE A 106 -28.87 -13.86 9.30
CA ILE A 106 -29.92 -13.23 8.51
C ILE A 106 -29.66 -11.74 8.38
N ILE A 107 -29.63 -11.25 7.13
CA ILE A 107 -29.53 -9.82 6.86
C ILE A 107 -30.91 -9.15 6.71
N CYS A 108 -30.97 -7.88 7.10
CA CYS A 108 -32.13 -7.01 6.85
C CYS A 108 -31.75 -5.95 5.82
N GLY A 109 -32.23 -6.13 4.58
CA GLY A 109 -32.03 -5.19 3.50
C GLY A 109 -33.11 -4.12 3.46
N ILE A 110 -32.73 -2.88 3.71
CA ILE A 110 -33.63 -1.74 3.51
C ILE A 110 -33.41 -1.17 2.11
N VAL A 111 -34.47 -1.19 1.31
CA VAL A 111 -34.45 -0.86 -0.10
C VAL A 111 -35.30 0.39 -0.34
N PRO A 112 -34.69 1.43 -0.96
CA PRO A 112 -35.38 2.69 -1.20
C PRO A 112 -36.09 2.72 -2.57
N THR A 113 -36.94 3.73 -2.80
CA THR A 113 -37.70 3.82 -4.05
C THR A 113 -36.85 4.26 -5.24
N THR A 114 -35.69 4.82 -4.93
CA THR A 114 -34.78 5.32 -5.91
C THR A 114 -34.16 4.21 -6.76
N ASN A 115 -33.79 3.10 -6.12
CA ASN A 115 -33.19 1.96 -6.84
C ASN A 115 -33.76 0.61 -6.39
N PRO A 116 -35.09 0.46 -6.46
CA PRO A 116 -35.81 -0.71 -5.96
C PRO A 116 -35.39 -2.10 -6.51
N THR A 117 -34.93 -2.20 -7.76
CA THR A 117 -34.62 -3.52 -8.32
C THR A 117 -33.12 -3.84 -8.31
N SER A 118 -32.28 -2.88 -8.67
CA SER A 118 -30.84 -3.07 -8.65
C SER A 118 -30.32 -3.31 -7.23
N THR A 119 -30.83 -2.61 -6.23
CA THR A 119 -30.30 -2.90 -4.92
C THR A 119 -30.79 -4.22 -4.34
N ALA A 120 -32.02 -4.63 -4.64
CA ALA A 120 -32.49 -5.95 -4.23
C ALA A 120 -31.74 -7.07 -4.98
N ILE A 121 -31.35 -6.84 -6.21
CA ILE A 121 -30.54 -7.81 -6.96
C ILE A 121 -29.19 -7.98 -6.28
N PHE A 122 -28.49 -6.86 -6.17
CA PHE A 122 -27.15 -6.79 -5.64
C PHE A 122 -27.11 -7.45 -4.27
N LYS A 123 -28.01 -7.01 -3.39
CA LYS A 123 -28.01 -7.47 -2.03
C LYS A 123 -28.27 -8.98 -1.97
N SER A 124 -29.25 -9.46 -2.73
CA SER A 124 -29.54 -10.88 -2.79
C SER A 124 -28.33 -11.69 -3.27
N LEU A 125 -27.68 -11.22 -4.33
CA LEU A 125 -26.56 -11.94 -4.91
C LEU A 125 -25.42 -12.16 -3.92
N ILE A 126 -24.99 -11.10 -3.22
CA ILE A 126 -23.80 -11.15 -2.35
C ILE A 126 -24.15 -11.82 -1.01
N SER A 127 -25.43 -11.77 -0.67
CA SER A 127 -25.96 -12.55 0.41
C SER A 127 -25.90 -14.04 0.08
N LEU A 128 -26.32 -14.41 -1.13
CA LEU A 128 -26.27 -15.81 -1.55
C LEU A 128 -24.83 -16.27 -1.59
N LYS A 129 -23.98 -15.46 -2.22
CA LYS A 129 -22.56 -15.75 -2.29
C LYS A 129 -21.95 -16.04 -0.91
N THR A 130 -22.57 -15.53 0.16
CA THR A 130 -21.97 -15.68 1.48
C THR A 130 -22.69 -16.68 2.40
N ARG A 131 -23.65 -17.42 1.86
CA ARG A 131 -24.43 -18.39 2.63
C ARG A 131 -25.32 -17.75 3.72
N ASN A 132 -25.64 -16.47 3.57
CA ASN A 132 -26.57 -15.79 4.49
C ASN A 132 -28.00 -15.96 4.01
N GLY A 133 -28.95 -15.67 4.90
CA GLY A 133 -30.30 -15.36 4.47
C GLY A 133 -30.50 -13.87 4.51
N ILE A 134 -31.35 -13.35 3.61
CA ILE A 134 -31.63 -11.91 3.56
C ILE A 134 -33.14 -11.68 3.44
N ILE A 135 -33.65 -10.67 4.16
CA ILE A 135 -35.06 -10.31 4.12
C ILE A 135 -35.17 -8.83 3.80
N PHE A 136 -35.88 -8.51 2.72
CA PHE A 136 -35.97 -7.11 2.30
C PHE A 136 -37.17 -6.39 2.90
N SER A 137 -36.96 -5.12 3.25
CA SER A 137 -38.02 -4.24 3.69
C SER A 137 -38.14 -3.08 2.69
N PRO A 138 -38.96 -3.26 1.64
CA PRO A 138 -39.06 -2.24 0.60
C PRO A 138 -39.79 -1.00 1.07
N HIS A 139 -39.66 0.06 0.28
CA HIS A 139 -40.46 1.24 0.42
C HIS A 139 -41.79 0.97 -0.30
N PRO A 140 -42.92 1.43 0.28
CA PRO A 140 -44.26 1.26 -0.31
C PRO A 140 -44.46 1.79 -1.74
N ARG A 141 -43.73 2.82 -2.14
CA ARG A 141 -43.86 3.35 -3.52
C ARG A 141 -43.17 2.49 -4.57
N ALA A 142 -42.39 1.50 -4.13
CA ALA A 142 -41.72 0.61 -5.09
C ALA A 142 -41.71 -0.86 -4.65
N LYS A 143 -42.67 -1.22 -3.82
CA LYS A 143 -42.68 -2.54 -3.14
C LYS A 143 -42.80 -3.75 -4.10
N ASN A 144 -43.56 -3.61 -5.18
CA ASN A 144 -43.72 -4.71 -6.13
C ASN A 144 -42.42 -5.00 -6.91
N SER A 145 -41.81 -3.98 -7.50
CA SER A 145 -40.58 -4.24 -8.25
C SER A 145 -39.42 -4.70 -7.37
N THR A 146 -39.40 -4.25 -6.11
CA THR A 146 -38.40 -4.71 -5.14
C THR A 146 -38.62 -6.20 -4.83
N ASN A 147 -39.83 -6.55 -4.41
CA ASN A 147 -40.13 -7.91 -4.01
C ASN A 147 -40.10 -8.92 -5.17
N ASP A 148 -40.47 -8.47 -6.37
CA ASP A 148 -40.41 -9.32 -7.55
C ASP A 148 -38.99 -9.51 -8.09
N ALA A 149 -38.13 -8.51 -7.93
CA ALA A 149 -36.69 -8.70 -8.26
C ALA A 149 -36.12 -9.74 -7.28
N ALA A 150 -36.45 -9.57 -6.00
CA ALA A 150 -36.16 -10.56 -4.97
C ALA A 150 -36.67 -11.94 -5.33
N LYS A 151 -37.97 -12.07 -5.62
CA LYS A 151 -38.55 -13.36 -6.02
C LYS A 151 -37.81 -14.02 -7.21
N LEU A 152 -37.52 -13.24 -8.24
CA LEU A 152 -36.89 -13.76 -9.43
C LEU A 152 -35.51 -14.36 -9.09
N VAL A 153 -34.74 -13.65 -8.27
CA VAL A 153 -33.45 -14.14 -7.79
C VAL A 153 -33.64 -15.38 -6.93
N LEU A 154 -34.67 -15.36 -6.07
CA LEU A 154 -34.96 -16.48 -5.20
C LEU A 154 -35.23 -17.74 -6.01
N ASP A 155 -36.21 -17.64 -6.89
CA ASP A 155 -36.66 -18.74 -7.73
C ASP A 155 -35.49 -19.36 -8.51
N ALA A 156 -34.61 -18.52 -9.04
CA ALA A 156 -33.48 -19.04 -9.77
C ALA A 156 -32.39 -19.62 -8.83
N ALA A 157 -32.31 -19.14 -7.60
CA ALA A 157 -31.36 -19.73 -6.65
C ALA A 157 -31.89 -21.10 -6.22
N VAL A 158 -33.18 -21.14 -5.89
CA VAL A 158 -33.84 -22.37 -5.50
C VAL A 158 -33.79 -23.45 -6.57
N ALA A 159 -33.97 -23.07 -7.84
CA ALA A 159 -33.92 -24.00 -8.95
C ALA A 159 -32.49 -24.50 -9.18
N ALA A 160 -31.52 -23.77 -8.64
CA ALA A 160 -30.13 -24.16 -8.76
C ALA A 160 -29.68 -24.86 -7.47
N GLY A 161 -30.64 -25.02 -6.57
CA GLY A 161 -30.48 -25.86 -5.38
C GLY A 161 -30.43 -25.18 -4.02
N ALA A 162 -30.67 -23.88 -3.99
CA ALA A 162 -30.60 -23.12 -2.75
C ALA A 162 -31.84 -23.41 -1.91
N PRO A 163 -31.69 -23.36 -0.57
CA PRO A 163 -32.83 -23.70 0.28
C PRO A 163 -34.00 -22.77 0.04
N LYS A 164 -35.21 -23.29 0.23
CA LYS A 164 -36.48 -22.63 -0.12
C LYS A 164 -36.64 -21.20 0.41
N ASP A 165 -36.51 -21.00 1.71
CA ASP A 165 -36.88 -19.68 2.27
C ASP A 165 -35.70 -18.70 2.41
N ILE A 166 -34.65 -18.89 1.61
CA ILE A 166 -33.39 -18.20 1.81
C ILE A 166 -33.46 -16.68 1.61
N ILE A 167 -34.42 -16.25 0.79
CA ILE A 167 -34.71 -14.83 0.61
C ILE A 167 -36.16 -14.61 1.00
N GLY A 168 -36.42 -13.58 1.79
CA GLY A 168 -37.77 -13.23 2.23
C GLY A 168 -38.01 -11.75 2.01
N TRP A 169 -39.23 -11.28 2.30
CA TRP A 169 -39.60 -9.87 2.09
C TRP A 169 -40.95 -9.58 2.74
N ILE A 170 -41.17 -8.32 3.11
CA ILE A 170 -42.42 -7.85 3.70
C ILE A 170 -43.32 -7.40 2.54
N ASP A 171 -44.40 -8.16 2.30
CA ASP A 171 -45.35 -7.90 1.21
C ASP A 171 -46.05 -6.54 1.32
N GLN A 172 -46.44 -6.13 2.53
CA GLN A 172 -47.05 -4.81 2.73
C GLN A 172 -46.26 -3.98 3.76
N PRO A 173 -45.20 -3.31 3.29
CA PRO A 173 -44.26 -2.58 4.14
C PRO A 173 -44.93 -1.52 5.00
N SER A 174 -44.52 -1.43 6.26
CA SER A 174 -45.00 -0.37 7.13
C SER A 174 -43.95 -0.08 8.20
N VAL A 175 -44.11 1.09 8.84
CA VAL A 175 -43.18 1.56 9.86
C VAL A 175 -42.94 0.52 10.97
N GLU A 176 -44.04 0.04 11.57
CA GLU A 176 -44.01 -0.90 12.69
C GLU A 176 -43.23 -2.17 12.35
N LEU A 177 -43.44 -2.69 11.13
CA LEU A 177 -42.77 -3.92 10.69
C LEU A 177 -41.31 -3.67 10.30
N SER A 178 -41.07 -2.56 9.60
CA SER A 178 -39.70 -2.17 9.22
C SER A 178 -38.83 -2.03 10.48
N ASN A 179 -39.34 -1.25 11.43
CA ASN A 179 -38.74 -1.11 12.75
C ASN A 179 -38.55 -2.46 13.47
N ALA A 180 -39.58 -3.30 13.45
CA ALA A 180 -39.51 -4.64 14.04
C ALA A 180 -38.49 -5.57 13.39
N LEU A 181 -38.37 -5.52 12.06
CA LEU A 181 -37.44 -6.41 11.35
C LEU A 181 -36.01 -6.07 11.79
N MSE A 182 -35.68 -4.78 11.74
CA MSE A 182 -34.37 -4.28 12.16
C MSE A 182 -34.06 -4.62 13.63
O MSE A 182 -32.91 -4.92 13.98
CB MSE A 182 -34.31 -2.76 12.02
CG MSE A 182 -34.26 -2.23 10.60
SE MSE A 182 -34.02 -0.27 10.63
CE MSE A 182 -35.68 0.25 11.55
N LYS A 183 -35.08 -4.56 14.49
CA LYS A 183 -34.90 -4.80 15.92
C LYS A 183 -34.96 -6.27 16.35
N HIS A 184 -35.31 -7.16 15.42
CA HIS A 184 -35.58 -8.57 15.74
C HIS A 184 -34.35 -9.35 16.20
N ASP A 185 -34.49 -10.12 17.29
CA ASP A 185 -33.38 -10.93 17.83
C ASP A 185 -32.58 -11.70 16.78
N ASP A 186 -33.27 -12.17 15.74
CA ASP A 186 -32.66 -13.12 14.80
C ASP A 186 -32.05 -12.45 13.57
N ILE A 187 -31.98 -11.13 13.54
CA ILE A 187 -31.31 -10.40 12.48
C ILE A 187 -29.90 -10.05 12.92
N ALA A 188 -28.91 -10.52 12.16
CA ALA A 188 -27.51 -10.29 12.49
C ALA A 188 -27.01 -8.93 12.00
N LEU A 189 -27.52 -8.46 10.87
CA LEU A 189 -26.96 -7.26 10.22
C LEU A 189 -28.03 -6.50 9.44
N ILE A 190 -27.93 -5.17 9.43
CA ILE A 190 -28.82 -4.32 8.68
C ILE A 190 -28.07 -3.67 7.54
N LEU A 191 -28.45 -4.01 6.32
CA LEU A 191 -27.93 -3.31 5.14
C LEU A 191 -28.97 -2.28 4.74
N ALA A 192 -28.69 -1.03 5.05
CA ALA A 192 -29.68 0.04 4.93
C ALA A 192 -29.27 1.11 3.92
N THR A 193 -30.00 1.19 2.83
CA THR A 193 -29.78 2.24 1.85
C THR A 193 -31.03 3.09 1.68
N GLY A 194 -30.81 4.34 1.29
CA GLY A 194 -31.89 5.29 1.10
C GLY A 194 -31.66 6.56 1.89
N GLY A 195 -32.72 7.03 2.54
CA GLY A 195 -32.75 8.38 3.11
C GLY A 195 -31.91 8.56 4.36
N PRO A 196 -31.53 9.83 4.66
CA PRO A 196 -30.79 10.18 5.87
C PRO A 196 -31.48 9.64 7.13
N GLY A 197 -32.80 9.81 7.20
CA GLY A 197 -33.59 9.25 8.28
C GLY A 197 -33.35 7.76 8.49
N MSE A 198 -33.73 6.95 7.49
CA MSE A 198 -33.61 5.49 7.57
C MSE A 198 -32.21 5.02 7.93
O MSE A 198 -32.05 4.19 8.83
CB MSE A 198 -34.03 4.84 6.24
CG MSE A 198 -34.25 3.35 6.37
SE MSE A 198 -36.01 2.91 7.10
CE MSE A 198 -35.55 1.36 8.14
N VAL A 199 -31.21 5.55 7.21
CA VAL A 199 -29.81 5.26 7.46
C VAL A 199 -29.46 5.46 8.93
N LYS A 200 -29.84 6.62 9.47
CA LYS A 200 -29.66 6.91 10.89
C LYS A 200 -30.48 6.00 11.81
N ALA A 201 -31.64 5.55 11.32
CA ALA A 201 -32.50 4.64 12.08
C ALA A 201 -31.83 3.28 12.19
N ALA A 202 -31.11 2.91 11.14
CA ALA A 202 -30.28 1.70 11.13
C ALA A 202 -29.07 1.86 12.06
N TYR A 203 -28.52 3.07 12.14
CA TYR A 203 -27.42 3.32 13.08
C TYR A 203 -27.86 3.36 14.53
N SER A 204 -29.14 3.66 14.79
CA SER A 204 -29.70 3.69 16.16
C SER A 204 -30.45 2.39 16.52
N SER A 205 -30.36 1.38 15.67
CA SER A 205 -31.08 0.13 15.87
C SER A 205 -30.49 -0.71 17.01
N GLY A 206 -29.22 -0.45 17.31
CA GLY A 206 -28.48 -1.24 18.29
C GLY A 206 -28.06 -2.57 17.69
N LYS A 207 -27.86 -2.56 16.37
CA LYS A 207 -27.43 -3.72 15.58
C LYS A 207 -26.31 -3.28 14.64
N PRO A 208 -25.44 -4.22 14.23
CA PRO A 208 -24.47 -3.88 13.19
C PRO A 208 -25.18 -3.46 11.91
N ALA A 209 -24.77 -2.33 11.34
CA ALA A 209 -25.50 -1.68 10.26
C ALA A 209 -24.55 -1.04 9.27
N ILE A 210 -24.77 -1.25 7.99
CA ILE A 210 -24.03 -0.55 6.95
C ILE A 210 -24.98 0.35 6.15
N GLY A 211 -24.61 1.62 6.02
CA GLY A 211 -25.45 2.59 5.31
C GLY A 211 -24.84 3.04 4.00
N VAL A 212 -25.68 3.08 2.97
CA VAL A 212 -25.26 3.58 1.66
C VAL A 212 -26.12 4.78 1.26
N GLY A 215 -24.86 11.02 0.68
CA GLY A 215 -23.91 12.12 0.84
C GLY A 215 -24.13 13.21 -0.19
N ASN A 216 -23.75 14.44 0.17
CA ASN A 216 -24.05 15.68 -0.60
C ASN A 216 -22.74 16.26 -1.16
N VAL A 217 -22.55 16.17 -2.50
CA VAL A 217 -21.20 16.33 -3.12
C VAL A 217 -20.90 17.72 -3.67
N PRO A 218 -19.97 18.47 -3.03
CA PRO A 218 -19.59 19.78 -3.52
C PRO A 218 -18.47 19.71 -4.55
N VAL A 219 -18.51 20.60 -5.54
CA VAL A 219 -17.42 20.79 -6.48
C VAL A 219 -16.89 22.23 -6.43
N VAL A 220 -15.57 22.41 -6.24
CA VAL A 220 -14.96 23.72 -6.37
C VAL A 220 -14.33 23.85 -7.76
N ILE A 221 -14.52 25.00 -8.41
CA ILE A 221 -13.85 25.33 -9.66
C ILE A 221 -13.13 26.62 -9.39
N ASP A 222 -11.82 26.56 -9.24
CA ASP A 222 -11.11 27.80 -9.07
C ASP A 222 -10.76 28.43 -10.42
N GLU A 223 -10.12 29.59 -10.33
CA GLU A 223 -9.78 30.45 -11.48
C GLU A 223 -8.73 29.85 -12.43
N THR A 224 -8.04 28.80 -11.99
CA THR A 224 -6.94 28.23 -12.80
C THR A 224 -7.42 27.08 -13.66
N ALA A 225 -8.63 26.60 -13.38
CA ALA A 225 -9.22 25.43 -14.03
C ALA A 225 -9.38 25.52 -15.55
N ASP A 226 -9.52 24.37 -16.19
CA ASP A 226 -10.00 24.30 -17.59
C ASP A 226 -11.53 24.29 -17.56
N ILE A 227 -12.13 25.44 -17.84
CA ILE A 227 -13.55 25.68 -17.68
C ILE A 227 -14.42 24.85 -18.62
N LYS A 228 -14.02 24.74 -19.89
CA LYS A 228 -14.75 23.90 -20.83
C LYS A 228 -14.86 22.50 -20.22
N ARG A 229 -13.71 21.94 -19.84
CA ARG A 229 -13.64 20.59 -19.27
C ARG A 229 -14.39 20.48 -17.94
N ALA A 230 -14.26 21.48 -17.06
CA ALA A 230 -14.88 21.39 -15.74
C ALA A 230 -16.39 21.33 -15.88
N VAL A 231 -16.92 22.30 -16.61
CA VAL A 231 -18.35 22.32 -16.89
C VAL A 231 -18.83 21.00 -17.50
N ALA A 232 -18.16 20.50 -18.54
CA ALA A 232 -18.61 19.27 -19.20
C ALA A 232 -18.66 18.06 -18.25
N SER A 233 -17.63 17.94 -17.43
CA SER A 233 -17.42 16.78 -16.57
C SER A 233 -18.42 16.77 -15.44
N VAL A 234 -18.71 17.96 -14.95
CA VAL A 234 -19.63 18.16 -13.84
C VAL A 234 -21.07 17.74 -14.25
N LEU A 235 -21.40 17.89 -15.54
CA LEU A 235 -22.77 17.55 -15.99
C LEU A 235 -23.01 16.09 -16.37
N MSE A 236 -21.93 15.34 -16.57
CA MSE A 236 -21.97 13.97 -17.10
C MSE A 236 -22.89 13.07 -16.31
O MSE A 236 -23.77 12.42 -16.87
CB MSE A 236 -20.56 13.36 -17.18
CG MSE A 236 -19.73 13.85 -18.35
SE MSE A 236 -17.95 13.03 -18.26
CE MSE A 236 -17.02 13.88 -19.77
N SER A 237 -22.73 13.07 -14.98
CA SER A 237 -23.61 12.32 -14.07
C SER A 237 -25.08 12.75 -14.04
N LYS A 238 -25.36 13.99 -14.47
CA LYS A 238 -26.62 14.67 -14.07
C LYS A 238 -27.95 14.09 -14.58
N THR A 239 -27.94 13.46 -15.75
CA THR A 239 -29.19 12.97 -16.36
C THR A 239 -29.31 11.46 -16.31
N PHE A 240 -28.26 10.79 -15.84
CA PHE A 240 -28.29 9.33 -15.70
C PHE A 240 -29.36 8.94 -14.71
N ASP A 241 -30.33 8.14 -15.18
CA ASP A 241 -31.55 7.82 -14.41
C ASP A 241 -32.11 9.09 -13.75
N ASN A 242 -32.12 10.19 -14.50
CA ASN A 242 -32.58 11.49 -14.02
C ASN A 242 -31.90 11.94 -12.73
N GLY A 243 -30.62 11.67 -12.63
CA GLY A 243 -29.80 12.09 -11.51
C GLY A 243 -29.93 11.40 -10.17
N VAL A 244 -30.42 10.18 -10.21
CA VAL A 244 -30.51 9.31 -9.08
C VAL A 244 -29.26 8.54 -9.18
N VAL A 245 -28.22 8.96 -8.55
CA VAL A 245 -26.95 8.41 -8.90
C VAL A 245 -26.27 8.61 -7.62
N CYS A 246 -25.68 7.57 -7.08
CA CYS A 246 -24.99 7.77 -5.80
C CYS A 246 -23.78 8.71 -5.92
N ALA A 247 -23.74 9.73 -5.07
CA ALA A 247 -22.59 10.60 -4.95
C ALA A 247 -22.25 11.37 -6.24
N SER A 248 -23.26 11.92 -6.90
CA SER A 248 -23.01 12.79 -8.04
C SER A 248 -22.98 14.24 -7.58
N GLU A 249 -22.39 15.11 -8.40
CA GLU A 249 -22.25 16.51 -8.04
C GLU A 249 -23.57 17.21 -7.73
N GLN A 250 -23.57 18.00 -6.68
CA GLN A 250 -24.78 18.68 -6.27
C GLN A 250 -24.72 20.18 -6.49
N ALA A 251 -23.51 20.75 -6.40
CA ALA A 251 -23.31 22.18 -6.67
C ALA A 251 -21.92 22.46 -7.13
N VAL A 252 -21.79 23.51 -7.93
CA VAL A 252 -20.48 24.05 -8.21
C VAL A 252 -20.30 25.32 -7.38
N ILE A 253 -19.16 25.41 -6.71
CA ILE A 253 -18.73 26.59 -6.05
C ILE A 253 -17.61 27.17 -6.90
N VAL A 254 -17.85 28.37 -7.43
CA VAL A 254 -16.94 28.92 -8.45
C VAL A 254 -16.37 30.23 -7.95
N VAL A 255 -15.06 30.35 -8.14
CA VAL A 255 -14.32 31.53 -7.78
C VAL A 255 -14.82 32.63 -8.71
N ASP A 256 -14.96 33.83 -8.15
CA ASP A 256 -15.58 34.98 -8.78
C ASP A 256 -14.94 35.35 -10.12
N GLU A 257 -13.63 35.15 -10.23
CA GLU A 257 -12.89 35.50 -11.43
C GLU A 257 -13.37 34.77 -12.68
N VAL A 258 -13.87 33.54 -12.51
CA VAL A 258 -14.30 32.74 -13.65
C VAL A 258 -15.78 32.38 -13.57
N TYR A 259 -16.53 33.13 -12.78
CA TYR A 259 -17.92 32.78 -12.50
C TYR A 259 -18.80 32.96 -13.72
N ASP A 260 -18.75 34.11 -14.35
CA ASP A 260 -19.54 34.31 -15.55
C ASP A 260 -19.15 33.35 -16.70
N GLU A 261 -17.86 33.05 -16.82
CA GLU A 261 -17.42 32.07 -17.82
C GLU A 261 -18.13 30.73 -17.60
N VAL A 262 -17.99 30.14 -16.40
CA VAL A 262 -18.68 28.88 -16.07
C VAL A 262 -20.17 28.96 -16.37
N LYS A 263 -20.83 30.01 -15.86
CA LYS A 263 -22.25 30.20 -16.05
C LYS A 263 -22.62 30.26 -17.54
N GLU A 264 -21.79 30.92 -18.34
CA GLU A 264 -22.02 31.00 -19.77
C GLU A 264 -21.97 29.64 -20.45
N ARG A 265 -21.02 28.78 -20.05
CA ARG A 265 -20.90 27.47 -20.68
C ARG A 265 -22.09 26.55 -20.44
N PHE A 266 -22.86 26.78 -19.37
CA PHE A 266 -24.02 25.95 -19.01
C PHE A 266 -25.12 25.90 -20.07
N ALA A 267 -25.41 27.05 -20.69
CA ALA A 267 -26.37 27.10 -21.80
C ALA A 267 -25.92 26.22 -22.98
N SER A 268 -24.61 26.12 -23.20
CA SER A 268 -24.06 25.27 -24.25
C SER A 268 -24.34 23.77 -24.04
N HIS A 269 -24.67 23.38 -22.80
CA HIS A 269 -24.83 21.97 -22.45
C HIS A 269 -26.26 21.64 -22.03
N LYS A 270 -27.23 22.46 -22.43
CA LYS A 270 -28.63 22.23 -22.04
C LYS A 270 -28.93 22.43 -20.55
N ALA A 271 -28.01 23.09 -19.85
CA ALA A 271 -28.22 23.44 -18.46
C ALA A 271 -28.73 24.87 -18.41
N HIS A 272 -29.99 25.02 -18.05
CA HIS A 272 -30.70 26.30 -18.06
C HIS A 272 -30.39 26.98 -16.73
N VAL A 273 -29.85 28.21 -16.80
CA VAL A 273 -29.63 28.95 -15.55
C VAL A 273 -30.91 29.69 -15.18
N LEU A 274 -31.47 29.35 -14.03
CA LEU A 274 -32.74 29.90 -13.56
C LEU A 274 -32.59 31.36 -13.13
N SER A 275 -33.59 32.18 -13.44
CA SER A 275 -33.61 33.58 -13.00
C SER A 275 -33.72 33.56 -11.48
N LYS A 276 -33.35 34.67 -10.82
CA LYS A 276 -33.49 34.76 -9.36
C LYS A 276 -34.91 34.40 -8.93
N THR A 277 -35.88 34.79 -9.75
CA THR A 277 -37.30 34.51 -9.50
C THR A 277 -37.67 33.02 -9.65
N ASP A 278 -37.22 32.42 -10.75
CA ASP A 278 -37.45 31.01 -11.01
C ASP A 278 -36.78 30.14 -9.96
N ALA A 279 -35.50 30.40 -9.70
CA ALA A 279 -34.75 29.70 -8.64
C ALA A 279 -35.57 29.60 -7.35
N ASP A 280 -36.24 30.69 -6.98
CA ASP A 280 -37.05 30.73 -5.77
C ASP A 280 -38.21 29.75 -5.87
N LYS A 281 -38.89 29.74 -7.02
CA LYS A 281 -39.94 28.78 -7.29
C LYS A 281 -39.44 27.33 -7.21
N VAL A 282 -38.29 27.02 -7.82
CA VAL A 282 -37.74 25.67 -7.74
C VAL A 282 -37.34 25.23 -6.32
N ARG A 283 -36.67 26.09 -5.55
CA ARG A 283 -36.40 25.77 -4.14
C ARG A 283 -37.63 25.18 -3.44
N LYS A 284 -38.74 25.94 -3.45
CA LYS A 284 -39.93 25.54 -2.69
C LYS A 284 -40.45 24.16 -3.08
N VAL A 285 -40.03 23.68 -4.24
CA VAL A 285 -40.44 22.38 -4.71
C VAL A 285 -39.36 21.30 -4.41
N LEU A 286 -38.12 21.73 -4.16
CA LEU A 286 -36.97 20.83 -3.92
C LEU A 286 -37.02 20.16 -2.56
N LEU A 287 -37.23 21.01 -1.55
CA LEU A 287 -37.42 20.61 -0.17
C LEU A 287 -38.83 20.92 0.30
N ILE A 288 -39.36 19.99 1.10
CA ILE A 288 -40.67 20.11 1.73
C ILE A 288 -40.49 19.53 3.14
N ASP A 289 -40.94 20.28 4.15
CA ASP A 289 -40.77 19.90 5.55
C ASP A 289 -39.32 19.56 5.89
N GLY A 290 -38.40 20.32 5.28
CA GLY A 290 -36.96 20.18 5.50
C GLY A 290 -36.28 19.04 4.75
N ALA A 291 -37.08 18.22 4.07
CA ALA A 291 -36.58 16.99 3.46
C ALA A 291 -36.70 17.06 1.95
N LEU A 292 -35.86 16.28 1.27
CA LEU A 292 -35.91 16.15 -0.17
C LEU A 292 -37.32 15.72 -0.54
N ASN A 293 -37.92 16.49 -1.46
CA ASN A 293 -39.28 16.25 -1.89
C ASN A 293 -39.28 15.04 -2.81
N ALA A 294 -40.01 14.01 -2.38
CA ALA A 294 -40.09 12.74 -3.09
C ALA A 294 -40.49 12.92 -4.56
N LYS A 295 -41.37 13.89 -4.81
CA LYS A 295 -41.96 14.08 -6.16
C LYS A 295 -41.02 14.70 -7.22
N ILE A 296 -39.87 15.20 -6.82
CA ILE A 296 -38.88 15.69 -7.81
C ILE A 296 -37.75 14.69 -8.08
N VAL A 297 -37.58 13.72 -7.17
CA VAL A 297 -36.49 12.76 -7.24
C VAL A 297 -36.62 11.96 -8.53
N GLY A 298 -35.55 11.90 -9.32
CA GLY A 298 -35.54 11.12 -10.54
C GLY A 298 -36.48 11.60 -11.64
N GLN A 299 -36.84 12.88 -11.59
CA GLN A 299 -37.67 13.52 -12.61
C GLN A 299 -36.78 14.35 -13.53
N PRO A 300 -37.15 14.48 -14.83
CA PRO A 300 -36.26 15.25 -15.71
C PRO A 300 -36.37 16.71 -15.39
N ALA A 301 -35.35 17.47 -15.79
CA ALA A 301 -35.33 18.92 -15.60
C ALA A 301 -36.63 19.67 -16.01
N THR A 302 -37.21 19.28 -17.16
CA THR A 302 -38.45 19.92 -17.68
C THR A 302 -39.67 19.67 -16.78
N ALA A 303 -39.77 18.47 -16.22
CA ALA A 303 -40.89 18.14 -15.34
C ALA A 303 -40.80 18.89 -14.03
N ILE A 304 -39.58 19.02 -13.51
CA ILE A 304 -39.32 19.78 -12.28
C ILE A 304 -39.58 21.26 -12.50
N ALA A 305 -39.29 21.74 -13.71
CA ALA A 305 -39.64 23.09 -14.09
C ALA A 305 -41.18 23.26 -14.14
N GLU A 306 -41.87 22.25 -14.67
CA GLU A 306 -43.33 22.31 -14.74
C GLU A 306 -43.97 22.33 -13.35
N MSE A 307 -43.56 21.41 -12.45
CA MSE A 307 -44.18 21.38 -11.12
C MSE A 307 -43.92 22.65 -10.29
O MSE A 307 -44.73 23.01 -9.42
CB MSE A 307 -44.00 20.05 -10.37
CG MSE A 307 -42.59 19.47 -10.25
SE MSE A 307 -42.68 17.53 -9.77
CE MSE A 307 -42.15 16.70 -11.45
N ALA A 308 -42.81 23.33 -10.57
CA ALA A 308 -42.49 24.61 -9.91
C ALA A 308 -43.28 25.75 -10.53
N GLY A 309 -43.84 25.51 -11.72
CA GLY A 309 -44.52 26.55 -12.49
C GLY A 309 -43.53 27.48 -13.18
N VAL A 310 -42.47 26.90 -13.74
CA VAL A 310 -41.40 27.65 -14.41
C VAL A 310 -41.20 27.19 -15.86
N LYS A 311 -40.99 28.15 -16.75
CA LYS A 311 -40.89 27.92 -18.19
C LYS A 311 -39.44 27.74 -18.62
N VAL A 312 -39.20 26.70 -19.39
CA VAL A 312 -37.86 26.28 -19.70
C VAL A 312 -37.88 25.63 -21.10
N PRO A 313 -36.81 25.85 -21.92
CA PRO A 313 -36.84 25.30 -23.28
C PRO A 313 -37.06 23.80 -23.24
N ALA A 314 -37.74 23.26 -24.25
CA ALA A 314 -38.10 21.84 -24.31
C ALA A 314 -36.90 20.86 -24.24
N ASP A 315 -35.71 21.34 -24.62
CA ASP A 315 -34.50 20.52 -24.72
C ASP A 315 -33.56 20.58 -23.49
N THR A 316 -33.96 21.30 -22.45
CA THR A 316 -33.11 21.47 -21.27
C THR A 316 -32.97 20.21 -20.43
N LYS A 317 -31.72 19.93 -20.07
CA LYS A 317 -31.33 18.69 -19.38
C LYS A 317 -31.13 18.86 -17.86
N VAL A 318 -30.71 20.06 -17.45
CA VAL A 318 -30.35 20.34 -16.07
C VAL A 318 -30.76 21.78 -15.71
N LEU A 319 -31.36 21.95 -14.52
CA LEU A 319 -31.65 23.25 -13.91
C LEU A 319 -30.47 23.72 -13.01
N ILE A 320 -30.06 24.98 -13.18
CA ILE A 320 -29.01 25.58 -12.35
C ILE A 320 -29.64 26.65 -11.48
N GLY A 321 -29.53 26.51 -10.18
CA GLY A 321 -30.05 27.51 -9.27
C GLY A 321 -28.91 28.24 -8.62
N GLU A 322 -28.82 29.55 -8.86
CA GLU A 322 -27.72 30.36 -8.29
C GLU A 322 -28.02 30.70 -6.84
N GLY A 323 -27.04 30.50 -5.97
CA GLY A 323 -27.11 31.03 -4.62
C GLY A 323 -27.13 32.54 -4.62
N LEU A 324 -27.96 33.13 -3.76
CA LEU A 324 -27.80 34.54 -3.39
C LEU A 324 -26.85 34.52 -2.20
N GLY A 325 -25.62 34.95 -2.46
CA GLY A 325 -24.56 34.77 -1.49
C GLY A 325 -24.06 33.34 -1.41
N LYS A 326 -23.63 32.98 -0.20
CA LYS A 326 -22.82 31.80 0.01
C LYS A 326 -23.62 30.55 0.34
N VAL A 327 -22.99 29.39 0.19
CA VAL A 327 -23.59 28.12 0.61
C VAL A 327 -24.19 28.27 2.00
N SER A 328 -25.39 27.73 2.17
CA SER A 328 -26.05 27.81 3.43
C SER A 328 -27.11 26.74 3.50
N TYR A 329 -27.38 26.27 4.72
CA TYR A 329 -28.41 25.29 4.99
C TYR A 329 -29.75 25.72 4.42
N ASP A 330 -30.00 27.02 4.44
CA ASP A 330 -31.31 27.61 4.08
C ASP A 330 -31.58 27.59 2.57
N ASP A 331 -30.55 27.26 1.78
CA ASP A 331 -30.71 27.26 0.35
C ASP A 331 -30.80 25.81 -0.13
N ALA A 332 -32.00 25.44 -0.54
CA ALA A 332 -32.27 24.10 -1.07
C ALA A 332 -31.27 23.64 -2.15
N PHE A 333 -30.73 24.58 -2.93
CA PHE A 333 -29.68 24.20 -3.89
C PHE A 333 -28.35 23.78 -3.27
N ALA A 334 -28.22 23.97 -1.95
CA ALA A 334 -27.03 23.53 -1.23
C ALA A 334 -27.18 22.07 -0.78
N HIS A 335 -28.40 21.55 -0.93
CA HIS A 335 -28.72 20.19 -0.53
C HIS A 335 -28.58 19.17 -1.68
N GLU A 336 -28.49 17.90 -1.30
CA GLU A 336 -28.63 16.76 -2.20
C GLU A 336 -30.05 16.76 -2.79
N LYS A 337 -30.14 16.67 -4.12
CA LYS A 337 -31.40 16.90 -4.81
C LYS A 337 -31.84 15.70 -5.64
N LEU A 338 -30.93 14.72 -5.81
CA LEU A 338 -31.16 13.45 -6.51
C LEU A 338 -31.92 13.61 -7.83
N SER A 339 -31.46 14.55 -8.66
CA SER A 339 -32.22 15.00 -9.81
C SER A 339 -31.26 15.79 -10.67
N PRO A 340 -31.63 16.11 -11.93
CA PRO A 340 -30.77 16.91 -12.82
C PRO A 340 -30.91 18.40 -12.48
N THR A 341 -30.17 18.80 -11.44
CA THR A 341 -30.28 20.11 -10.85
C THR A 341 -28.97 20.29 -10.15
N LEU A 342 -28.51 21.53 -10.08
CA LEU A 342 -27.23 21.88 -9.50
C LEU A 342 -27.32 23.30 -8.95
N GLY A 343 -26.86 23.49 -7.73
CA GLY A 343 -26.69 24.80 -7.19
C GLY A 343 -25.44 25.40 -7.81
N MSE A 344 -25.36 26.72 -7.77
CA MSE A 344 -24.15 27.38 -8.20
C MSE A 344 -23.88 28.51 -7.24
O MSE A 344 -24.74 29.35 -7.00
CB MSE A 344 -24.27 27.85 -9.66
CG MSE A 344 -23.12 28.68 -10.10
SE MSE A 344 -23.32 29.33 -11.92
CE MSE A 344 -21.41 29.67 -12.27
N PHE A 345 -22.67 28.51 -6.70
CA PHE A 345 -22.33 29.44 -5.62
C PHE A 345 -21.04 30.19 -5.91
N ARG A 346 -21.03 31.48 -5.58
CA ARG A 346 -19.91 32.39 -5.81
C ARG A 346 -18.92 32.40 -4.62
N ALA A 347 -17.64 32.28 -4.93
CA ALA A 347 -16.60 32.34 -3.92
C ALA A 347 -15.69 33.51 -4.24
N ASP A 348 -15.14 34.15 -3.20
CA ASP A 348 -14.29 35.32 -3.42
C ASP A 348 -12.94 34.90 -4.00
N ASN A 349 -12.53 33.68 -3.66
CA ASN A 349 -11.24 33.13 -3.97
C ASN A 349 -11.24 31.65 -3.57
N PHE A 350 -10.16 30.98 -3.94
CA PHE A 350 -10.02 29.58 -3.72
C PHE A 350 -10.34 29.11 -2.28
N GLU A 351 -9.83 29.81 -1.25
CA GLU A 351 -9.99 29.36 0.15
C GLU A 351 -11.42 29.52 0.64
N ASP A 352 -12.05 30.60 0.17
CA ASP A 352 -13.45 30.84 0.44
C ASP A 352 -14.31 29.75 -0.21
N ALA A 353 -13.91 29.29 -1.41
CA ALA A 353 -14.60 28.17 -2.08
C ALA A 353 -14.52 26.92 -1.22
N VAL A 354 -13.30 26.57 -0.83
CA VAL A 354 -13.10 25.40 0.00
C VAL A 354 -13.99 25.48 1.25
N ALA A 355 -14.01 26.66 1.86
CA ALA A 355 -14.85 26.92 3.02
C ALA A 355 -16.36 26.70 2.74
N GLN A 356 -16.87 27.13 1.59
CA GLN A 356 -18.28 26.86 1.31
C GLN A 356 -18.54 25.36 1.04
N ALA A 357 -17.58 24.69 0.40
CA ALA A 357 -17.65 23.24 0.27
C ALA A 357 -17.71 22.54 1.62
N VAL A 358 -16.95 23.01 2.58
CA VAL A 358 -17.01 22.43 3.89
C VAL A 358 -18.44 22.40 4.43
N THR A 359 -19.18 23.48 4.29
CA THR A 359 -20.55 23.52 4.71
C THR A 359 -21.43 22.50 3.96
N MSE A 360 -21.21 22.31 2.68
CA MSE A 360 -22.00 21.35 1.94
C MSE A 360 -21.77 19.97 2.44
O MSE A 360 -22.64 19.19 2.40
CB MSE A 360 -21.70 21.42 0.46
CG MSE A 360 -22.35 22.56 -0.26
SE MSE A 360 -22.43 22.53 -2.12
CE MSE A 360 -23.46 21.10 -2.30
N VAL A 361 -20.58 19.66 2.88
CA VAL A 361 -20.32 18.34 3.41
C VAL A 361 -21.06 18.21 4.74
N GLU A 362 -21.08 19.29 5.53
CA GLU A 362 -21.82 19.29 6.79
C GLU A 362 -23.32 19.07 6.53
N ILE A 363 -23.89 19.83 5.60
CA ILE A 363 -25.31 19.69 5.26
C ILE A 363 -25.65 18.23 4.89
N GLY A 364 -24.81 17.58 4.09
CA GLY A 364 -25.00 16.18 3.71
C GLY A 364 -24.93 15.16 4.84
N GLY A 365 -24.31 15.54 5.95
CA GLY A 365 -24.16 14.65 7.07
C GLY A 365 -22.77 14.06 6.96
N ILE A 366 -22.73 12.80 6.56
CA ILE A 366 -21.49 12.13 6.36
C ILE A 366 -20.82 12.49 5.05
N GLY A 367 -19.59 12.98 5.13
CA GLY A 367 -18.86 13.36 3.96
C GLY A 367 -18.39 12.16 3.22
N HIS A 368 -18.60 12.13 1.93
CA HIS A 368 -18.36 10.98 1.13
C HIS A 368 -17.48 11.26 -0.09
N THR A 369 -17.84 12.24 -0.89
CA THR A 369 -16.96 12.65 -1.96
C THR A 369 -17.04 14.14 -2.22
N SER A 370 -15.96 14.71 -2.73
CA SER A 370 -15.93 16.11 -3.13
C SER A 370 -14.96 16.20 -4.27
N GLY A 371 -15.10 17.25 -5.09
CA GLY A 371 -14.17 17.46 -6.19
C GLY A 371 -13.68 18.89 -6.30
N LEU A 372 -12.47 19.03 -6.84
CA LEU A 372 -11.85 20.30 -7.22
C LEU A 372 -11.38 20.22 -8.67
N TYR A 373 -11.64 21.27 -9.46
CA TYR A 373 -10.97 21.47 -10.75
C TYR A 373 -9.99 22.65 -10.63
N THR A 374 -8.74 22.42 -11.00
CA THR A 374 -7.65 23.39 -10.89
C THR A 374 -6.66 23.01 -11.96
N ASN A 375 -5.57 23.78 -12.02
CA ASN A 375 -4.37 23.41 -12.76
C ASN A 375 -3.42 22.56 -11.88
N GLN A 376 -3.53 21.23 -11.98
CA GLN A 376 -2.80 20.35 -11.07
C GLN A 376 -1.29 20.30 -11.33
N ASP A 377 -0.84 20.96 -12.39
CA ASP A 377 0.56 20.99 -12.72
C ASP A 377 1.20 22.31 -12.31
N VAL A 378 0.45 23.11 -11.59
CA VAL A 378 0.99 24.27 -10.93
C VAL A 378 0.57 24.34 -9.48
N ASN A 379 -0.66 23.94 -9.18
CA ASN A 379 -1.27 24.22 -7.90
C ASN A 379 -1.24 23.13 -6.87
N ALA A 380 -0.08 22.56 -6.63
CA ALA A 380 0.04 21.44 -5.74
C ALA A 380 -0.36 21.82 -4.34
N ASP A 381 -0.08 23.05 -3.96
CA ASP A 381 -0.38 23.49 -2.63
C ASP A 381 -1.87 23.55 -2.38
N ARG A 382 -2.62 23.96 -3.39
CA ARG A 382 -4.11 23.98 -3.33
C ARG A 382 -4.75 22.59 -3.25
N ILE A 383 -4.22 21.66 -4.03
CA ILE A 383 -4.64 20.26 -3.96
C ILE A 383 -4.48 19.73 -2.55
N ARG A 384 -3.27 19.84 -2.02
CA ARG A 384 -2.99 19.40 -0.66
C ARG A 384 -3.88 20.13 0.34
N TYR A 385 -4.09 21.42 0.12
CA TYR A 385 -4.94 22.26 0.96
C TYR A 385 -6.39 21.75 0.94
N PHE A 386 -6.93 21.52 -0.25
CA PHE A 386 -8.26 20.91 -0.43
C PHE A 386 -8.33 19.50 0.21
N GLY A 387 -7.31 18.70 -0.01
CA GLY A 387 -7.17 17.43 0.69
C GLY A 387 -7.35 17.57 2.20
N ASP A 388 -6.70 18.54 2.82
CA ASP A 388 -6.75 18.67 4.28
C ASP A 388 -8.14 19.06 4.81
N LYS A 389 -8.79 20.01 4.13
CA LYS A 389 -10.05 20.56 4.62
C LYS A 389 -11.29 19.69 4.37
N MSE A 390 -11.24 18.87 3.31
CA MSE A 390 -12.39 18.05 2.89
C MSE A 390 -12.56 16.77 3.71
O MSE A 390 -11.79 15.82 3.57
CB MSE A 390 -12.30 17.70 1.39
CG MSE A 390 -12.51 18.87 0.43
SE MSE A 390 -13.96 20.12 0.90
CE MSE A 390 -15.41 18.88 0.73
N LYS A 391 -13.59 16.75 4.55
CA LYS A 391 -13.89 15.59 5.37
C LYS A 391 -14.72 14.56 4.58
N THR A 392 -14.13 14.05 3.51
CA THR A 392 -14.78 13.11 2.61
C THR A 392 -13.84 11.95 2.30
N ALA A 393 -14.43 10.75 2.19
CA ALA A 393 -13.65 9.56 1.85
C ALA A 393 -12.91 9.72 0.52
N ARG A 394 -13.59 10.27 -0.48
CA ARG A 394 -13.01 10.42 -1.81
C ARG A 394 -12.88 11.88 -2.16
N ILE A 395 -11.74 12.24 -2.76
CA ILE A 395 -11.42 13.61 -3.14
C ILE A 395 -10.88 13.57 -4.56
N LEU A 396 -11.55 14.26 -5.46
CA LEU A 396 -11.25 14.14 -6.88
C LEU A 396 -10.77 15.45 -7.46
N ILE A 397 -9.67 15.37 -8.20
CA ILE A 397 -9.08 16.54 -8.83
C ILE A 397 -9.17 16.37 -10.34
N ASN A 398 -9.97 17.22 -10.97
CA ASN A 398 -10.13 17.24 -12.43
C ASN A 398 -10.79 15.98 -13.04
N ILE A 399 -11.60 15.30 -12.25
CA ILE A 399 -12.26 14.04 -12.62
C ILE A 399 -13.70 14.03 -12.10
N PRO A 400 -14.67 13.70 -12.95
CA PRO A 400 -16.04 13.58 -12.45
C PRO A 400 -16.21 12.44 -11.43
N THR A 401 -17.33 12.42 -10.73
CA THR A 401 -17.67 11.26 -9.89
C THR A 401 -18.00 10.01 -10.75
N THR A 402 -18.12 10.20 -12.06
CA THR A 402 -18.44 9.12 -13.01
C THR A 402 -17.17 8.35 -13.40
N SER A 431 -14.78 4.55 3.39
CA SER A 431 -15.40 3.29 3.06
C SER A 431 -14.98 2.86 1.69
N GLU A 432 -15.56 1.77 1.23
CA GLU A 432 -15.41 1.32 -0.15
C GLU A 432 -16.75 0.74 -0.48
N ASN A 433 -16.83 -0.04 -1.53
CA ASN A 433 -18.10 -0.64 -1.93
C ASN A 433 -18.50 -1.82 -1.09
N VAL A 434 -19.80 -1.98 -0.88
CA VAL A 434 -20.26 -3.14 -0.15
C VAL A 434 -20.04 -4.43 -0.91
N GLY A 435 -19.54 -5.42 -0.22
CA GLY A 435 -19.19 -6.69 -0.82
C GLY A 435 -19.31 -7.87 0.13
N PRO A 436 -19.07 -9.04 -0.38
CA PRO A 436 -19.19 -10.21 0.43
C PRO A 436 -18.37 -10.10 1.68
N LYS A 437 -17.14 -9.63 1.56
CA LYS A 437 -16.31 -9.33 2.70
C LYS A 437 -17.09 -8.88 3.89
N HIS A 438 -18.07 -8.03 3.68
CA HIS A 438 -18.80 -7.43 4.76
C HIS A 438 -19.87 -8.28 5.33
N LEU A 439 -20.12 -9.40 4.70
CA LEU A 439 -21.28 -10.23 5.02
C LEU A 439 -20.86 -11.53 5.71
N ILE A 440 -19.59 -11.57 6.10
CA ILE A 440 -19.09 -12.69 6.86
C ILE A 440 -18.35 -12.22 8.11
N ASN A 441 -18.33 -13.04 9.16
CA ASN A 441 -17.52 -12.78 10.33
C ASN A 441 -16.29 -13.65 10.22
N LYS A 442 -15.15 -13.11 10.59
CA LYS A 442 -13.98 -13.93 10.57
C LYS A 442 -13.67 -14.40 11.98
N LYS A 443 -13.27 -15.65 12.09
CA LYS A 443 -13.08 -16.31 13.37
C LYS A 443 -11.67 -16.89 13.42
N THR A 444 -10.98 -16.65 14.51
CA THR A 444 -9.62 -17.18 14.65
C THR A 444 -9.59 -18.36 15.61
N VAL A 445 -9.01 -19.47 15.19
CA VAL A 445 -8.85 -20.62 16.07
C VAL A 445 -7.39 -20.65 16.51
N ALA A 446 -7.15 -20.77 17.82
CA ALA A 446 -5.78 -20.85 18.36
C ALA A 446 -5.50 -22.13 19.18
N LYS A 447 -4.53 -22.89 18.71
CA LYS A 447 -4.22 -24.19 19.22
C LYS A 447 -3.04 -24.05 20.14
N ARG A 448 -2.75 -25.07 20.92
CA ARG A 448 -1.66 -24.98 21.88
C ARG A 448 -0.34 -25.65 21.52
N ALA A 449 0.27 -25.32 20.41
CA ALA A 449 1.54 -25.97 20.10
C ALA A 449 1.43 -27.48 20.20
N PRO B 2 21.03 22.75 10.04
CA PRO B 2 19.85 22.41 10.85
C PRO B 2 18.67 21.98 9.95
N VAL B 3 18.36 20.68 9.95
CA VAL B 3 17.42 20.09 8.99
C VAL B 3 16.36 19.24 9.71
N THR B 4 15.21 19.86 9.95
CA THR B 4 14.16 19.30 10.80
C THR B 4 12.82 19.37 10.08
N ASN B 5 12.76 20.16 9.03
CA ASN B 5 11.53 20.33 8.28
C ASN B 5 11.75 20.48 6.77
N MSE B 6 10.63 20.60 6.05
CA MSE B 6 10.61 20.65 4.58
C MSE B 6 11.48 21.77 4.01
O MSE B 6 12.27 21.54 3.09
CB MSE B 6 9.16 20.76 4.10
CG MSE B 6 8.93 20.29 2.66
SE MSE B 6 9.70 18.52 2.22
CE MSE B 6 8.80 18.27 0.49
N ALA B 7 11.36 22.97 4.57
CA ALA B 7 12.06 24.15 4.08
C ALA B 7 13.59 24.04 4.30
N GLU B 8 13.99 23.63 5.50
CA GLU B 8 15.40 23.41 5.83
C GLU B 8 16.06 22.34 4.96
N LEU B 9 15.30 21.30 4.61
CA LEU B 9 15.76 20.28 3.67
C LEU B 9 16.03 20.88 2.28
N ASP B 10 15.01 21.50 1.68
CA ASP B 10 15.15 22.15 0.37
C ASP B 10 16.33 23.13 0.32
N ALA B 11 16.49 23.93 1.37
CA ALA B 11 17.64 24.83 1.49
C ALA B 11 18.96 24.04 1.63
N MSE B 12 18.92 22.92 2.36
CA MSE B 12 20.06 22.04 2.54
C MSE B 12 20.49 21.41 1.20
O MSE B 12 21.69 21.43 0.86
CB MSE B 12 19.73 20.94 3.58
CG MSE B 12 20.92 20.11 4.03
SE MSE B 12 21.22 18.48 2.98
CE MSE B 12 23.11 18.44 3.41
N ILE B 13 19.53 20.86 0.47
CA ILE B 13 19.77 20.33 -0.88
C ILE B 13 20.42 21.39 -1.78
N ALA B 14 19.94 22.64 -1.69
CA ALA B 14 20.51 23.75 -2.46
C ALA B 14 22.00 23.96 -2.20
N ARG B 15 22.40 23.88 -0.92
CA ARG B 15 23.81 24.08 -0.56
C ARG B 15 24.68 22.96 -1.11
N VAL B 16 24.17 21.73 -1.06
CA VAL B 16 24.89 20.55 -1.57
C VAL B 16 25.03 20.62 -3.10
N LYS B 17 23.96 21.03 -3.77
CA LYS B 17 23.99 21.27 -5.21
C LYS B 17 25.14 22.21 -5.64
N LYS B 18 25.15 23.42 -5.07
CA LYS B 18 26.25 24.37 -5.29
C LYS B 18 27.62 23.76 -4.94
N ALA B 19 27.72 23.06 -3.80
CA ALA B 19 29.00 22.49 -3.39
C ALA B 19 29.46 21.45 -4.39
N GLN B 20 28.54 20.61 -4.86
CA GLN B 20 28.91 19.60 -5.84
C GLN B 20 29.28 20.25 -7.16
N GLU B 21 28.53 21.27 -7.54
CA GLU B 21 28.87 22.06 -8.71
C GLU B 21 30.31 22.64 -8.57
N GLU B 22 30.67 23.14 -7.39
CA GLU B 22 32.07 23.49 -7.12
C GLU B 22 32.98 22.25 -7.22
N PHE B 23 32.56 21.14 -6.63
CA PHE B 23 33.39 19.95 -6.50
C PHE B 23 33.75 19.28 -7.84
N ALA B 24 32.85 19.41 -8.81
CA ALA B 24 33.00 18.79 -10.13
C ALA B 24 34.26 19.16 -10.93
N THR B 25 34.90 20.29 -10.59
CA THR B 25 36.02 20.80 -11.39
C THR B 25 37.39 20.55 -10.76
N TYR B 26 37.43 19.74 -9.71
CA TYR B 26 38.65 19.50 -8.96
C TYR B 26 39.57 18.54 -9.70
N SER B 27 40.88 18.73 -9.51
CA SER B 27 41.89 17.89 -10.12
C SER B 27 42.00 16.55 -9.39
N GLN B 28 42.46 15.52 -10.09
CA GLN B 28 42.63 14.18 -9.50
C GLN B 28 43.54 14.26 -8.28
N GLU B 29 44.59 15.07 -8.37
CA GLU B 29 45.49 15.31 -7.24
C GLU B 29 44.75 15.85 -6.01
N GLN B 30 43.87 16.83 -6.23
CA GLN B 30 43.13 17.46 -5.14
C GLN B 30 42.15 16.47 -4.56
N VAL B 31 41.38 15.83 -5.45
CA VAL B 31 40.47 14.75 -5.11
C VAL B 31 41.20 13.64 -4.30
N ASP B 32 42.38 13.22 -4.77
CA ASP B 32 43.17 12.23 -4.03
C ASP B 32 43.54 12.72 -2.63
N LYS B 33 43.95 13.98 -2.51
CA LYS B 33 44.32 14.57 -1.21
C LYS B 33 43.14 14.59 -0.23
N ILE B 34 41.97 14.94 -0.73
CA ILE B 34 40.76 14.93 0.09
C ILE B 34 40.42 13.51 0.54
N PHE B 35 40.71 12.54 -0.33
CA PHE B 35 40.31 11.16 -0.12
C PHE B 35 41.23 10.50 0.89
N ARG B 36 42.54 10.77 0.79
CA ARG B 36 43.47 10.29 1.78
C ARG B 36 43.09 10.86 3.15
N ALA B 37 42.88 12.17 3.22
CA ALA B 37 42.67 12.81 4.52
C ALA B 37 41.34 12.48 5.21
N ALA B 38 40.28 12.33 4.42
CA ALA B 38 38.98 12.03 5.03
C ALA B 38 39.00 10.58 5.49
N SER B 39 39.77 9.74 4.81
CA SER B 39 39.80 8.33 5.19
C SER B 39 40.66 8.07 6.41
N LEU B 40 41.78 8.81 6.54
CA LEU B 40 42.57 8.76 7.77
C LEU B 40 41.73 9.21 8.97
N ALA B 41 41.09 10.38 8.86
CA ALA B 41 40.28 10.92 9.97
C ALA B 41 39.29 9.89 10.46
N ALA B 42 38.63 9.23 9.51
CA ALA B 42 37.68 8.17 9.76
C ALA B 42 38.31 6.98 10.46
N ASN B 43 39.49 6.60 10.00
CA ASN B 43 40.22 5.51 10.62
C ASN B 43 40.59 5.81 12.06
N GLN B 44 41.18 6.99 12.29
CA GLN B 44 41.59 7.40 13.63
C GLN B 44 40.37 7.49 14.56
N ALA B 45 39.19 7.68 13.99
CA ALA B 45 37.94 7.75 14.76
C ALA B 45 37.14 6.43 14.90
N ARG B 46 37.74 5.29 14.52
CA ARG B 46 37.05 3.98 14.61
C ARG B 46 36.38 3.74 15.95
N ILE B 47 37.14 3.96 17.03
CA ILE B 47 36.72 3.55 18.36
C ILE B 47 35.61 4.46 18.87
N PRO B 48 35.83 5.80 18.90
CA PRO B 48 34.77 6.72 19.33
C PRO B 48 33.45 6.56 18.59
N LEU B 49 33.49 6.42 17.27
CA LEU B 49 32.26 6.17 16.51
C LEU B 49 31.65 4.79 16.81
N ALA B 50 32.47 3.77 16.97
CA ALA B 50 31.97 2.44 17.37
C ALA B 50 31.25 2.47 18.74
N GLN B 51 31.86 3.13 19.73
CA GLN B 51 31.27 3.25 21.07
C GLN B 51 29.91 3.99 21.03
N GLN B 52 29.86 5.07 20.26
CA GLN B 52 28.68 5.92 20.15
C GLN B 52 27.47 5.18 19.55
N ALA B 53 27.72 4.41 18.50
CA ALA B 53 26.68 3.64 17.78
C ALA B 53 26.06 2.55 18.65
N VAL B 54 26.91 1.87 19.44
CA VAL B 54 26.46 0.88 20.39
C VAL B 54 25.56 1.51 21.45
N GLU B 55 26.02 2.60 22.06
CA GLU B 55 25.25 3.27 23.10
C GLU B 55 23.91 3.79 22.55
N GLU B 56 23.95 4.53 21.43
CA GLU B 56 22.73 5.07 20.84
C GLU B 56 21.78 3.97 20.34
N SER B 57 22.23 3.10 19.43
CA SER B 57 21.30 2.12 18.83
C SER B 57 20.84 1.02 19.78
N GLY B 58 21.72 0.67 20.73
CA GLY B 58 21.36 -0.27 21.80
C GLY B 58 21.68 -1.71 21.45
N MSE B 59 22.47 -1.90 20.41
CA MSE B 59 22.75 -3.22 19.87
C MSE B 59 24.21 -3.27 19.41
O MSE B 59 24.87 -2.26 19.38
CB MSE B 59 21.81 -3.53 18.70
CG MSE B 59 22.12 -2.73 17.45
SE MSE B 59 20.68 -2.66 16.13
CE MSE B 59 21.80 -3.15 14.63
N GLY B 60 24.71 -4.47 19.11
CA GLY B 60 26.06 -4.62 18.62
C GLY B 60 27.13 -4.82 19.66
N ILE B 61 28.38 -4.84 19.19
CA ILE B 61 29.56 -5.03 20.02
C ILE B 61 30.55 -3.98 19.55
N VAL B 62 31.09 -3.20 20.49
CA VAL B 62 32.09 -2.16 20.21
C VAL B 62 33.27 -2.68 19.38
N GLU B 63 33.95 -3.72 19.86
CA GLU B 63 35.13 -4.28 19.19
C GLU B 63 34.91 -4.65 17.74
N ASP B 64 33.70 -5.10 17.43
CA ASP B 64 33.40 -5.54 16.06
C ASP B 64 33.00 -4.35 15.17
N LYS B 65 32.40 -3.32 15.77
CA LYS B 65 32.09 -2.10 15.05
C LYS B 65 33.36 -1.30 14.76
N VAL B 66 34.39 -1.47 15.59
CA VAL B 66 35.70 -0.88 15.35
C VAL B 66 36.32 -1.49 14.10
N ILE B 67 36.17 -2.81 13.95
CA ILE B 67 36.65 -3.53 12.76
C ILE B 67 35.92 -3.08 11.49
N LYS B 68 34.60 -2.99 11.60
CA LYS B 68 33.73 -2.50 10.55
C LYS B 68 34.07 -1.06 10.13
N ASN B 69 34.27 -0.18 11.13
CA ASN B 69 34.74 1.18 10.89
C ASN B 69 36.09 1.20 10.20
N HIS B 70 36.97 0.29 10.60
CA HIS B 70 38.29 0.23 9.99
C HIS B 70 38.21 -0.13 8.51
N PHE B 71 37.38 -1.12 8.15
CA PHE B 71 37.23 -1.56 6.76
C PHE B 71 36.51 -0.53 5.90
N ALA B 72 35.58 0.18 6.50
CA ALA B 72 34.84 1.26 5.88
C ALA B 72 35.72 2.43 5.46
N SER B 73 36.89 2.56 6.09
CA SER B 73 37.74 3.72 5.90
C SER B 73 39.11 3.39 5.32
N GLU B 74 39.95 2.73 6.11
CA GLU B 74 41.33 2.47 5.70
C GLU B 74 41.44 1.43 4.57
N PHE B 75 40.57 0.43 4.59
CA PHE B 75 40.58 -0.61 3.56
C PHE B 75 40.11 -0.03 2.23
N ILE B 76 38.97 0.66 2.29
CA ILE B 76 38.41 1.33 1.13
C ILE B 76 39.38 2.33 0.51
N TYR B 77 40.14 3.01 1.35
CA TYR B 77 41.22 3.86 0.83
C TYR B 77 42.23 3.06 0.03
N ASN B 78 42.60 1.89 0.51
CA ASN B 78 43.62 1.12 -0.19
C ASN B 78 43.10 0.48 -1.45
N LYS B 79 41.78 0.20 -1.47
CA LYS B 79 41.16 -0.35 -2.66
C LYS B 79 41.12 0.67 -3.82
N TYR B 80 40.84 1.93 -3.51
CA TYR B 80 40.54 2.90 -4.56
C TYR B 80 41.50 4.08 -4.72
N LYS B 81 42.56 4.12 -3.91
CA LYS B 81 43.48 5.26 -3.91
C LYS B 81 44.10 5.56 -5.28
N ASP B 82 44.12 4.56 -6.17
CA ASP B 82 44.70 4.71 -7.50
C ASP B 82 43.73 4.52 -8.66
N GLU B 83 42.44 4.58 -8.37
CA GLU B 83 41.45 4.38 -9.41
C GLU B 83 41.07 5.72 -10.01
N GLN B 84 41.10 5.79 -11.34
CA GLN B 84 40.75 6.99 -12.06
C GLN B 84 39.24 7.19 -11.98
N THR B 85 38.83 8.39 -11.58
CA THR B 85 37.41 8.68 -11.44
C THR B 85 37.10 10.05 -12.04
N CYS B 86 38.13 10.68 -12.57
CA CYS B 86 38.06 12.04 -13.10
C CYS B 86 38.71 12.06 -14.47
N GLY B 87 38.19 12.91 -15.37
CA GLY B 87 38.76 13.14 -16.69
C GLY B 87 38.66 12.01 -17.70
N ILE B 88 39.67 11.88 -18.54
CA ILE B 88 39.68 10.92 -19.66
C ILE B 88 40.04 9.50 -19.23
N LEU B 89 39.14 8.56 -19.46
CA LEU B 89 39.32 7.19 -19.00
C LEU B 89 39.99 6.31 -20.04
N GLU B 90 39.59 6.49 -21.30
CA GLU B 90 40.20 5.84 -22.44
C GLU B 90 40.12 6.79 -23.63
N GLU B 91 41.07 6.67 -24.55
CA GLU B 91 41.18 7.59 -25.69
C GLU B 91 41.79 6.85 -26.88
N ASP B 92 41.00 6.70 -27.95
CA ASP B 92 41.47 6.05 -29.18
C ASP B 92 41.43 7.02 -30.37
N ASP B 93 42.53 7.75 -30.59
CA ASP B 93 42.58 8.74 -31.67
C ASP B 93 42.40 8.12 -33.07
N ASN B 94 42.30 6.80 -33.14
CA ASN B 94 41.97 6.09 -34.37
C ASN B 94 40.47 6.14 -34.65
N LEU B 95 39.66 5.69 -33.68
CA LEU B 95 38.21 5.69 -33.83
C LEU B 95 37.62 7.11 -33.75
N GLY B 96 38.39 8.03 -33.18
CA GLY B 96 37.96 9.41 -32.95
C GLY B 96 37.19 9.58 -31.64
N THR B 97 37.40 8.65 -30.70
CA THR B 97 36.59 8.59 -29.50
C THR B 97 37.39 8.82 -28.22
N MSE B 98 36.68 9.23 -27.17
CA MSE B 98 37.19 9.20 -25.81
C MSE B 98 36.05 9.05 -24.83
O MSE B 98 34.94 9.47 -25.11
CB MSE B 98 38.05 10.44 -25.48
CG MSE B 98 37.38 11.77 -25.64
SE MSE B 98 38.54 13.10 -24.87
CE MSE B 98 38.00 14.67 -25.95
N THR B 99 36.37 8.43 -23.71
CA THR B 99 35.44 8.21 -22.62
C THR B 99 35.83 9.12 -21.47
N ILE B 100 34.89 9.95 -21.04
CA ILE B 100 35.14 10.86 -19.93
C ILE B 100 34.26 10.51 -18.74
N ALA B 101 34.86 10.54 -17.56
CA ALA B 101 34.15 10.32 -16.30
C ALA B 101 33.40 11.58 -15.90
N GLU B 102 32.23 11.40 -15.34
CA GLU B 102 31.44 12.55 -14.87
C GLU B 102 30.69 12.12 -13.62
N PRO B 103 30.72 12.93 -12.55
CA PRO B 103 29.95 12.53 -11.38
C PRO B 103 28.47 12.46 -11.69
N VAL B 104 27.77 11.57 -11.01
CA VAL B 104 26.33 11.46 -11.18
C VAL B 104 25.62 12.68 -10.58
N GLY B 105 26.20 13.26 -9.54
CA GLY B 105 25.68 14.50 -8.97
C GLY B 105 25.46 14.41 -7.47
N ILE B 106 24.20 14.48 -7.05
CA ILE B 106 23.86 14.33 -5.64
C ILE B 106 23.27 12.95 -5.37
N ILE B 107 23.87 12.26 -4.41
CA ILE B 107 23.43 10.94 -3.97
C ILE B 107 22.56 11.03 -2.70
N CYS B 108 21.43 10.33 -2.70
CA CYS B 108 20.68 10.13 -1.46
C CYS B 108 21.19 8.85 -0.85
N GLY B 109 21.76 8.96 0.35
CA GLY B 109 22.36 7.83 1.05
C GLY B 109 21.44 7.36 2.16
N ILE B 110 20.83 6.20 1.95
CA ILE B 110 19.93 5.59 2.94
C ILE B 110 20.72 4.64 3.83
N VAL B 111 20.53 4.78 5.13
CA VAL B 111 21.36 4.10 6.10
C VAL B 111 20.48 3.31 7.08
N PRO B 112 20.81 2.01 7.26
CA PRO B 112 20.10 1.12 8.18
C PRO B 112 20.46 1.43 9.63
N THR B 113 19.74 0.84 10.58
CA THR B 113 20.11 0.93 12.00
C THR B 113 21.26 -0.01 12.35
N THR B 114 21.52 -0.96 11.45
CA THR B 114 22.45 -2.06 11.71
C THR B 114 23.92 -1.62 11.65
N ASN B 115 24.25 -0.83 10.63
CA ASN B 115 25.61 -0.35 10.44
C ASN B 115 25.68 1.17 10.25
N PRO B 116 25.28 1.90 11.29
CA PRO B 116 25.10 3.35 11.19
C PRO B 116 26.34 4.14 10.76
N THR B 117 27.50 3.84 11.34
CA THR B 117 28.70 4.64 11.09
C THR B 117 29.53 4.17 9.90
N SER B 118 29.72 2.86 9.79
CA SER B 118 30.54 2.28 8.74
C SER B 118 29.96 2.53 7.35
N THR B 119 28.65 2.44 7.20
CA THR B 119 28.06 2.80 5.90
C THR B 119 28.08 4.29 5.62
N ALA B 120 27.95 5.12 6.65
CA ALA B 120 28.09 6.56 6.44
C ALA B 120 29.51 6.88 5.99
N ILE B 121 30.50 6.23 6.61
CA ILE B 121 31.90 6.48 6.29
C ILE B 121 32.22 6.05 4.86
N PHE B 122 31.89 4.80 4.55
CA PHE B 122 32.12 4.16 3.26
C PHE B 122 31.48 4.96 2.13
N LYS B 123 30.20 5.27 2.28
CA LYS B 123 29.46 5.98 1.23
C LYS B 123 30.01 7.39 1.03
N SER B 124 30.32 8.10 2.13
CA SER B 124 30.98 9.40 2.04
C SER B 124 32.31 9.29 1.30
N LEU B 125 33.10 8.26 1.60
CA LEU B 125 34.44 8.19 1.02
C LEU B 125 34.40 7.97 -0.47
N ILE B 126 33.51 7.12 -0.95
CA ILE B 126 33.45 6.82 -2.37
C ILE B 126 32.81 7.94 -3.15
N SER B 127 31.92 8.68 -2.47
CA SER B 127 31.33 9.89 -3.04
C SER B 127 32.35 11.02 -3.24
N LEU B 128 33.21 11.24 -2.25
CA LEU B 128 34.29 12.22 -2.39
C LEU B 128 35.24 11.81 -3.51
N LYS B 129 35.64 10.55 -3.50
CA LYS B 129 36.52 10.04 -4.55
C LYS B 129 35.99 10.31 -5.97
N THR B 130 34.67 10.46 -6.10
CA THR B 130 34.04 10.61 -7.41
C THR B 130 33.45 12.00 -7.69
N ARG B 131 33.72 12.96 -6.80
CA ARG B 131 33.31 14.37 -6.99
C ARG B 131 31.79 14.56 -6.87
N ASN B 132 31.14 13.70 -6.10
CA ASN B 132 29.69 13.80 -5.88
C ASN B 132 29.37 14.47 -4.58
N GLY B 133 28.11 14.85 -4.44
CA GLY B 133 27.53 15.28 -3.19
C GLY B 133 26.69 14.12 -2.72
N ILE B 134 26.58 13.95 -1.41
CA ILE B 134 25.78 12.89 -0.85
C ILE B 134 25.06 13.43 0.37
N ILE B 135 23.80 13.08 0.50
CA ILE B 135 23.01 13.50 1.64
C ILE B 135 22.53 12.22 2.28
N PHE B 136 22.67 12.13 3.60
CA PHE B 136 22.24 10.94 4.31
C PHE B 136 20.85 11.05 4.87
N SER B 137 20.05 10.01 4.62
CA SER B 137 18.77 9.83 5.32
C SER B 137 18.95 8.76 6.37
N PRO B 138 19.24 9.18 7.60
CA PRO B 138 19.49 8.30 8.74
C PRO B 138 18.21 7.60 9.21
N HIS B 139 18.37 6.46 9.87
CA HIS B 139 17.28 5.85 10.61
C HIS B 139 17.26 6.54 11.98
N PRO B 140 16.07 6.93 12.45
CA PRO B 140 15.92 7.68 13.71
C PRO B 140 16.65 7.08 14.91
N ARG B 141 16.60 5.76 15.05
CA ARG B 141 17.23 5.09 16.18
C ARG B 141 18.77 5.16 16.19
N ALA B 142 19.36 5.62 15.10
CA ALA B 142 20.82 5.66 15.01
C ALA B 142 21.32 6.99 14.45
N LYS B 143 20.39 7.94 14.29
CA LYS B 143 20.62 9.20 13.56
C LYS B 143 21.89 9.93 13.96
N ASN B 144 22.13 10.05 15.28
CA ASN B 144 23.28 10.80 15.77
C ASN B 144 24.61 10.16 15.38
N SER B 145 24.69 8.84 15.46
CA SER B 145 25.87 8.08 15.03
C SER B 145 26.15 8.27 13.54
N THR B 146 25.12 8.14 12.71
CA THR B 146 25.33 8.27 11.27
C THR B 146 25.67 9.73 10.90
N ASN B 147 24.93 10.68 11.44
CA ASN B 147 25.20 12.09 11.13
C ASN B 147 26.54 12.59 11.67
N ASP B 148 26.90 12.13 12.88
CA ASP B 148 28.19 12.50 13.45
C ASP B 148 29.38 11.89 12.67
N ALA B 149 29.23 10.65 12.18
CA ALA B 149 30.25 10.01 11.34
C ALA B 149 30.40 10.74 10.00
N ALA B 150 29.27 11.21 9.48
CA ALA B 150 29.25 12.00 8.26
C ALA B 150 29.91 13.39 8.47
N LYS B 151 29.54 14.09 9.54
CA LYS B 151 30.20 15.35 9.93
C LYS B 151 31.71 15.17 10.08
N LEU B 152 32.13 14.16 10.83
CA LEU B 152 33.55 13.86 10.97
C LEU B 152 34.26 13.79 9.62
N VAL B 153 33.75 12.97 8.69
CA VAL B 153 34.36 12.85 7.35
C VAL B 153 34.29 14.17 6.56
N LEU B 154 33.13 14.83 6.64
CA LEU B 154 32.93 16.16 6.08
C LEU B 154 34.05 17.09 6.55
N ASP B 155 34.22 17.24 7.86
CA ASP B 155 35.22 18.20 8.39
C ASP B 155 36.64 17.89 7.90
N ALA B 156 37.01 16.62 7.85
CA ALA B 156 38.36 16.28 7.40
C ALA B 156 38.52 16.56 5.90
N ALA B 157 37.45 16.36 5.14
CA ALA B 157 37.49 16.63 3.72
C ALA B 157 37.55 18.14 3.46
N VAL B 158 36.73 18.89 4.17
CA VAL B 158 36.76 20.34 4.06
C VAL B 158 38.17 20.86 4.41
N ALA B 159 38.73 20.44 5.55
CA ALA B 159 40.06 20.88 5.94
C ALA B 159 41.10 20.56 4.88
N ALA B 160 40.84 19.53 4.11
CA ALA B 160 41.74 19.08 3.05
C ALA B 160 41.51 19.84 1.73
N GLY B 161 40.51 20.70 1.68
CA GLY B 161 40.26 21.52 0.49
C GLY B 161 38.90 21.35 -0.17
N ALA B 162 38.16 20.31 0.21
CA ALA B 162 36.84 20.07 -0.35
C ALA B 162 35.85 21.18 0.01
N PRO B 163 34.82 21.42 -0.84
CA PRO B 163 33.80 22.46 -0.63
C PRO B 163 32.95 22.20 0.61
N LYS B 164 32.49 23.28 1.24
CA LYS B 164 31.86 23.26 2.59
C LYS B 164 30.71 22.26 2.81
N ASP B 165 29.72 22.28 1.93
CA ASP B 165 28.47 21.53 2.17
C ASP B 165 28.39 20.30 1.25
N ILE B 166 29.54 19.72 0.93
CA ILE B 166 29.60 18.62 -0.03
C ILE B 166 28.99 17.31 0.52
N ILE B 167 28.87 17.23 1.85
CA ILE B 167 28.13 16.17 2.53
C ILE B 167 27.10 16.81 3.46
N GLY B 168 25.91 16.24 3.46
CA GLY B 168 24.83 16.67 4.35
C GLY B 168 23.98 15.49 4.80
N TRP B 169 22.94 15.80 5.58
CA TRP B 169 22.17 14.79 6.29
C TRP B 169 20.91 15.41 6.87
N ILE B 170 19.95 14.58 7.25
CA ILE B 170 18.74 15.05 7.94
C ILE B 170 18.93 14.85 9.44
N ASP B 171 18.83 15.93 10.19
CA ASP B 171 18.99 15.89 11.66
C ASP B 171 17.80 15.26 12.36
N GLN B 172 16.60 15.49 11.83
CA GLN B 172 15.40 14.94 12.45
C GLN B 172 14.57 14.19 11.42
N PRO B 173 14.88 12.90 11.21
CA PRO B 173 14.28 12.10 10.16
C PRO B 173 12.78 11.94 10.34
N SER B 174 12.05 11.93 9.24
CA SER B 174 10.63 11.61 9.25
C SER B 174 10.28 10.89 7.97
N VAL B 175 9.06 10.39 7.89
CA VAL B 175 8.53 9.84 6.66
C VAL B 175 8.45 10.88 5.55
N GLU B 176 8.04 12.11 5.90
CA GLU B 176 7.90 13.18 4.90
C GLU B 176 9.24 13.69 4.35
N LEU B 177 10.29 13.69 5.16
CA LEU B 177 11.59 14.20 4.71
C LEU B 177 12.40 13.12 4.00
N SER B 178 12.30 11.88 4.46
CA SER B 178 12.96 10.78 3.78
C SER B 178 12.40 10.60 2.36
N ASN B 179 11.07 10.66 2.23
CA ASN B 179 10.40 10.57 0.93
C ASN B 179 10.77 11.73 -0.01
N ALA B 180 10.67 12.96 0.50
CA ALA B 180 10.99 14.16 -0.26
C ALA B 180 12.46 14.22 -0.67
N LEU B 181 13.35 13.66 0.16
CA LEU B 181 14.76 13.58 -0.18
C LEU B 181 14.91 12.69 -1.41
N MSE B 182 14.32 11.50 -1.36
CA MSE B 182 14.38 10.53 -2.45
C MSE B 182 13.76 11.05 -3.74
O MSE B 182 14.28 10.81 -4.81
CB MSE B 182 13.73 9.20 -2.07
CG MSE B 182 14.48 8.37 -1.04
SE MSE B 182 13.73 6.56 -0.92
CE MSE B 182 11.84 7.02 -0.72
N LYS B 183 12.62 11.74 -3.63
CA LYS B 183 11.95 12.23 -4.84
C LYS B 183 12.53 13.52 -5.44
N HIS B 184 13.25 14.31 -4.63
CA HIS B 184 13.74 15.63 -5.02
C HIS B 184 14.43 15.72 -6.40
N ASP B 185 14.05 16.75 -7.17
CA ASP B 185 14.63 17.01 -8.49
C ASP B 185 16.17 16.95 -8.56
N ASP B 186 16.85 17.43 -7.52
CA ASP B 186 18.31 17.54 -7.56
C ASP B 186 19.06 16.34 -7.01
N ILE B 187 18.32 15.29 -6.68
CA ILE B 187 18.92 14.01 -6.36
C ILE B 187 18.95 13.16 -7.62
N ALA B 188 20.11 12.56 -7.90
CA ALA B 188 20.35 11.81 -9.11
C ALA B 188 20.35 10.29 -8.88
N LEU B 189 20.82 9.88 -7.70
CA LEU B 189 21.01 8.46 -7.40
C LEU B 189 20.72 8.14 -5.94
N ILE B 190 20.13 6.96 -5.72
CA ILE B 190 19.90 6.48 -4.37
C ILE B 190 20.73 5.23 -4.11
N LEU B 191 21.55 5.28 -3.06
CA LEU B 191 22.16 4.07 -2.48
C LEU B 191 21.36 3.67 -1.28
N ALA B 192 20.61 2.60 -1.39
CA ALA B 192 19.77 2.16 -0.28
C ALA B 192 20.34 0.94 0.43
N THR B 193 20.61 1.08 1.72
CA THR B 193 20.99 -0.04 2.54
C THR B 193 19.87 -0.20 3.56
N GLY B 194 19.29 -1.40 3.64
CA GLY B 194 18.26 -1.69 4.64
C GLY B 194 17.45 -2.94 4.34
N GLY B 195 16.29 -3.04 4.99
CA GLY B 195 15.39 -4.19 4.80
C GLY B 195 14.73 -4.24 3.43
N PRO B 196 13.97 -5.32 3.16
CA PRO B 196 13.24 -5.43 1.89
C PRO B 196 12.25 -4.28 1.66
N GLY B 197 11.57 -3.86 2.74
CA GLY B 197 10.64 -2.72 2.69
C GLY B 197 11.28 -1.39 2.33
N MSE B 198 12.50 -1.17 2.84
CA MSE B 198 13.23 0.09 2.60
C MSE B 198 13.73 0.17 1.16
O MSE B 198 13.62 1.22 0.51
CB MSE B 198 14.40 0.21 3.58
CG MSE B 198 14.37 1.48 4.44
SE MSE B 198 14.18 3.15 3.40
CE MSE B 198 13.65 4.32 4.89
N VAL B 199 14.27 -0.94 0.68
CA VAL B 199 14.82 -1.04 -0.67
C VAL B 199 13.76 -0.84 -1.75
N LYS B 200 12.58 -1.42 -1.53
CA LYS B 200 11.43 -1.30 -2.43
C LYS B 200 11.01 0.16 -2.62
N ALA B 201 11.12 0.94 -1.55
CA ALA B 201 10.87 2.38 -1.59
C ALA B 201 11.92 3.12 -2.42
N ALA B 202 13.16 2.68 -2.34
CA ALA B 202 14.23 3.32 -3.11
C ALA B 202 13.96 3.16 -4.61
N TYR B 203 13.40 2.00 -4.98
CA TYR B 203 13.00 1.71 -6.35
C TYR B 203 11.61 2.26 -6.71
N SER B 204 11.05 3.10 -5.86
CA SER B 204 9.76 3.71 -6.14
C SER B 204 9.87 5.23 -6.14
N SER B 205 11.11 5.69 -6.01
CA SER B 205 11.46 7.10 -5.97
C SER B 205 11.31 7.79 -7.32
N GLY B 206 11.36 7.01 -8.39
CA GLY B 206 11.46 7.55 -9.75
C GLY B 206 12.91 7.78 -10.15
N LYS B 207 13.83 7.48 -9.26
CA LYS B 207 15.25 7.75 -9.50
C LYS B 207 15.92 6.42 -9.71
N PRO B 208 17.04 6.42 -10.46
CA PRO B 208 17.90 5.24 -10.47
C PRO B 208 18.38 4.94 -9.04
N ALA B 209 18.43 3.66 -8.70
CA ALA B 209 18.78 3.25 -7.36
C ALA B 209 19.68 2.03 -7.37
N ILE B 210 20.50 1.91 -6.33
CA ILE B 210 21.32 0.72 -6.11
C ILE B 210 21.08 0.28 -4.69
N GLY B 211 20.59 -0.95 -4.53
CA GLY B 211 20.28 -1.52 -3.21
C GLY B 211 21.43 -2.34 -2.64
N VAL B 212 21.50 -2.40 -1.31
CA VAL B 212 22.43 -3.27 -0.59
C VAL B 212 21.64 -3.97 0.52
N GLY B 215 18.99 -10.12 1.83
CA GLY B 215 18.09 -11.26 1.70
C GLY B 215 18.20 -12.30 2.81
N ASN B 216 17.38 -13.33 2.69
CA ASN B 216 17.34 -14.45 3.63
C ASN B 216 18.20 -15.62 3.14
N VAL B 217 19.20 -16.03 3.93
CA VAL B 217 20.24 -16.99 3.48
C VAL B 217 20.12 -18.43 4.01
N PRO B 218 19.70 -19.36 3.15
CA PRO B 218 19.60 -20.71 3.65
C PRO B 218 20.90 -21.49 3.41
N VAL B 219 21.13 -22.46 4.29
CA VAL B 219 22.19 -23.44 4.09
C VAL B 219 21.61 -24.84 4.09
N VAL B 220 21.99 -25.63 3.09
CA VAL B 220 21.67 -27.07 3.04
C VAL B 220 22.90 -27.89 3.47
N ILE B 221 22.68 -28.78 4.43
CA ILE B 221 23.69 -29.74 4.85
C ILE B 221 23.15 -31.09 4.48
N ASP B 222 23.69 -31.72 3.43
CA ASP B 222 23.21 -33.05 3.12
C ASP B 222 24.04 -34.18 3.75
N GLU B 223 23.55 -35.39 3.57
CA GLU B 223 24.03 -36.55 4.34
C GLU B 223 25.42 -37.03 3.95
N THR B 224 26.00 -36.40 2.94
CA THR B 224 27.34 -36.74 2.50
C THR B 224 28.35 -35.68 2.96
N ALA B 225 27.86 -34.62 3.60
CA ALA B 225 28.76 -33.55 4.04
C ALA B 225 29.70 -34.00 5.17
N ASP B 226 30.81 -33.28 5.28
CA ASP B 226 31.65 -33.35 6.44
C ASP B 226 30.94 -32.55 7.52
N ILE B 227 30.33 -33.23 8.48
CA ILE B 227 29.39 -32.58 9.40
C ILE B 227 30.11 -31.70 10.42
N LYS B 228 31.33 -32.06 10.79
CA LYS B 228 32.04 -31.30 11.81
C LYS B 228 32.49 -29.98 11.23
N ARG B 229 33.01 -30.02 10.01
CA ARG B 229 33.35 -28.81 9.25
C ARG B 229 32.12 -27.97 9.01
N ALA B 230 31.04 -28.58 8.54
CA ALA B 230 29.82 -27.83 8.25
C ALA B 230 29.29 -27.03 9.43
N VAL B 231 29.30 -27.63 10.62
CA VAL B 231 28.76 -27.01 11.84
C VAL B 231 29.62 -25.81 12.30
N ALA B 232 30.91 -26.05 12.53
CA ALA B 232 31.87 -24.98 12.79
C ALA B 232 31.68 -23.79 11.81
N SER B 233 31.65 -24.09 10.51
CA SER B 233 31.55 -23.11 9.44
C SER B 233 30.32 -22.24 9.47
N VAL B 234 29.16 -22.89 9.57
CA VAL B 234 27.90 -22.19 9.56
C VAL B 234 27.75 -21.26 10.76
N LEU B 235 28.48 -21.56 11.84
CA LEU B 235 28.41 -20.75 13.06
C LEU B 235 29.32 -19.51 13.05
N MSE B 236 30.36 -19.56 12.22
CA MSE B 236 31.44 -18.55 12.21
C MSE B 236 31.03 -17.07 12.17
O MSE B 236 31.68 -16.25 12.79
CB MSE B 236 32.42 -18.82 11.07
CG MSE B 236 33.55 -19.74 11.43
SE MSE B 236 34.73 -19.99 9.90
CE MSE B 236 35.83 -18.37 10.03
N SER B 237 29.98 -16.74 11.43
CA SER B 237 29.56 -15.34 11.28
C SER B 237 28.57 -14.87 12.35
N LYS B 238 28.11 -15.80 13.18
CA LYS B 238 26.90 -15.59 13.97
C LYS B 238 27.09 -14.75 15.22
N THR B 239 28.33 -14.63 15.69
CA THR B 239 28.66 -13.85 16.87
C THR B 239 29.20 -12.45 16.52
N PHE B 240 29.66 -12.29 15.27
CA PHE B 240 30.25 -11.03 14.84
C PHE B 240 29.25 -9.90 14.91
N ASP B 241 29.56 -8.91 15.75
CA ASP B 241 28.69 -7.74 15.98
C ASP B 241 27.28 -8.16 16.36
N ASN B 242 27.20 -9.23 17.16
CA ASN B 242 25.96 -9.91 17.53
C ASN B 242 25.11 -10.38 16.34
N GLY B 243 25.73 -10.88 15.30
CA GLY B 243 24.93 -11.41 14.23
C GLY B 243 24.39 -10.47 13.19
N VAL B 244 24.95 -9.29 13.15
CA VAL B 244 24.62 -8.27 12.18
C VAL B 244 25.68 -8.34 11.12
N VAL B 245 25.37 -8.97 10.02
CA VAL B 245 26.36 -9.20 9.02
C VAL B 245 25.58 -9.51 7.79
N CYS B 246 26.01 -8.95 6.70
CA CYS B 246 25.19 -8.86 5.53
C CYS B 246 24.60 -10.17 5.08
N ALA B 247 25.46 -11.09 4.71
CA ALA B 247 24.94 -12.24 4.02
C ALA B 247 25.17 -13.48 4.83
N SER B 248 24.79 -13.43 6.06
CA SER B 248 25.16 -14.49 6.97
C SER B 248 24.01 -15.47 7.16
N GLU B 249 24.36 -16.72 7.38
CA GLU B 249 23.41 -17.83 7.36
C GLU B 249 22.31 -17.73 8.40
N GLN B 250 21.08 -18.03 7.97
CA GLN B 250 19.90 -17.84 8.79
C GLN B 250 19.30 -19.14 9.34
N ALA B 251 19.43 -20.24 8.60
CA ALA B 251 18.94 -21.56 8.99
C ALA B 251 19.71 -22.64 8.26
N VAL B 252 19.90 -23.78 8.93
CA VAL B 252 20.43 -24.99 8.29
C VAL B 252 19.25 -25.89 7.94
N ILE B 253 19.26 -26.41 6.71
CA ILE B 253 18.29 -27.37 6.25
C ILE B 253 19.08 -28.67 6.11
N VAL B 254 18.69 -29.67 6.90
CA VAL B 254 19.52 -30.86 7.11
C VAL B 254 18.78 -32.14 6.69
N VAL B 255 19.43 -32.88 5.79
CA VAL B 255 18.91 -34.18 5.41
C VAL B 255 18.78 -35.08 6.65
N ASP B 256 17.59 -35.62 6.87
CA ASP B 256 17.24 -36.42 8.07
C ASP B 256 18.27 -37.48 8.50
N GLU B 257 19.00 -38.07 7.55
CA GLU B 257 20.07 -39.03 7.87
C GLU B 257 21.17 -38.46 8.79
N VAL B 258 21.45 -37.16 8.67
CA VAL B 258 22.48 -36.55 9.51
C VAL B 258 21.93 -35.54 10.50
N TYR B 259 20.61 -35.52 10.68
CA TYR B 259 19.97 -34.47 11.46
C TYR B 259 20.50 -34.48 12.88
N ASP B 260 20.26 -35.58 13.59
CA ASP B 260 20.71 -35.76 14.98
C ASP B 260 22.22 -35.59 15.12
N GLU B 261 22.97 -35.95 14.08
CA GLU B 261 24.41 -35.74 14.14
C GLU B 261 24.81 -34.25 14.10
N VAL B 262 24.08 -33.46 13.31
CA VAL B 262 24.26 -32.00 13.28
C VAL B 262 23.82 -31.39 14.61
N LYS B 263 22.59 -31.67 15.00
CA LYS B 263 21.99 -31.21 16.24
C LYS B 263 22.91 -31.45 17.46
N GLU B 264 23.58 -32.60 17.51
CA GLU B 264 24.47 -32.92 18.62
C GLU B 264 25.80 -32.17 18.60
N ARG B 265 26.32 -31.87 17.41
CA ARG B 265 27.59 -31.17 17.27
C ARG B 265 27.58 -29.71 17.81
N PHE B 266 26.40 -29.09 17.79
CA PHE B 266 26.28 -27.68 18.15
C PHE B 266 26.81 -27.34 19.54
N ALA B 267 26.54 -28.22 20.49
CA ALA B 267 26.90 -28.01 21.89
C ALA B 267 28.41 -27.87 22.05
N SER B 268 29.17 -28.55 21.19
CA SER B 268 30.62 -28.43 21.28
C SER B 268 31.11 -27.07 20.81
N HIS B 269 30.16 -26.18 20.51
CA HIS B 269 30.43 -24.82 20.02
C HIS B 269 29.69 -23.77 20.81
N LYS B 270 29.14 -24.16 21.95
CA LYS B 270 28.24 -23.32 22.74
C LYS B 270 27.13 -22.65 21.92
N ALA B 271 26.63 -23.36 20.90
CA ALA B 271 25.36 -23.06 20.26
C ALA B 271 24.30 -23.94 20.91
N HIS B 272 23.37 -23.30 21.59
CA HIS B 272 22.38 -23.97 22.42
C HIS B 272 21.16 -24.34 21.59
N VAL B 273 20.92 -25.63 21.44
CA VAL B 273 19.72 -26.12 20.76
C VAL B 273 18.54 -26.07 21.74
N LEU B 274 17.56 -25.26 21.38
CA LEU B 274 16.39 -24.99 22.21
C LEU B 274 15.44 -26.18 22.28
N SER B 275 15.05 -26.54 23.50
CA SER B 275 13.99 -27.53 23.71
C SER B 275 12.79 -27.09 22.87
N LYS B 276 11.79 -27.96 22.73
CA LYS B 276 10.58 -27.64 21.97
C LYS B 276 9.84 -26.39 22.48
N THR B 277 9.71 -26.27 23.79
CA THR B 277 8.92 -25.16 24.37
C THR B 277 9.67 -23.84 24.34
N ASP B 278 10.97 -23.90 24.61
CA ASP B 278 11.83 -22.72 24.62
C ASP B 278 11.95 -22.11 23.22
N ALA B 279 11.92 -22.96 22.20
CA ALA B 279 11.95 -22.49 20.81
C ALA B 279 10.68 -21.71 20.46
N ASP B 280 9.57 -22.03 21.10
CA ASP B 280 8.33 -21.25 20.94
C ASP B 280 8.47 -19.83 21.50
N LYS B 281 8.95 -19.71 22.74
CA LYS B 281 9.10 -18.40 23.35
C LYS B 281 10.04 -17.49 22.54
N VAL B 282 11.19 -18.03 22.10
CA VAL B 282 12.10 -17.28 21.22
C VAL B 282 11.37 -16.78 19.97
N ARG B 283 10.69 -17.70 19.27
CA ARG B 283 9.86 -17.34 18.11
C ARG B 283 8.93 -16.15 18.37
N LYS B 284 8.36 -16.09 19.57
CA LYS B 284 7.43 -15.01 19.95
C LYS B 284 8.16 -13.69 20.20
N VAL B 285 9.43 -13.77 20.57
CA VAL B 285 10.29 -12.60 20.70
C VAL B 285 10.89 -12.17 19.35
N LEU B 286 11.04 -13.11 18.42
CA LEU B 286 11.66 -12.87 17.11
C LEU B 286 10.83 -12.03 16.11
N LEU B 287 9.54 -12.36 15.99
CA LEU B 287 8.64 -11.62 15.09
C LEU B 287 7.45 -11.03 15.83
N ILE B 288 7.01 -9.85 15.37
CA ILE B 288 5.86 -9.15 15.91
C ILE B 288 5.04 -8.52 14.77
N ALA B 291 6.42 -9.09 11.92
CA ALA B 291 7.59 -8.28 11.58
C ALA B 291 8.74 -8.49 12.59
N LEU B 292 9.97 -8.48 12.08
CA LEU B 292 11.17 -8.70 12.89
C LEU B 292 11.24 -7.70 14.03
N ASN B 293 11.41 -8.23 15.24
CA ASN B 293 11.54 -7.42 16.43
C ASN B 293 12.82 -6.60 16.40
N ALA B 294 12.69 -5.31 16.64
CA ALA B 294 13.83 -4.39 16.65
C ALA B 294 14.65 -4.58 17.92
N LYS B 295 13.97 -4.94 19.00
CA LYS B 295 14.59 -5.16 20.30
C LYS B 295 15.51 -6.37 20.31
N ILE B 296 15.23 -7.31 19.40
CA ILE B 296 16.04 -8.52 19.30
C ILE B 296 17.29 -8.31 18.46
N VAL B 297 17.25 -7.36 17.51
CA VAL B 297 18.31 -7.18 16.49
C VAL B 297 19.66 -6.83 17.13
N GLY B 298 20.73 -7.48 16.69
CA GLY B 298 22.07 -7.22 17.22
C GLY B 298 22.24 -7.38 18.72
N GLN B 299 21.49 -8.31 19.32
CA GLN B 299 21.63 -8.61 20.75
C GLN B 299 22.47 -9.88 20.95
N PRO B 300 23.16 -10.03 22.09
CA PRO B 300 23.79 -11.33 22.30
C PRO B 300 22.73 -12.43 22.53
N ALA B 301 23.11 -13.68 22.32
CA ALA B 301 22.21 -14.82 22.44
C ALA B 301 21.70 -14.88 23.86
N THR B 302 22.62 -14.67 24.79
CA THR B 302 22.36 -14.56 26.21
C THR B 302 21.15 -13.68 26.47
N ALA B 303 21.17 -12.47 25.90
CA ALA B 303 20.12 -11.45 26.13
C ALA B 303 18.80 -11.78 25.45
N ILE B 304 18.88 -12.35 24.25
CA ILE B 304 17.68 -12.77 23.54
C ILE B 304 16.95 -13.85 24.36
N ALA B 305 17.72 -14.81 24.84
CA ALA B 305 17.21 -15.89 25.69
C ALA B 305 16.50 -15.36 26.93
N GLU B 306 17.13 -14.40 27.62
CA GLU B 306 16.56 -13.74 28.78
C GLU B 306 15.25 -13.04 28.42
N MSE B 307 15.27 -12.20 27.40
CA MSE B 307 14.05 -11.54 26.88
C MSE B 307 12.88 -12.51 26.67
O MSE B 307 11.73 -12.15 26.90
CB MSE B 307 14.33 -10.84 25.53
CG MSE B 307 14.73 -9.38 25.58
SE MSE B 307 15.49 -8.73 23.87
CE MSE B 307 15.42 -6.82 24.30
N ALA B 308 13.21 -13.73 26.25
CA ALA B 308 12.24 -14.78 25.93
C ALA B 308 11.68 -15.53 27.14
N GLY B 309 12.41 -15.48 28.26
CA GLY B 309 12.06 -16.25 29.45
C GLY B 309 12.75 -17.60 29.44
N VAL B 310 13.75 -17.73 28.56
CA VAL B 310 14.53 -18.96 28.45
C VAL B 310 15.78 -18.84 29.31
N LYS B 311 16.03 -19.86 30.12
CA LYS B 311 17.25 -19.94 30.91
C LYS B 311 18.34 -20.63 30.09
N VAL B 312 19.45 -19.94 29.90
CA VAL B 312 20.50 -20.45 29.01
C VAL B 312 21.87 -20.28 29.70
N PRO B 313 22.80 -21.25 29.50
CA PRO B 313 24.13 -21.12 30.15
C PRO B 313 24.78 -19.78 29.84
N ALA B 314 25.38 -19.15 30.85
CA ALA B 314 25.94 -17.80 30.73
C ALA B 314 26.93 -17.59 29.57
N ASP B 315 27.39 -18.69 28.96
CA ASP B 315 28.40 -18.60 27.92
C ASP B 315 27.96 -19.09 26.55
N THR B 316 26.64 -19.19 26.32
CA THR B 316 26.18 -19.64 25.01
C THR B 316 26.33 -18.52 24.00
N LYS B 317 26.63 -18.91 22.77
CA LYS B 317 26.90 -17.93 21.73
C LYS B 317 25.74 -17.80 20.77
N VAL B 318 25.06 -18.92 20.52
CA VAL B 318 24.06 -19.01 19.46
C VAL B 318 22.90 -19.87 19.93
N LEU B 319 21.70 -19.46 19.56
CA LEU B 319 20.49 -20.26 19.79
C LEU B 319 20.09 -20.97 18.50
N ILE B 320 19.83 -22.26 18.59
CA ILE B 320 19.29 -23.01 17.45
C ILE B 320 17.81 -23.36 17.67
N GLY B 321 16.94 -22.91 16.76
CA GLY B 321 15.52 -23.25 16.83
C GLY B 321 15.08 -24.31 15.82
N GLU B 322 14.73 -25.49 16.30
CA GLU B 322 14.21 -26.53 15.41
C GLU B 322 12.87 -26.11 14.84
N GLY B 323 12.65 -26.44 13.57
CA GLY B 323 11.34 -26.22 12.98
C GLY B 323 10.39 -27.32 13.40
N LEU B 324 9.10 -26.97 13.46
CA LEU B 324 8.04 -27.94 13.68
C LEU B 324 7.89 -28.83 12.45
N GLY B 325 8.13 -28.27 11.28
CA GLY B 325 8.14 -29.02 10.04
C GLY B 325 9.12 -28.45 9.03
N LYS B 326 8.71 -28.42 7.77
CA LYS B 326 9.54 -27.84 6.72
C LYS B 326 9.52 -26.32 6.86
N VAL B 327 10.52 -25.68 6.28
CA VAL B 327 10.55 -24.22 6.16
C VAL B 327 9.17 -23.68 5.79
N SER B 328 8.70 -22.71 6.56
CA SER B 328 7.49 -21.97 6.22
C SER B 328 7.60 -20.53 6.71
N TYR B 329 6.84 -19.64 6.07
CA TYR B 329 6.77 -18.23 6.47
C TYR B 329 6.27 -18.04 7.91
N ASP B 330 5.49 -19.01 8.41
CA ASP B 330 4.91 -18.91 9.76
C ASP B 330 5.94 -19.10 10.89
N ASP B 331 7.18 -19.39 10.51
CA ASP B 331 8.25 -19.70 11.44
C ASP B 331 9.35 -18.65 11.39
N ALA B 332 9.49 -17.93 12.50
CA ALA B 332 10.49 -16.88 12.66
C ALA B 332 11.95 -17.37 12.58
N PHE B 333 12.15 -18.67 12.74
CA PHE B 333 13.47 -19.23 12.57
C PHE B 333 13.86 -19.41 11.11
N ALA B 334 12.87 -19.34 10.24
CA ALA B 334 13.07 -19.41 8.80
C ALA B 334 13.24 -18.02 8.21
N HIS B 335 13.00 -16.99 9.02
CA HIS B 335 13.21 -15.62 8.59
C HIS B 335 14.65 -15.20 8.89
N GLU B 336 15.04 -14.11 8.25
CA GLU B 336 16.24 -13.36 8.55
C GLU B 336 16.13 -12.74 9.95
N LYS B 337 17.11 -13.00 10.82
CA LYS B 337 16.98 -12.67 12.24
C LYS B 337 18.03 -11.69 12.76
N LEU B 338 19.08 -11.45 11.97
CA LEU B 338 20.10 -10.43 12.34
C LEU B 338 20.53 -10.48 13.82
N SER B 339 20.87 -11.68 14.28
CA SER B 339 21.23 -11.92 15.67
C SER B 339 21.86 -13.29 15.67
N PRO B 340 22.50 -13.68 16.79
CA PRO B 340 23.19 -14.97 16.82
C PRO B 340 22.20 -16.11 17.00
N THR B 341 21.36 -16.30 15.99
CA THR B 341 20.28 -17.25 16.01
C THR B 341 20.26 -18.01 14.69
N LEU B 342 19.81 -19.27 14.74
CA LEU B 342 19.68 -20.09 13.54
C LEU B 342 18.46 -20.96 13.65
N GLY B 343 17.71 -21.04 12.56
CA GLY B 343 16.72 -22.10 12.43
C GLY B 343 17.43 -23.38 12.05
N MSE B 344 16.81 -24.50 12.39
CA MSE B 344 17.25 -25.81 11.91
C MSE B 344 16.01 -26.52 11.39
O MSE B 344 15.02 -26.65 12.13
CB MSE B 344 17.92 -26.60 13.05
CG MSE B 344 18.28 -28.02 12.68
SE MSE B 344 19.28 -28.96 14.07
CE MSE B 344 18.29 -28.42 15.65
N PHE B 345 16.04 -26.94 10.12
CA PHE B 345 14.91 -27.66 9.52
C PHE B 345 15.29 -29.02 8.93
N ARG B 346 14.41 -29.99 9.16
CA ARG B 346 14.56 -31.38 8.68
C ARG B 346 14.14 -31.57 7.22
N ALA B 347 15.04 -32.12 6.40
CA ALA B 347 14.68 -32.52 5.04
C ALA B 347 14.69 -34.04 4.84
N ASP B 348 13.76 -34.50 4.01
CA ASP B 348 13.62 -35.92 3.70
C ASP B 348 14.88 -36.38 2.98
N ASN B 349 15.28 -35.57 2.01
CA ASN B 349 16.44 -35.85 1.21
C ASN B 349 16.98 -34.56 0.59
N PHE B 350 18.01 -34.73 -0.21
CA PHE B 350 18.71 -33.63 -0.78
C PHE B 350 17.77 -32.70 -1.51
N GLU B 351 17.01 -33.24 -2.46
CA GLU B 351 16.06 -32.48 -3.28
C GLU B 351 14.99 -31.77 -2.45
N ASP B 352 14.51 -32.43 -1.40
CA ASP B 352 13.59 -31.81 -0.44
C ASP B 352 14.28 -30.64 0.31
N ALA B 353 15.57 -30.77 0.58
CA ALA B 353 16.28 -29.70 1.26
C ALA B 353 16.41 -28.48 0.37
N VAL B 354 16.68 -28.72 -0.91
CA VAL B 354 16.79 -27.63 -1.87
C VAL B 354 15.46 -26.89 -1.96
N ALA B 355 14.36 -27.64 -2.07
CA ALA B 355 13.03 -27.03 -2.19
C ALA B 355 12.76 -26.08 -1.03
N GLN B 356 13.19 -26.46 0.16
CA GLN B 356 12.99 -25.63 1.36
C GLN B 356 13.86 -24.39 1.38
N ALA B 357 15.07 -24.52 0.85
CA ALA B 357 15.99 -23.41 0.68
C ALA B 357 15.39 -22.41 -0.30
N VAL B 358 14.78 -22.90 -1.35
CA VAL B 358 14.00 -22.10 -2.25
C VAL B 358 12.91 -21.29 -1.55
N THR B 359 12.15 -21.93 -0.70
CA THR B 359 11.23 -21.19 0.10
C THR B 359 11.93 -20.12 0.96
N MSE B 360 13.07 -20.44 1.55
CA MSE B 360 13.73 -19.47 2.39
C MSE B 360 14.05 -18.21 1.58
O MSE B 360 13.67 -17.14 1.96
CB MSE B 360 14.98 -20.06 3.05
CG MSE B 360 14.72 -20.77 4.37
SE MSE B 360 16.14 -20.91 5.60
CE MSE B 360 16.28 -19.16 6.11
N VAL B 361 14.77 -18.37 0.50
CA VAL B 361 15.15 -17.27 -0.39
C VAL B 361 13.93 -16.43 -0.76
N GLU B 362 12.81 -17.08 -1.07
CA GLU B 362 11.57 -16.39 -1.42
C GLU B 362 10.98 -15.60 -0.24
N ILE B 363 11.16 -16.13 0.97
CA ILE B 363 10.73 -15.44 2.19
C ILE B 363 11.50 -14.13 2.39
N GLY B 364 12.80 -14.15 2.10
CA GLY B 364 13.63 -12.94 2.15
C GLY B 364 13.39 -11.95 1.02
N GLY B 365 12.60 -12.35 0.02
CA GLY B 365 12.36 -11.53 -1.17
C GLY B 365 13.52 -11.66 -2.14
N ILE B 366 14.29 -10.58 -2.28
CA ILE B 366 15.49 -10.56 -3.11
C ILE B 366 16.48 -11.64 -2.65
N GLY B 367 16.95 -12.43 -3.62
CA GLY B 367 17.86 -13.54 -3.37
C GLY B 367 19.32 -13.17 -3.52
N HIS B 368 20.07 -13.30 -2.41
CA HIS B 368 21.42 -12.77 -2.31
C HIS B 368 22.47 -13.88 -2.28
N THR B 369 22.43 -14.70 -1.25
CA THR B 369 23.36 -15.84 -1.17
C THR B 369 22.72 -17.11 -0.61
N SER B 370 23.25 -18.26 -1.02
CA SER B 370 22.85 -19.55 -0.45
C SER B 370 24.04 -20.49 -0.36
N GLY B 371 23.94 -21.46 0.54
CA GLY B 371 25.09 -22.33 0.80
C GLY B 371 24.76 -23.80 0.77
N LEU B 372 25.75 -24.61 0.45
CA LEU B 372 25.55 -26.06 0.42
C LEU B 372 26.74 -26.80 0.97
N TYR B 373 26.48 -27.74 1.87
CA TYR B 373 27.51 -28.65 2.38
C TYR B 373 27.24 -30.07 1.86
N THR B 374 28.17 -30.56 1.03
CA THR B 374 28.14 -31.86 0.35
C THR B 374 29.55 -32.37 0.15
N ASN B 375 29.66 -33.63 -0.27
CA ASN B 375 30.94 -34.14 -0.71
C ASN B 375 31.22 -33.62 -2.12
N GLN B 376 32.19 -32.73 -2.23
CA GLN B 376 32.52 -32.03 -3.47
C GLN B 376 33.00 -32.93 -4.60
N ASP B 377 33.75 -33.97 -4.23
CA ASP B 377 34.34 -34.90 -5.20
C ASP B 377 33.32 -35.82 -5.84
N VAL B 378 32.34 -36.27 -5.07
CA VAL B 378 31.38 -37.29 -5.51
C VAL B 378 30.09 -36.68 -6.07
N ASN B 379 29.64 -35.58 -5.47
CA ASN B 379 28.32 -35.00 -5.74
C ASN B 379 28.30 -33.78 -6.68
N ALA B 380 29.16 -33.80 -7.70
CA ALA B 380 29.13 -32.77 -8.74
C ALA B 380 27.72 -32.64 -9.34
N ASP B 381 27.00 -33.78 -9.40
CA ASP B 381 25.60 -33.78 -9.83
C ASP B 381 24.77 -32.81 -8.97
N ARG B 382 24.95 -32.88 -7.65
CA ARG B 382 24.18 -32.08 -6.70
C ARG B 382 24.54 -30.60 -6.71
N ILE B 383 25.82 -30.30 -6.91
CA ILE B 383 26.28 -28.92 -6.90
C ILE B 383 25.61 -28.14 -8.02
N ARG B 384 25.61 -28.71 -9.23
CA ARG B 384 25.01 -28.09 -10.39
C ARG B 384 23.49 -27.98 -10.26
N TYR B 385 22.89 -28.95 -9.58
CA TYR B 385 21.45 -28.92 -9.32
C TYR B 385 21.13 -27.80 -8.34
N PHE B 386 22.05 -27.58 -7.40
CA PHE B 386 21.90 -26.52 -6.42
C PHE B 386 22.14 -25.19 -7.14
N GLY B 387 23.17 -25.16 -7.98
CA GLY B 387 23.45 -24.00 -8.80
C GLY B 387 22.21 -23.49 -9.49
N ASP B 388 21.49 -24.40 -10.15
CA ASP B 388 20.33 -24.09 -10.99
C ASP B 388 19.05 -23.70 -10.26
N LYS B 389 18.87 -24.19 -9.04
CA LYS B 389 17.60 -23.98 -8.34
C LYS B 389 17.64 -22.76 -7.42
N MSE B 390 18.84 -22.33 -7.07
CA MSE B 390 18.99 -21.18 -6.19
C MSE B 390 18.97 -19.90 -7.00
O MSE B 390 19.79 -19.71 -7.92
CB MSE B 390 20.27 -21.28 -5.36
CG MSE B 390 20.30 -22.47 -4.42
SE MSE B 390 18.59 -22.70 -3.44
CE MSE B 390 18.91 -21.40 -2.07
N LYS B 391 18.02 -19.04 -6.71
CA LYS B 391 17.95 -17.73 -7.35
C LYS B 391 18.75 -16.75 -6.49
N THR B 392 20.04 -17.05 -6.33
CA THR B 392 20.91 -16.22 -5.49
C THR B 392 22.18 -15.89 -6.27
N ALA B 393 22.67 -14.67 -6.06
CA ALA B 393 23.84 -14.14 -6.78
C ALA B 393 25.11 -14.90 -6.39
N ARG B 394 25.25 -15.19 -5.10
CA ARG B 394 26.40 -15.95 -4.61
C ARG B 394 25.96 -17.35 -4.16
N ILE B 395 26.65 -18.37 -4.65
CA ILE B 395 26.43 -19.74 -4.22
C ILE B 395 27.72 -20.30 -3.63
N LEU B 396 27.64 -20.71 -2.36
CA LEU B 396 28.80 -21.20 -1.62
C LEU B 396 28.69 -22.69 -1.32
N ILE B 397 29.69 -23.45 -1.75
CA ILE B 397 29.73 -24.89 -1.56
C ILE B 397 30.85 -25.22 -0.58
N ASN B 398 30.47 -25.75 0.57
CA ASN B 398 31.42 -26.17 1.62
C ASN B 398 32.22 -25.00 2.21
N ILE B 399 31.62 -23.82 2.22
CA ILE B 399 32.33 -22.59 2.53
C ILE B 399 31.37 -21.63 3.21
N PRO B 400 31.79 -21.05 4.34
CA PRO B 400 30.96 -20.04 4.98
C PRO B 400 30.86 -18.77 4.12
N THR B 401 30.16 -17.77 4.63
CA THR B 401 30.07 -16.48 3.96
C THR B 401 31.23 -15.56 4.38
N THR B 402 32.01 -16.04 5.36
CA THR B 402 32.96 -15.22 6.12
C THR B 402 34.43 -15.45 5.76
N HIS B 403 34.70 -16.49 4.97
CA HIS B 403 36.06 -16.98 4.74
C HIS B 403 37.02 -15.92 4.20
N ASN B 433 31.23 -4.42 -3.16
CA ASN B 433 30.69 -4.49 -4.52
C ASN B 433 30.37 -3.08 -5.04
N VAL B 434 29.64 -2.30 -4.24
CA VAL B 434 29.36 -0.89 -4.54
C VAL B 434 30.65 -0.09 -4.42
N GLY B 435 31.04 0.56 -5.51
CA GLY B 435 32.31 1.26 -5.57
C GLY B 435 32.26 2.49 -6.46
N PRO B 436 33.37 3.25 -6.50
CA PRO B 436 33.46 4.48 -7.28
C PRO B 436 32.91 4.37 -8.71
N LYS B 437 32.97 3.19 -9.32
CA LYS B 437 32.48 3.02 -10.70
C LYS B 437 30.95 3.13 -10.84
N HIS B 438 30.23 2.91 -9.75
CA HIS B 438 28.79 2.97 -9.77
C HIS B 438 28.32 4.41 -9.62
N LEU B 439 29.24 5.29 -9.20
CA LEU B 439 28.87 6.69 -8.92
C LEU B 439 29.28 7.65 -10.03
N ILE B 440 29.59 7.12 -11.20
CA ILE B 440 30.17 7.92 -12.25
C ILE B 440 29.55 7.62 -13.62
N ASN B 441 29.02 8.64 -14.28
CA ASN B 441 28.63 8.49 -15.69
C ASN B 441 29.84 8.49 -16.64
N LYS B 442 29.83 7.58 -17.61
CA LYS B 442 30.82 7.62 -18.67
C LYS B 442 30.23 8.36 -19.86
N LYS B 443 30.99 9.31 -20.40
CA LYS B 443 30.57 10.06 -21.56
C LYS B 443 31.52 9.73 -22.70
N THR B 444 30.94 9.46 -23.87
CA THR B 444 31.70 9.09 -25.04
C THR B 444 31.71 10.28 -25.99
N VAL B 445 32.90 10.77 -26.28
CA VAL B 445 33.05 11.85 -27.25
C VAL B 445 33.53 11.24 -28.56
N ALA B 446 32.86 11.56 -29.66
CA ALA B 446 33.25 11.03 -30.95
C ALA B 446 33.36 12.16 -31.94
N LYS B 447 34.41 12.09 -32.73
CA LYS B 447 34.92 13.18 -33.51
C LYS B 447 35.10 12.60 -34.91
N ARG B 448 35.12 13.45 -35.93
CA ARG B 448 35.35 12.97 -37.28
C ARG B 448 36.77 12.38 -37.30
N ALA B 449 36.90 11.15 -37.79
CA ALA B 449 38.16 10.40 -37.68
C ALA B 449 38.62 9.74 -38.98
N PRO C 2 -7.50 -13.28 -24.30
CA PRO C 2 -7.84 -11.86 -24.07
C PRO C 2 -7.43 -11.36 -22.68
N VAL C 3 -6.67 -10.27 -22.65
CA VAL C 3 -6.23 -9.67 -21.38
C VAL C 3 -6.76 -8.25 -21.28
N THR C 4 -7.92 -8.13 -20.65
CA THR C 4 -8.65 -6.86 -20.58
C THR C 4 -8.96 -6.42 -19.15
N ASN C 5 -8.64 -7.25 -18.16
CA ASN C 5 -8.86 -6.90 -16.75
C ASN C 5 -7.92 -7.59 -15.79
N MSE C 6 -7.97 -7.16 -14.52
CA MSE C 6 -7.11 -7.68 -13.45
C MSE C 6 -6.98 -9.21 -13.42
O MSE C 6 -5.88 -9.74 -13.28
CB MSE C 6 -7.61 -7.22 -12.08
CG MSE C 6 -6.99 -5.92 -11.56
SE MSE C 6 -5.08 -5.69 -11.95
CE MSE C 6 -5.29 -4.21 -13.19
N ALA C 7 -8.11 -9.90 -13.57
CA ALA C 7 -8.16 -11.36 -13.45
C ALA C 7 -7.45 -12.06 -14.62
N GLU C 8 -7.64 -11.54 -15.82
CA GLU C 8 -7.06 -12.10 -17.04
C GLU C 8 -5.56 -11.86 -17.07
N LEU C 9 -5.17 -10.67 -16.62
CA LEU C 9 -3.78 -10.28 -16.47
C LEU C 9 -3.02 -11.22 -15.52
N ASP C 10 -3.61 -11.48 -14.36
CA ASP C 10 -2.99 -12.35 -13.35
C ASP C 10 -2.84 -13.79 -13.81
N ALA C 11 -3.88 -14.30 -14.48
CA ALA C 11 -3.84 -15.63 -15.13
C ALA C 11 -2.85 -15.69 -16.29
N MSE C 12 -2.74 -14.61 -17.06
CA MSE C 12 -1.79 -14.55 -18.17
C MSE C 12 -0.37 -14.51 -17.64
O MSE C 12 0.50 -15.19 -18.16
CB MSE C 12 -2.08 -13.37 -19.10
CG MSE C 12 -1.15 -13.29 -20.34
SE MSE C 12 0.35 -12.06 -20.00
CE MSE C 12 -0.74 -10.42 -19.90
N ILE C 13 -0.14 -13.72 -16.59
CA ILE C 13 1.15 -13.68 -15.94
C ILE C 13 1.57 -15.07 -15.46
N ALA C 14 0.65 -15.74 -14.75
CA ALA C 14 0.83 -17.13 -14.35
C ALA C 14 1.19 -18.09 -15.50
N ARG C 15 0.46 -18.00 -16.61
CA ARG C 15 0.78 -18.79 -17.80
C ARG C 15 2.18 -18.52 -18.37
N VAL C 16 2.59 -17.25 -18.36
CA VAL C 16 3.93 -16.86 -18.79
C VAL C 16 4.95 -17.34 -17.77
N LYS C 17 4.61 -17.21 -16.48
CA LYS C 17 5.49 -17.72 -15.41
C LYS C 17 5.85 -19.19 -15.63
N LYS C 18 4.84 -20.03 -15.86
CA LYS C 18 5.07 -21.46 -16.16
C LYS C 18 5.92 -21.66 -17.42
N ALA C 19 5.58 -20.95 -18.50
CA ALA C 19 6.32 -21.04 -19.76
C ALA C 19 7.81 -20.76 -19.54
N GLN C 20 8.10 -19.65 -18.86
CA GLN C 20 9.48 -19.31 -18.50
C GLN C 20 10.12 -20.40 -17.63
N GLU C 21 9.34 -20.96 -16.70
CA GLU C 21 9.83 -22.08 -15.91
C GLU C 21 10.40 -23.21 -16.78
N GLU C 22 9.65 -23.69 -17.78
CA GLU C 22 10.21 -24.68 -18.73
C GLU C 22 11.32 -24.11 -19.63
N PHE C 23 11.17 -22.87 -20.10
CA PHE C 23 12.12 -22.29 -21.02
C PHE C 23 13.53 -22.28 -20.44
N ALA C 24 13.62 -22.07 -19.13
CA ALA C 24 14.88 -22.04 -18.39
C ALA C 24 15.77 -23.27 -18.58
N THR C 25 15.15 -24.43 -18.83
CA THR C 25 15.92 -25.68 -18.95
C THR C 25 16.36 -26.05 -20.39
N TYR C 26 16.02 -25.21 -21.36
CA TYR C 26 16.42 -25.42 -22.75
C TYR C 26 17.93 -25.27 -22.93
N SER C 27 18.52 -26.01 -23.84
CA SER C 27 19.96 -25.90 -24.08
C SER C 27 20.21 -24.78 -25.05
N GLN C 28 21.45 -24.29 -25.11
CA GLN C 28 21.81 -23.24 -26.06
C GLN C 28 21.34 -23.56 -27.47
N GLU C 29 21.29 -24.83 -27.83
CA GLU C 29 20.97 -25.20 -29.22
C GLU C 29 19.46 -25.18 -29.53
N GLN C 30 18.65 -25.57 -28.56
CA GLN C 30 17.20 -25.42 -28.70
C GLN C 30 16.97 -23.94 -28.84
N VAL C 31 17.55 -23.17 -27.92
CA VAL C 31 17.34 -21.74 -27.82
C VAL C 31 17.78 -21.07 -29.10
N ASP C 32 18.94 -21.48 -29.61
CA ASP C 32 19.47 -20.88 -30.83
C ASP C 32 18.52 -21.14 -32.00
N LYS C 33 17.97 -22.35 -32.07
CA LYS C 33 17.03 -22.72 -33.12
C LYS C 33 15.73 -21.89 -33.05
N ILE C 34 15.25 -21.64 -31.84
CA ILE C 34 14.11 -20.73 -31.71
C ILE C 34 14.46 -19.32 -32.22
N PHE C 35 15.66 -18.86 -31.85
CA PHE C 35 16.10 -17.51 -32.09
C PHE C 35 16.10 -17.20 -33.57
N ARG C 36 16.71 -18.12 -34.34
CA ARG C 36 16.79 -17.98 -35.79
C ARG C 36 15.42 -18.01 -36.42
N ALA C 37 14.58 -18.95 -35.99
CA ALA C 37 13.24 -19.11 -36.60
C ALA C 37 12.34 -17.90 -36.34
N ALA C 38 12.46 -17.30 -35.15
CA ALA C 38 11.59 -16.15 -34.83
C ALA C 38 12.11 -14.90 -35.53
N SER C 39 13.43 -14.78 -35.62
CA SER C 39 14.04 -13.64 -36.26
C SER C 39 13.68 -13.66 -37.76
N LEU C 40 13.73 -14.85 -38.35
CA LEU C 40 13.41 -15.06 -39.77
C LEU C 40 11.96 -14.71 -40.05
N ALA C 41 11.05 -15.24 -39.24
CA ALA C 41 9.63 -14.95 -39.39
C ALA C 41 9.39 -13.45 -39.28
N ALA C 42 10.03 -12.83 -38.30
CA ALA C 42 9.83 -11.42 -38.07
C ALA C 42 10.29 -10.65 -39.31
N ASN C 43 11.51 -10.92 -39.77
CA ASN C 43 12.01 -10.28 -40.99
C ASN C 43 11.11 -10.43 -42.22
N GLN C 44 10.60 -11.63 -42.44
CA GLN C 44 9.69 -11.92 -43.57
C GLN C 44 8.34 -11.17 -43.47
N ALA C 45 7.91 -10.86 -42.25
CA ALA C 45 6.71 -10.03 -42.01
C ALA C 45 7.01 -8.49 -41.87
N ARG C 46 8.24 -8.09 -42.21
CA ARG C 46 8.67 -6.69 -42.40
C ARG C 46 7.54 -5.75 -42.87
N ILE C 47 7.00 -6.10 -44.04
CA ILE C 47 6.09 -5.22 -44.78
C ILE C 47 4.67 -5.22 -44.19
N PRO C 48 4.04 -6.39 -43.99
CA PRO C 48 2.72 -6.37 -43.37
C PRO C 48 2.67 -5.67 -42.01
N LEU C 49 3.64 -5.96 -41.14
CA LEU C 49 3.77 -5.25 -39.86
C LEU C 49 3.91 -3.71 -39.96
N ALA C 50 4.71 -3.28 -40.94
CA ALA C 50 4.92 -1.85 -41.23
C ALA C 50 3.65 -1.20 -41.76
N GLN C 51 2.96 -1.89 -42.65
CA GLN C 51 1.67 -1.42 -43.18
C GLN C 51 0.64 -1.28 -42.08
N GLN C 52 0.51 -2.30 -41.23
CA GLN C 52 -0.47 -2.27 -40.13
C GLN C 52 -0.18 -1.19 -39.09
N ALA C 53 1.10 -0.92 -38.82
CA ALA C 53 1.50 0.12 -37.87
C ALA C 53 1.11 1.56 -38.31
N VAL C 54 1.39 1.87 -39.58
CA VAL C 54 1.04 3.18 -40.15
C VAL C 54 -0.47 3.38 -40.22
N GLU C 55 -1.20 2.36 -40.65
CA GLU C 55 -2.66 2.46 -40.71
C GLU C 55 -3.21 2.68 -39.31
N GLU C 56 -2.81 1.84 -38.35
CA GLU C 56 -3.38 1.97 -37.00
C GLU C 56 -2.97 3.25 -36.25
N SER C 57 -1.67 3.57 -36.30
CA SER C 57 -1.16 4.74 -35.58
C SER C 57 -1.53 6.07 -36.24
N GLY C 58 -1.75 6.03 -37.54
CA GLY C 58 -1.95 7.25 -38.34
C GLY C 58 -0.74 8.17 -38.35
N MSE C 59 0.45 7.59 -38.45
CA MSE C 59 1.73 8.33 -38.45
C MSE C 59 2.85 7.48 -39.05
O MSE C 59 2.79 6.25 -39.03
CB MSE C 59 2.11 8.74 -37.01
CG MSE C 59 2.50 7.58 -36.11
SE MSE C 59 3.50 8.06 -34.50
CE MSE C 59 2.13 8.98 -33.49
N GLY C 60 3.88 8.13 -39.59
CA GLY C 60 5.04 7.42 -40.12
C GLY C 60 5.06 7.16 -41.62
N ILE C 61 6.11 6.49 -42.09
CA ILE C 61 6.26 6.16 -43.49
C ILE C 61 6.48 4.65 -43.59
N VAL C 62 5.55 3.96 -44.26
CA VAL C 62 5.56 2.49 -44.35
C VAL C 62 6.94 1.97 -44.69
N GLU C 63 7.52 2.55 -45.72
CA GLU C 63 8.78 2.02 -46.23
C GLU C 63 9.99 2.25 -45.33
N ASP C 64 9.91 3.25 -44.45
CA ASP C 64 10.94 3.44 -43.41
C ASP C 64 10.73 2.51 -42.20
N LYS C 65 9.47 2.19 -41.92
CA LYS C 65 9.14 1.24 -40.87
C LYS C 65 9.53 -0.19 -41.32
N VAL C 66 9.59 -0.38 -42.63
CA VAL C 66 10.02 -1.66 -43.22
C VAL C 66 11.50 -1.85 -42.96
N ILE C 67 12.24 -0.75 -42.99
CA ILE C 67 13.66 -0.74 -42.67
C ILE C 67 13.86 -0.97 -41.17
N LYS C 68 13.09 -0.29 -40.32
CA LYS C 68 13.16 -0.50 -38.89
C LYS C 68 12.91 -1.96 -38.47
N ASN C 69 11.84 -2.55 -39.01
CA ASN C 69 11.51 -3.96 -38.77
C ASN C 69 12.63 -4.90 -39.20
N HIS C 70 13.21 -4.64 -40.37
CA HIS C 70 14.35 -5.44 -40.83
C HIS C 70 15.53 -5.32 -39.89
N PHE C 71 15.73 -4.14 -39.27
CA PHE C 71 16.76 -3.95 -38.24
C PHE C 71 16.46 -4.61 -36.88
N ALA C 72 15.22 -4.59 -36.45
CA ALA C 72 14.86 -5.19 -35.18
C ALA C 72 14.84 -6.74 -35.27
N SER C 73 14.98 -7.29 -36.49
CA SER C 73 14.93 -8.73 -36.65
C SER C 73 16.21 -9.31 -37.23
N GLU C 74 16.45 -9.11 -38.53
CA GLU C 74 17.61 -9.70 -39.16
CA GLU C 74 17.61 -9.67 -39.21
C GLU C 74 18.91 -9.14 -38.58
N PHE C 75 18.96 -7.83 -38.32
CA PHE C 75 20.17 -7.21 -37.69
C PHE C 75 20.45 -7.78 -36.30
N ILE C 76 19.42 -7.84 -35.46
CA ILE C 76 19.53 -8.34 -34.10
C ILE C 76 19.96 -9.80 -34.07
N TYR C 77 19.41 -10.60 -34.98
CA TYR C 77 19.83 -11.99 -35.13
C TYR C 77 21.35 -12.09 -35.42
N ASN C 78 21.83 -11.37 -36.43
CA ASN C 78 23.23 -11.47 -36.80
C ASN C 78 24.18 -11.05 -35.68
N LYS C 79 23.80 -9.98 -34.98
CA LYS C 79 24.58 -9.46 -33.89
C LYS C 79 24.75 -10.48 -32.77
N TYR C 80 23.70 -11.23 -32.46
CA TYR C 80 23.64 -12.05 -31.24
C TYR C 80 23.47 -13.55 -31.44
N LYS C 81 23.56 -14.04 -32.67
CA LYS C 81 23.31 -15.44 -32.92
C LYS C 81 24.25 -16.39 -32.16
N ASP C 82 25.46 -15.91 -31.85
CA ASP C 82 26.52 -16.72 -31.24
C ASP C 82 26.90 -16.25 -29.83
N GLU C 83 26.19 -15.27 -29.29
CA GLU C 83 26.50 -14.84 -27.93
C GLU C 83 26.06 -15.92 -26.95
N GLN C 84 26.97 -16.36 -26.08
CA GLN C 84 26.59 -17.29 -25.02
C GLN C 84 25.70 -16.60 -24.02
N THR C 85 24.72 -17.34 -23.55
CA THR C 85 23.57 -16.79 -22.85
C THR C 85 23.05 -17.78 -21.81
N CYS C 86 23.57 -19.01 -21.85
CA CYS C 86 23.17 -20.09 -20.95
C CYS C 86 24.39 -20.75 -20.34
N GLY C 87 24.22 -21.31 -19.14
CA GLY C 87 25.20 -22.23 -18.57
C GLY C 87 26.43 -21.56 -18.02
N ILE C 88 27.60 -22.15 -18.30
CA ILE C 88 28.85 -21.67 -17.71
C ILE C 88 29.60 -20.67 -18.60
N LEU C 89 29.76 -19.45 -18.07
CA LEU C 89 30.37 -18.34 -18.76
C LEU C 89 31.85 -18.18 -18.43
N GLU C 90 32.21 -18.52 -17.20
CA GLU C 90 33.58 -18.49 -16.70
C GLU C 90 33.76 -19.66 -15.76
N GLU C 91 34.95 -20.25 -15.76
CA GLU C 91 35.26 -21.37 -14.90
C GLU C 91 36.72 -21.34 -14.51
N ASP C 92 37.00 -21.50 -13.23
CA ASP C 92 38.37 -21.58 -12.73
C ASP C 92 38.47 -22.63 -11.63
N ASP C 93 38.67 -23.88 -12.04
CA ASP C 93 38.81 -24.99 -11.11
C ASP C 93 40.24 -25.04 -10.53
N GLY C 96 38.56 -22.01 -6.91
CA GLY C 96 37.49 -22.95 -7.25
C GLY C 96 36.17 -22.23 -7.48
N THR C 97 36.16 -21.34 -8.46
CA THR C 97 35.01 -20.47 -8.71
C THR C 97 34.46 -20.67 -10.11
N MSE C 98 33.18 -20.36 -10.29
CA MSE C 98 32.55 -20.33 -11.61
C MSE C 98 31.40 -19.32 -11.66
O MSE C 98 30.84 -18.94 -10.64
CB MSE C 98 32.09 -21.72 -12.05
CG MSE C 98 30.70 -22.12 -11.61
SE MSE C 98 30.11 -23.79 -12.40
CE MSE C 98 31.46 -25.00 -11.71
N THR C 99 31.08 -18.89 -12.88
CA THR C 99 29.96 -17.99 -13.12
C THR C 99 28.95 -18.66 -14.04
N ILE C 100 27.66 -18.52 -13.68
CA ILE C 100 26.57 -19.14 -14.40
C ILE C 100 25.56 -18.09 -14.81
N ALA C 101 25.14 -18.14 -16.08
CA ALA C 101 24.06 -17.32 -16.60
C ALA C 101 22.74 -17.77 -16.02
N GLU C 102 21.84 -16.83 -15.80
CA GLU C 102 20.52 -17.17 -15.33
C GLU C 102 19.51 -16.17 -15.89
N PRO C 103 18.46 -16.67 -16.55
CA PRO C 103 17.43 -15.72 -16.91
C PRO C 103 17.00 -14.92 -15.69
N VAL C 104 16.69 -13.65 -15.93
CA VAL C 104 16.10 -12.75 -14.95
C VAL C 104 14.70 -13.23 -14.50
N GLY C 105 13.91 -13.79 -15.42
CA GLY C 105 12.52 -14.21 -15.12
C GLY C 105 11.50 -13.74 -16.15
N ILE C 106 10.50 -12.98 -15.72
CA ILE C 106 9.57 -12.35 -16.64
C ILE C 106 9.85 -10.87 -16.77
N ILE C 107 9.83 -10.39 -18.01
CA ILE C 107 10.08 -8.99 -18.29
C ILE C 107 8.78 -8.30 -18.67
N CYS C 108 8.64 -7.06 -18.21
CA CYS C 108 7.55 -6.22 -18.60
C CYS C 108 8.09 -5.25 -19.63
N GLY C 109 7.56 -5.33 -20.85
CA GLY C 109 8.01 -4.49 -21.95
C GLY C 109 6.96 -3.45 -22.23
N ILE C 110 7.30 -2.19 -21.95
CA ILE C 110 6.42 -1.09 -22.26
C ILE C 110 6.81 -0.49 -23.63
N VAL C 111 5.80 -0.31 -24.48
CA VAL C 111 6.02 0.05 -25.89
C VAL C 111 5.28 1.35 -26.22
N PRO C 112 5.97 2.29 -26.90
CA PRO C 112 5.30 3.56 -27.22
C PRO C 112 4.50 3.48 -28.52
N THR C 113 3.85 4.56 -28.91
CA THR C 113 3.10 4.64 -30.16
C THR C 113 3.98 4.84 -31.42
N THR C 114 5.24 5.24 -31.21
CA THR C 114 6.09 5.68 -32.32
C THR C 114 6.80 4.56 -33.09
N ASN C 115 7.22 3.53 -32.35
CA ASN C 115 7.95 2.41 -32.91
C ASN C 115 7.33 1.09 -32.46
N PRO C 116 6.02 0.92 -32.73
CA PRO C 116 5.28 -0.14 -32.10
C PRO C 116 5.65 -1.59 -32.49
N THR C 117 6.12 -1.81 -33.72
CA THR C 117 6.35 -3.19 -34.12
C THR C 117 7.80 -3.56 -34.03
N SER C 118 8.68 -2.62 -34.31
CA SER C 118 10.10 -2.86 -34.26
C SER C 118 10.58 -3.07 -32.84
N THR C 119 9.93 -2.41 -31.92
CA THR C 119 10.25 -2.52 -30.52
C THR C 119 9.82 -3.86 -30.01
N ALA C 120 8.64 -4.25 -30.40
CA ALA C 120 8.11 -5.53 -30.01
C ALA C 120 8.94 -6.70 -30.53
N ILE C 121 9.35 -6.59 -31.78
CA ILE C 121 10.21 -7.61 -32.42
C ILE C 121 11.56 -7.71 -31.68
N PHE C 122 12.28 -6.59 -31.60
CA PHE C 122 13.53 -6.45 -30.83
C PHE C 122 13.44 -7.08 -29.44
N LYS C 123 12.52 -6.58 -28.63
CA LYS C 123 12.45 -7.02 -27.26
C LYS C 123 12.17 -8.50 -27.17
N SER C 124 11.24 -8.98 -28.01
CA SER C 124 10.90 -10.39 -28.08
C SER C 124 12.07 -11.27 -28.42
N LEU C 125 12.84 -10.89 -29.44
CA LEU C 125 13.91 -11.72 -29.90
C LEU C 125 14.95 -11.89 -28.82
N ILE C 126 15.40 -10.80 -28.20
CA ILE C 126 16.49 -10.87 -27.22
C ILE C 126 16.06 -11.56 -25.91
N SER C 127 14.77 -11.53 -25.63
CA SER C 127 14.22 -12.17 -24.44
C SER C 127 14.15 -13.67 -24.62
N LEU C 128 13.85 -14.09 -25.85
CA LEU C 128 13.91 -15.49 -26.26
C LEU C 128 15.36 -15.96 -26.24
N LYS C 129 16.24 -15.15 -26.78
CA LYS C 129 17.66 -15.50 -26.83
C LYS C 129 18.16 -15.81 -25.42
N THR C 130 17.50 -15.25 -24.41
CA THR C 130 17.97 -15.31 -23.02
C THR C 130 17.13 -16.14 -22.07
N ARG C 131 16.23 -16.95 -22.62
CA ARG C 131 15.36 -17.83 -21.83
C ARG C 131 14.47 -17.06 -20.87
N ASN C 132 14.13 -15.83 -21.22
CA ASN C 132 13.14 -15.08 -20.43
C ASN C 132 11.74 -15.21 -20.99
N GLY C 133 10.73 -14.90 -20.17
CA GLY C 133 9.39 -14.58 -20.68
C GLY C 133 9.28 -13.07 -20.78
N ILE C 134 8.46 -12.56 -21.69
CA ILE C 134 8.28 -11.10 -21.80
C ILE C 134 6.81 -10.80 -22.01
N ILE C 135 6.29 -9.81 -21.30
CA ILE C 135 4.90 -9.40 -21.41
C ILE C 135 4.84 -7.94 -21.84
N PHE C 136 4.27 -7.70 -23.02
CA PHE C 136 4.18 -6.34 -23.56
C PHE C 136 3.00 -5.56 -23.01
N SER C 137 3.28 -4.31 -22.66
CA SER C 137 2.27 -3.32 -22.36
C SER C 137 2.28 -2.20 -23.40
N PRO C 138 1.48 -2.37 -24.47
CA PRO C 138 1.46 -1.40 -25.58
C PRO C 138 0.72 -0.10 -25.25
N HIS C 139 1.08 0.95 -25.97
CA HIS C 139 0.33 2.18 -25.96
C HIS C 139 -0.99 1.90 -26.70
N PRO C 140 -2.10 2.48 -26.21
CA PRO C 140 -3.43 2.26 -26.78
C PRO C 140 -3.55 2.62 -28.26
N ARG C 141 -2.85 3.68 -28.67
CA ARG C 141 -2.92 4.19 -30.06
C ARG C 141 -2.43 3.19 -31.12
N ALA C 142 -1.53 2.32 -30.70
CA ALA C 142 -0.95 1.35 -31.63
C ALA C 142 -0.93 -0.07 -31.05
N LYS C 143 -1.87 -0.38 -30.17
CA LYS C 143 -1.86 -1.68 -29.48
C LYS C 143 -1.99 -2.93 -30.37
N ASN C 144 -2.73 -2.83 -31.48
CA ASN C 144 -2.85 -4.02 -32.35
C ASN C 144 -1.54 -4.30 -33.07
N SER C 145 -0.87 -3.22 -33.47
CA SER C 145 0.39 -3.33 -34.17
C SER C 145 1.43 -3.98 -33.27
N THR C 146 1.50 -3.58 -32.01
CA THR C 146 2.53 -4.16 -31.15
C THR C 146 2.18 -5.60 -30.80
N ASN C 147 0.94 -5.84 -30.35
CA ASN C 147 0.45 -7.19 -30.02
C ASN C 147 0.52 -8.20 -31.19
N ASP C 148 0.18 -7.79 -32.41
CA ASP C 148 0.35 -8.70 -33.57
C ASP C 148 1.81 -8.97 -33.96
N ALA C 149 2.67 -7.99 -33.75
CA ALA C 149 4.10 -8.21 -33.92
C ALA C 149 4.59 -9.23 -32.90
N ALA C 150 4.05 -9.14 -31.68
CA ALA C 150 4.38 -10.07 -30.61
C ALA C 150 3.84 -11.45 -30.91
N LYS C 151 2.59 -11.52 -31.36
CA LYS C 151 1.95 -12.78 -31.74
C LYS C 151 2.73 -13.51 -32.81
N LEU C 152 3.12 -12.79 -33.86
CA LEU C 152 3.87 -13.37 -34.98
C LEU C 152 5.20 -14.00 -34.55
N VAL C 153 5.88 -13.35 -33.59
CA VAL C 153 7.17 -13.81 -33.11
C VAL C 153 6.97 -15.04 -32.22
N LEU C 154 6.04 -14.93 -31.27
CA LEU C 154 5.68 -16.02 -30.37
C LEU C 154 5.29 -17.26 -31.19
N ASP C 155 4.36 -17.11 -32.13
CA ASP C 155 3.89 -18.25 -32.93
C ASP C 155 5.05 -18.93 -33.67
N ALA C 156 6.00 -18.15 -34.16
CA ALA C 156 7.17 -18.71 -34.84
C ALA C 156 8.18 -19.31 -33.87
N ALA C 157 8.32 -18.75 -32.68
CA ALA C 157 9.15 -19.33 -31.64
C ALA C 157 8.60 -20.71 -31.27
N VAL C 158 7.29 -20.76 -31.02
CA VAL C 158 6.57 -22.00 -30.70
C VAL C 158 6.68 -23.13 -31.77
N ALA C 159 6.45 -22.81 -33.04
CA ALA C 159 6.63 -23.79 -34.14
C ALA C 159 8.00 -24.48 -34.07
N ALA C 160 8.97 -23.73 -33.55
CA ALA C 160 10.35 -24.18 -33.38
C ALA C 160 10.59 -24.78 -32.00
N GLY C 161 9.54 -24.93 -31.18
CA GLY C 161 9.68 -25.65 -29.93
C GLY C 161 9.61 -24.90 -28.61
N ALA C 162 9.60 -23.57 -28.69
CA ALA C 162 9.45 -22.73 -27.50
C ALA C 162 8.10 -23.01 -26.86
N PRO C 163 8.00 -22.92 -25.53
CA PRO C 163 6.73 -23.23 -24.84
C PRO C 163 5.65 -22.23 -25.23
N LYS C 164 4.40 -22.63 -25.12
CA LYS C 164 3.29 -21.71 -25.36
C LYS C 164 3.33 -20.60 -24.30
N ASP C 165 2.81 -19.43 -24.63
CA ASP C 165 2.75 -18.30 -23.69
C ASP C 165 4.10 -17.76 -23.16
N ILE C 166 5.22 -18.07 -23.83
CA ILE C 166 6.50 -17.50 -23.37
C ILE C 166 6.53 -15.98 -23.61
N ILE C 167 5.67 -15.51 -24.52
CA ILE C 167 5.47 -14.10 -24.79
C ILE C 167 4.00 -13.80 -24.49
N GLY C 168 3.72 -12.68 -23.84
CA GLY C 168 2.32 -12.27 -23.56
C GLY C 168 2.15 -10.80 -23.87
N TRP C 169 0.92 -10.30 -23.74
CA TRP C 169 0.60 -8.89 -24.01
C TRP C 169 -0.75 -8.53 -23.39
N ILE C 170 -0.96 -7.24 -23.09
CA ILE C 170 -2.26 -6.73 -22.67
C ILE C 170 -3.02 -6.27 -23.93
N ASP C 171 -4.15 -6.92 -24.21
CA ASP C 171 -4.93 -6.61 -25.41
C ASP C 171 -5.62 -5.25 -25.30
N GLN C 172 -6.05 -4.89 -24.10
CA GLN C 172 -6.73 -3.63 -23.89
C GLN C 172 -6.02 -2.81 -22.81
N PRO C 173 -4.92 -2.12 -23.18
CA PRO C 173 -4.08 -1.41 -22.22
C PRO C 173 -4.77 -0.23 -21.55
N SER C 174 -4.56 -0.12 -20.25
CA SER C 174 -5.04 1.01 -19.46
C SER C 174 -3.93 1.33 -18.48
N VAL C 175 -3.96 2.54 -17.90
CA VAL C 175 -3.02 2.92 -16.84
C VAL C 175 -3.09 1.92 -15.69
N GLU C 176 -4.28 1.43 -15.38
CA GLU C 176 -4.47 0.49 -14.29
C GLU C 176 -3.83 -0.85 -14.61
N LEU C 177 -4.08 -1.34 -15.81
CA LEU C 177 -3.51 -2.62 -16.23
C LEU C 177 -1.97 -2.59 -16.31
N SER C 178 -1.44 -1.51 -16.88
CA SER C 178 0.01 -1.34 -17.04
C SER C 178 0.72 -1.21 -15.68
N ASN C 179 0.15 -0.38 -14.81
CA ASN C 179 0.61 -0.25 -13.43
C ASN C 179 0.62 -1.61 -12.72
N ALA C 180 -0.46 -2.38 -12.81
CA ALA C 180 -0.49 -3.73 -12.25
C ALA C 180 0.55 -4.66 -12.87
N LEU C 181 0.79 -4.53 -14.18
CA LEU C 181 1.85 -5.35 -14.81
C LEU C 181 3.17 -5.03 -14.14
N MSE C 182 3.50 -3.74 -14.08
CA MSE C 182 4.77 -3.25 -13.54
C MSE C 182 5.09 -3.66 -12.10
O MSE C 182 6.25 -3.89 -11.79
CB MSE C 182 4.85 -1.72 -13.65
CG MSE C 182 5.32 -1.25 -15.00
SE MSE C 182 5.27 0.68 -15.03
CE MSE C 182 3.58 0.94 -15.94
N LYS C 183 4.08 -3.73 -11.27
CA LYS C 183 4.29 -3.95 -9.83
C LYS C 183 4.02 -5.37 -9.41
N HIS C 184 3.56 -6.19 -10.35
CA HIS C 184 3.31 -7.59 -10.07
C HIS C 184 4.55 -8.28 -9.51
N ASP C 185 4.38 -9.14 -8.51
CA ASP C 185 5.52 -9.80 -7.87
C ASP C 185 6.30 -10.76 -8.75
N ASP C 186 5.67 -11.28 -9.80
CA ASP C 186 6.34 -12.23 -10.68
C ASP C 186 7.08 -11.58 -11.83
N ILE C 187 7.03 -10.24 -11.90
CA ILE C 187 7.79 -9.51 -12.90
C ILE C 187 9.13 -9.15 -12.30
N ALA C 188 10.22 -9.46 -13.00
CA ALA C 188 11.55 -9.19 -12.48
C ALA C 188 12.13 -7.87 -12.98
N LEU C 189 11.65 -7.38 -14.12
CA LEU C 189 12.37 -6.32 -14.82
C LEU C 189 11.45 -5.55 -15.73
N ILE C 190 11.68 -4.25 -15.80
CA ILE C 190 10.92 -3.41 -16.66
C ILE C 190 11.86 -2.86 -17.71
N LEU C 191 11.57 -3.15 -18.98
CA LEU C 191 12.23 -2.50 -20.12
C LEU C 191 11.30 -1.46 -20.70
N ALA C 192 11.55 -0.20 -20.44
CA ALA C 192 10.60 0.83 -20.81
C ALA C 192 11.13 1.77 -21.87
N THR C 193 10.41 1.86 -22.94
CA THR C 193 10.82 2.80 -23.88
C THR C 193 9.75 3.80 -24.07
N GLY C 194 10.14 5.05 -23.90
CA GLY C 194 9.27 6.14 -24.22
C GLY C 194 9.66 7.51 -23.72
N GLY C 195 8.64 8.25 -23.35
CA GLY C 195 8.80 9.62 -22.95
C GLY C 195 9.39 9.70 -21.59
N PRO C 196 9.62 10.92 -21.14
CA PRO C 196 10.20 11.11 -19.83
C PRO C 196 9.19 10.82 -18.76
N GLY C 197 7.93 10.89 -19.10
CA GLY C 197 6.93 10.44 -18.13
C GLY C 197 7.03 8.94 -17.83
N MSE C 198 7.06 8.13 -18.88
CA MSE C 198 7.02 6.67 -18.77
C MSE C 198 8.27 6.06 -18.14
O MSE C 198 8.19 5.08 -17.40
CB MSE C 198 6.75 6.02 -20.13
CG MSE C 198 6.38 4.54 -20.05
SE MSE C 198 4.73 4.15 -19.03
CE MSE C 198 3.43 5.20 -20.07
N VAL C 199 9.43 6.65 -18.45
CA VAL C 199 10.67 6.25 -17.79
C VAL C 199 10.49 6.38 -16.28
N LYS C 200 10.07 7.57 -15.83
CA LYS C 200 9.79 7.84 -14.40
C LYS C 200 8.80 6.85 -13.80
N ALA C 201 7.77 6.50 -14.56
CA ALA C 201 6.80 5.48 -14.18
C ALA C 201 7.46 4.12 -13.94
N ALA C 202 8.40 3.76 -14.80
CA ALA C 202 9.13 2.51 -14.68
C ALA C 202 10.02 2.47 -13.46
N TYR C 203 10.61 3.62 -13.11
CA TYR C 203 11.45 3.69 -11.92
C TYR C 203 10.64 3.91 -10.64
N SER C 204 9.32 3.88 -10.77
CA SER C 204 8.44 4.08 -9.62
C SER C 204 7.69 2.81 -9.30
N SER C 205 8.18 1.69 -9.84
CA SER C 205 7.42 0.45 -9.83
C SER C 205 7.93 -0.52 -8.78
N GLY C 206 8.95 -0.11 -8.02
CA GLY C 206 9.57 -1.00 -7.04
C GLY C 206 10.40 -2.12 -7.66
N LYS C 207 10.86 -1.90 -8.90
CA LYS C 207 11.56 -2.94 -9.68
C LYS C 207 12.83 -2.41 -10.34
N PRO C 208 13.80 -3.31 -10.57
CA PRO C 208 14.86 -2.92 -11.49
C PRO C 208 14.25 -2.57 -12.86
N ALA C 209 14.77 -1.52 -13.49
CA ALA C 209 14.24 -1.04 -14.75
C ALA C 209 15.37 -0.58 -15.66
N ILE C 210 15.15 -0.68 -16.95
CA ILE C 210 16.01 -0.07 -17.93
C ILE C 210 15.16 0.78 -18.89
N GLY C 211 15.49 2.06 -18.99
CA GLY C 211 14.75 3.02 -19.80
C GLY C 211 15.41 3.38 -21.12
N VAL C 212 14.62 3.35 -22.19
CA VAL C 212 15.04 3.76 -23.52
C VAL C 212 14.10 4.87 -23.98
N GLY C 213 14.54 5.72 -24.90
CA GLY C 213 13.70 6.82 -25.38
C GLY C 213 14.33 8.18 -25.21
N ALA C 214 15.31 8.26 -24.31
CA ALA C 214 16.25 9.37 -24.25
C ALA C 214 15.68 10.72 -23.74
N GLY C 215 15.75 11.71 -24.63
CA GLY C 215 15.57 13.12 -24.30
C GLY C 215 15.99 13.98 -25.47
N ASN C 216 16.29 15.25 -25.18
CA ASN C 216 16.29 16.32 -26.15
C ASN C 216 17.69 16.63 -26.68
N VAL C 217 17.83 16.76 -28.00
CA VAL C 217 19.15 16.79 -28.61
C VAL C 217 19.49 18.18 -29.22
N PRO C 218 20.37 18.94 -28.53
CA PRO C 218 20.83 20.23 -29.01
C PRO C 218 22.04 20.08 -29.93
N VAL C 219 22.12 20.91 -30.96
CA VAL C 219 23.31 21.00 -31.82
C VAL C 219 23.84 22.45 -31.81
N VAL C 220 25.09 22.63 -31.40
CA VAL C 220 25.70 23.92 -31.48
C VAL C 220 26.42 24.01 -32.82
N ILE C 221 26.21 25.12 -33.55
CA ILE C 221 27.04 25.44 -34.70
C ILE C 221 27.76 26.77 -34.47
N ASP C 222 29.08 26.73 -34.35
CA ASP C 222 29.79 27.94 -34.08
C ASP C 222 30.37 28.56 -35.37
N GLU C 223 31.08 29.69 -35.24
CA GLU C 223 31.50 30.48 -36.41
C GLU C 223 32.58 29.79 -37.21
N THR C 224 33.17 28.74 -36.64
CA THR C 224 34.31 28.09 -37.28
C THR C 224 33.91 26.85 -38.08
N ALA C 225 32.67 26.41 -37.90
CA ALA C 225 32.14 25.26 -38.63
C ALA C 225 32.17 25.43 -40.16
N ASP C 226 32.37 24.31 -40.85
CA ASP C 226 31.98 24.13 -42.23
C ASP C 226 30.44 24.15 -42.31
N ILE C 227 29.90 25.28 -42.77
CA ILE C 227 28.45 25.53 -42.74
C ILE C 227 27.62 24.66 -43.67
N LYS C 228 28.13 24.35 -44.85
CA LYS C 228 27.38 23.51 -45.79
C LYS C 228 27.23 22.09 -45.25
N ARG C 229 28.31 21.52 -44.69
CA ARG C 229 28.25 20.20 -44.07
C ARG C 229 27.35 20.16 -42.80
N ALA C 230 27.42 21.19 -41.95
CA ALA C 230 26.61 21.23 -40.71
C ALA C 230 25.12 21.15 -41.02
N VAL C 231 24.65 22.07 -41.87
CA VAL C 231 23.24 22.12 -42.27
C VAL C 231 22.80 20.79 -42.87
N ALA C 232 23.62 20.25 -43.78
CA ALA C 232 23.33 18.96 -44.40
C ALA C 232 23.20 17.81 -43.37
N SER C 233 24.17 17.71 -42.46
CA SER C 233 24.22 16.62 -41.47
C SER C 233 23.03 16.67 -40.54
N VAL C 234 22.71 17.87 -40.16
CA VAL C 234 21.68 18.12 -39.20
C VAL C 234 20.31 17.68 -39.73
N LEU C 235 20.17 17.69 -41.05
CA LEU C 235 18.87 17.42 -41.68
C LEU C 235 18.64 15.94 -42.02
N MSE C 236 19.72 15.18 -42.16
CA MSE C 236 19.64 13.77 -42.54
C MSE C 236 18.62 12.92 -41.79
O MSE C 236 17.87 12.15 -42.39
CB MSE C 236 21.03 13.13 -42.43
CG MSE C 236 21.94 13.58 -43.54
SE MSE C 236 23.72 12.91 -43.18
CE MSE C 236 24.71 13.90 -44.55
N SER C 237 18.57 13.04 -40.47
CA SER C 237 17.70 12.16 -39.70
C SER C 237 16.25 12.61 -39.78
N LYS C 238 16.01 13.82 -40.27
CA LYS C 238 14.77 14.52 -39.96
C LYS C 238 13.51 14.01 -40.66
N THR C 239 13.66 13.39 -41.83
CA THR C 239 12.51 12.89 -42.57
C THR C 239 12.29 11.38 -42.43
N PHE C 240 13.25 10.66 -41.86
CA PHE C 240 13.16 9.20 -41.78
C PHE C 240 12.04 8.83 -40.82
N ASP C 241 11.01 8.21 -41.37
CA ASP C 241 9.79 7.88 -40.63
C ASP C 241 9.16 9.16 -40.09
N ASN C 242 9.20 10.19 -40.91
CA ASN C 242 8.77 11.55 -40.54
C ASN C 242 9.35 11.99 -39.22
N GLY C 243 10.65 11.80 -39.05
CA GLY C 243 11.36 12.32 -37.87
C GLY C 243 11.10 11.53 -36.61
N VAL C 244 10.48 10.36 -36.76
CA VAL C 244 10.34 9.46 -35.62
C VAL C 244 11.62 8.65 -35.51
N VAL C 245 12.56 9.22 -34.77
CA VAL C 245 13.88 8.70 -34.59
C VAL C 245 14.27 9.19 -33.20
N CYS C 246 14.76 8.29 -32.36
CA CYS C 246 14.80 8.59 -30.93
C CYS C 246 16.00 9.36 -30.40
N ALA C 247 17.10 9.41 -31.17
CA ALA C 247 18.24 10.24 -30.76
C ALA C 247 18.48 11.39 -31.72
N SER C 248 17.43 12.02 -32.22
CA SER C 248 17.65 12.91 -33.36
C SER C 248 17.64 14.41 -33.07
N GLU C 249 18.47 15.15 -33.79
CA GLU C 249 18.68 16.57 -33.48
C GLU C 249 17.38 17.34 -33.43
N GLN C 250 17.26 18.22 -32.45
CA GLN C 250 15.98 18.90 -32.25
C GLN C 250 16.08 20.37 -32.58
N ALA C 251 17.26 20.93 -32.34
CA ALA C 251 17.51 22.34 -32.58
C ALA C 251 18.93 22.63 -32.95
N VAL C 252 19.07 23.78 -33.55
CA VAL C 252 20.34 24.22 -34.04
C VAL C 252 20.55 25.53 -33.27
N ILE C 253 21.60 25.58 -32.45
CA ILE C 253 21.93 26.77 -31.69
C ILE C 253 23.14 27.43 -32.35
N VAL C 254 22.94 28.60 -32.95
CA VAL C 254 23.94 29.09 -33.95
C VAL C 254 24.60 30.43 -33.55
N VAL C 255 25.92 30.40 -33.47
CA VAL C 255 26.69 31.60 -33.19
C VAL C 255 26.32 32.68 -34.23
N ASP C 256 26.01 33.88 -33.74
CA ASP C 256 25.39 34.94 -34.53
C ASP C 256 26.14 35.30 -35.82
N GLU C 257 27.47 35.17 -35.78
CA GLU C 257 28.33 35.47 -36.93
C GLU C 257 27.87 34.73 -38.18
N VAL C 258 27.38 33.50 -37.98
CA VAL C 258 27.10 32.60 -39.11
C VAL C 258 25.64 32.23 -39.18
N TYR C 259 24.81 33.01 -38.53
CA TYR C 259 23.42 32.67 -38.34
C TYR C 259 22.61 32.81 -39.63
N ASP C 260 22.83 33.91 -40.37
CA ASP C 260 22.12 34.16 -41.61
C ASP C 260 22.59 33.24 -42.72
N GLU C 261 23.86 32.87 -42.69
CA GLU C 261 24.42 31.91 -43.63
C GLU C 261 23.82 30.52 -43.41
N VAL C 262 23.65 30.13 -42.15
CA VAL C 262 22.99 28.87 -41.80
C VAL C 262 21.56 28.90 -42.29
N LYS C 263 20.83 29.91 -41.84
CA LYS C 263 19.44 30.16 -42.18
C LYS C 263 19.24 30.10 -43.69
N GLU C 264 20.14 30.73 -44.45
CA GLU C 264 20.06 30.67 -45.92
C GLU C 264 20.25 29.26 -46.48
N ARG C 265 21.21 28.50 -45.93
CA ARG C 265 21.50 27.14 -46.42
C ARG C 265 20.34 26.14 -46.26
N PHE C 266 19.45 26.42 -45.30
CA PHE C 266 18.23 25.63 -45.14
C PHE C 266 17.34 25.59 -46.39
N ALA C 267 17.11 26.74 -47.01
CA ALA C 267 16.27 26.83 -48.23
C ALA C 267 16.76 25.98 -49.39
N SER C 268 18.07 25.72 -49.40
CA SER C 268 18.70 24.84 -50.36
C SER C 268 18.33 23.37 -50.15
N HIS C 269 18.03 23.02 -48.90
CA HIS C 269 17.78 21.64 -48.55
C HIS C 269 16.29 21.31 -48.44
N LYS C 270 15.46 22.27 -48.84
CA LYS C 270 14.00 22.17 -48.74
C LYS C 270 13.55 22.28 -47.28
N ALA C 271 14.35 22.97 -46.48
CA ALA C 271 13.96 23.24 -45.12
C ALA C 271 13.37 24.66 -45.06
N HIS C 272 12.09 24.75 -44.75
CA HIS C 272 11.35 26.03 -44.74
C HIS C 272 11.55 26.80 -43.43
N VAL C 273 12.11 28.01 -43.52
CA VAL C 273 12.27 28.87 -42.36
C VAL C 273 10.99 29.70 -42.12
N LEU C 274 10.34 29.45 -40.99
CA LEU C 274 9.05 30.06 -40.70
C LEU C 274 9.22 31.55 -40.35
N SER C 275 8.35 32.39 -40.92
CA SER C 275 8.25 33.79 -40.51
C SER C 275 7.83 33.84 -39.03
N LYS C 276 7.97 34.99 -38.39
CA LYS C 276 7.65 35.13 -36.98
C LYS C 276 6.28 34.58 -36.59
N THR C 277 5.26 34.98 -37.34
CA THR C 277 3.87 34.63 -37.02
C THR C 277 3.57 33.19 -37.34
N ASP C 278 4.10 32.73 -38.46
CA ASP C 278 3.99 31.33 -38.84
C ASP C 278 4.65 30.45 -37.76
N ALA C 279 5.83 30.86 -37.27
CA ALA C 279 6.47 30.15 -36.15
C ALA C 279 5.55 30.09 -34.92
N ASP C 280 4.96 31.23 -34.54
CA ASP C 280 3.98 31.22 -33.45
C ASP C 280 2.89 30.21 -33.74
N LYS C 281 2.44 30.16 -34.99
CA LYS C 281 1.34 29.29 -35.37
C LYS C 281 1.67 27.78 -35.33
N VAL C 282 2.92 27.41 -35.59
CA VAL C 282 3.36 26.01 -35.47
C VAL C 282 3.60 25.60 -34.01
N ARG C 283 4.12 26.53 -33.21
CA ARG C 283 4.20 26.38 -31.74
C ARG C 283 2.89 25.85 -31.10
N LYS C 284 1.82 26.63 -31.21
CA LYS C 284 0.56 26.32 -30.52
C LYS C 284 -0.04 25.00 -31.03
N VAL C 285 0.59 24.44 -32.06
CA VAL C 285 0.27 23.13 -32.58
C VAL C 285 1.23 22.03 -32.09
N LEU C 286 2.52 22.35 -31.92
CA LEU C 286 3.53 21.36 -31.44
C LEU C 286 3.36 20.95 -29.98
N LEU C 287 2.99 21.92 -29.14
CA LEU C 287 2.69 21.67 -27.74
C LEU C 287 1.28 22.15 -27.44
N ILE C 288 0.57 21.40 -26.61
CA ILE C 288 -0.81 21.76 -26.23
C ILE C 288 -1.04 21.54 -24.72
N ALA C 291 3.00 19.93 -23.20
CA ALA C 291 2.94 18.53 -23.60
C ALA C 291 2.89 18.37 -25.12
N LEU C 292 3.67 17.43 -25.63
CA LEU C 292 3.79 17.20 -27.08
C LEU C 292 2.49 16.69 -27.70
N ASN C 293 2.05 17.39 -28.74
CA ASN C 293 0.82 17.10 -29.45
C ASN C 293 0.90 15.83 -30.28
N ALA C 294 0.04 14.87 -29.96
CA ALA C 294 -0.02 13.57 -30.62
C ALA C 294 -0.26 13.68 -32.13
N LYS C 295 -1.09 14.63 -32.51
CA LYS C 295 -1.50 14.85 -33.90
C LYS C 295 -0.37 15.18 -34.87
N ILE C 296 0.75 15.67 -34.36
CA ILE C 296 1.88 16.06 -35.22
C ILE C 296 3.05 15.07 -35.25
N VAL C 297 3.08 14.15 -34.29
CA VAL C 297 4.15 13.19 -34.18
C VAL C 297 4.10 12.23 -35.36
N GLY C 298 5.21 12.14 -36.12
CA GLY C 298 5.26 11.22 -37.26
C GLY C 298 4.53 11.74 -38.48
N GLN C 299 4.11 13.00 -38.45
CA GLN C 299 3.55 13.68 -39.62
C GLN C 299 4.61 14.43 -40.43
N PRO C 300 4.47 14.47 -41.77
CA PRO C 300 5.41 15.19 -42.62
C PRO C 300 5.31 16.67 -42.37
N ALA C 301 6.35 17.41 -42.76
CA ALA C 301 6.40 18.85 -42.58
C ALA C 301 5.31 19.60 -43.32
N THR C 302 4.99 19.19 -44.54
CA THR C 302 3.86 19.80 -45.28
C THR C 302 2.56 19.71 -44.46
N ALA C 303 2.34 18.57 -43.80
CA ALA C 303 1.11 18.34 -43.02
C ALA C 303 1.04 19.08 -41.70
N ILE C 304 2.20 19.32 -41.08
CA ILE C 304 2.25 20.10 -39.83
C ILE C 304 1.92 21.57 -40.14
N ALA C 305 2.36 22.04 -41.30
CA ALA C 305 1.99 23.36 -41.79
C ALA C 305 0.47 23.56 -41.92
N GLU C 306 -0.21 22.72 -42.73
CA GLU C 306 -1.66 22.86 -42.93
C GLU C 306 -2.43 22.89 -41.62
N MSE C 307 -2.12 21.94 -40.72
CA MSE C 307 -2.72 21.93 -39.39
C MSE C 307 -2.52 23.26 -38.69
O MSE C 307 -3.40 23.70 -37.96
CB MSE C 307 -2.12 20.83 -38.52
CG MSE C 307 -2.55 19.42 -38.87
SE MSE C 307 -1.57 18.15 -37.74
CE MSE C 307 -1.46 16.70 -39.05
N ALA C 308 -1.35 23.88 -38.90
CA ALA C 308 -1.00 25.13 -38.26
C ALA C 308 -1.63 26.33 -38.93
N GLY C 309 -1.99 26.17 -40.20
CA GLY C 309 -2.53 27.23 -41.06
C GLY C 309 -1.46 27.90 -41.90
N VAL C 310 -0.37 27.19 -42.16
CA VAL C 310 0.83 27.76 -42.79
C VAL C 310 1.05 27.35 -44.24
N LYS C 311 1.16 28.33 -45.13
CA LYS C 311 1.47 28.08 -46.53
C LYS C 311 2.93 27.69 -46.71
N VAL C 312 3.13 26.44 -47.13
CA VAL C 312 4.46 25.95 -47.33
C VAL C 312 4.59 25.26 -48.71
N PRO C 313 5.69 25.53 -49.45
CA PRO C 313 5.86 24.87 -50.75
C PRO C 313 5.63 23.37 -50.62
N ALA C 314 5.14 22.73 -51.67
CA ALA C 314 4.78 21.32 -51.59
C ALA C 314 5.99 20.40 -51.39
N ASP C 315 7.19 20.87 -51.73
CA ASP C 315 8.36 20.01 -51.66
C ASP C 315 9.21 20.18 -50.39
N THR C 316 8.73 20.97 -49.43
CA THR C 316 9.55 21.22 -48.23
C THR C 316 9.57 19.97 -47.39
N LYS C 317 10.76 19.63 -46.90
CA LYS C 317 10.93 18.41 -46.13
C LYS C 317 10.83 18.70 -44.66
N VAL C 318 11.28 19.89 -44.24
CA VAL C 318 11.49 20.20 -42.83
C VAL C 318 11.10 21.62 -42.53
N LEU C 319 10.43 21.82 -41.40
CA LEU C 319 10.11 23.15 -40.90
C LEU C 319 11.17 23.66 -39.88
N ILE C 320 11.60 24.91 -40.05
CA ILE C 320 12.52 25.55 -39.11
C ILE C 320 11.89 26.73 -38.39
N GLY C 321 11.82 26.64 -37.06
CA GLY C 321 11.26 27.72 -36.24
C GLY C 321 12.33 28.53 -35.54
N GLU C 322 12.34 29.85 -35.75
CA GLU C 322 13.32 30.69 -35.07
C GLU C 322 12.83 31.09 -33.71
N GLY C 323 13.69 30.93 -32.71
CA GLY C 323 13.41 31.44 -31.37
C GLY C 323 13.50 32.96 -31.29
N LEU C 324 12.63 33.54 -30.47
CA LEU C 324 12.77 34.92 -30.05
C LEU C 324 13.76 34.91 -28.89
N GLY C 325 14.83 35.69 -29.04
CA GLY C 325 15.93 35.64 -28.08
C GLY C 325 16.51 34.24 -27.96
N LYS C 326 16.51 33.71 -26.74
CA LYS C 326 17.31 32.54 -26.41
C LYS C 326 16.49 31.33 -25.92
N VAL C 327 17.14 30.17 -25.85
CA VAL C 327 16.46 28.92 -25.55
C VAL C 327 15.72 29.01 -24.23
N SER C 328 14.41 28.77 -24.29
CA SER C 328 13.62 28.74 -23.06
C SER C 328 12.64 27.59 -23.04
N TYR C 329 12.36 27.13 -21.82
CA TYR C 329 11.33 26.14 -21.56
C TYR C 329 10.02 26.37 -22.33
N ASP C 330 9.61 27.63 -22.47
CA ASP C 330 8.27 27.95 -23.02
C ASP C 330 8.20 27.98 -24.55
N ASP C 331 9.30 27.63 -25.20
CA ASP C 331 9.35 27.62 -26.66
C ASP C 331 9.26 26.19 -27.20
N ALA C 332 8.15 25.91 -27.88
CA ALA C 332 7.90 24.58 -28.39
C ALA C 332 9.04 24.05 -29.25
N PHE C 333 9.71 24.95 -29.96
CA PHE C 333 10.78 24.53 -30.85
C PHE C 333 12.02 24.06 -30.10
N ALA C 334 12.04 24.32 -28.80
CA ALA C 334 13.15 23.97 -27.90
C ALA C 334 12.87 22.67 -27.19
N HIS C 335 11.87 21.95 -27.65
CA HIS C 335 11.45 20.73 -27.05
C HIS C 335 11.64 19.64 -28.08
N GLU C 336 11.60 18.42 -27.60
CA GLU C 336 11.53 17.24 -28.43
C GLU C 336 10.17 17.26 -29.18
N LYS C 337 10.22 17.12 -30.52
CA LYS C 337 9.02 17.33 -31.38
C LYS C 337 8.63 16.11 -32.23
N LEU C 338 9.58 15.20 -32.39
CA LEU C 338 9.34 13.92 -33.02
C LEU C 338 8.69 14.03 -34.40
N SER C 339 9.17 15.00 -35.16
CA SER C 339 8.60 15.30 -36.47
C SER C 339 9.68 15.94 -37.32
N PRO C 340 9.41 16.23 -38.61
CA PRO C 340 10.43 16.94 -39.41
C PRO C 340 10.37 18.44 -39.11
N THR C 341 10.93 18.81 -37.96
CA THR C 341 10.90 20.16 -37.43
C THR C 341 12.17 20.39 -36.63
N LEU C 342 12.69 21.61 -36.72
CA LEU C 342 13.89 22.02 -35.99
C LEU C 342 13.73 23.44 -35.50
N GLY C 343 14.15 23.67 -34.26
CA GLY C 343 14.27 25.02 -33.71
C GLY C 343 15.58 25.64 -34.18
N MSE C 344 15.65 26.96 -34.16
CA MSE C 344 16.84 27.68 -34.56
C MSE C 344 16.99 28.83 -33.61
O MSE C 344 16.11 29.68 -33.53
CB MSE C 344 16.77 28.14 -36.02
CG MSE C 344 17.99 28.89 -36.45
SE MSE C 344 18.13 29.39 -38.33
CE MSE C 344 19.99 29.96 -38.32
N PHE C 345 18.10 28.86 -32.89
CA PHE C 345 18.32 29.83 -31.82
C PHE C 345 19.64 30.56 -32.01
N ARG C 346 19.59 31.89 -31.91
CA ARG C 346 20.77 32.75 -32.01
C ARG C 346 21.62 32.68 -30.74
N ALA C 347 22.93 32.53 -30.90
CA ALA C 347 23.82 32.66 -29.72
C ALA C 347 24.82 33.81 -29.89
N ASP C 348 25.13 34.50 -28.79
CA ASP C 348 26.04 35.67 -28.83
C ASP C 348 27.43 35.23 -29.30
N ASN C 349 27.87 34.08 -28.77
CA ASN C 349 29.21 33.51 -29.04
C ASN C 349 29.17 32.04 -28.61
N PHE C 350 30.28 31.33 -28.79
CA PHE C 350 30.29 29.90 -28.52
C PHE C 350 29.86 29.48 -27.10
N GLU C 351 30.32 30.19 -26.07
CA GLU C 351 30.03 29.80 -24.69
C GLU C 351 28.58 29.99 -24.35
N ASP C 352 27.96 30.95 -25.01
CA ASP C 352 26.55 31.23 -24.84
C ASP C 352 25.72 30.19 -25.62
N ALA C 353 26.30 29.67 -26.69
CA ALA C 353 25.60 28.61 -27.43
C ALA C 353 25.58 27.36 -26.56
N VAL C 354 26.69 27.10 -25.86
CA VAL C 354 26.77 25.97 -24.95
C VAL C 354 25.73 26.14 -23.84
N ALA C 355 25.65 27.34 -23.28
CA ALA C 355 24.70 27.61 -22.20
C ALA C 355 23.27 27.26 -22.62
N GLN C 356 22.88 27.66 -23.84
CA GLN C 356 21.56 27.35 -24.38
C GLN C 356 21.37 25.84 -24.64
N ALA C 357 22.45 25.16 -25.01
CA ALA C 357 22.42 23.71 -25.21
C ALA C 357 22.24 23.01 -23.87
N VAL C 358 22.84 23.54 -22.86
CA VAL C 358 22.67 23.00 -21.55
C VAL C 358 21.22 23.12 -21.19
N THR C 359 20.59 24.20 -21.58
CA THR C 359 19.23 24.41 -21.22
C THR C 359 18.36 23.38 -21.88
N MSE C 360 18.63 23.09 -23.14
CA MSE C 360 17.84 22.15 -23.90
C MSE C 360 17.90 20.78 -23.29
O MSE C 360 16.91 20.13 -23.21
CB MSE C 360 18.24 22.11 -25.34
CG MSE C 360 17.37 22.92 -26.21
SE MSE C 360 17.72 22.92 -28.04
CE MSE C 360 17.05 21.28 -28.56
N VAL C 361 19.06 20.35 -22.85
CA VAL C 361 19.22 19.06 -22.21
C VAL C 361 18.38 18.99 -20.93
N GLU C 362 18.30 20.10 -20.23
CA GLU C 362 17.49 20.22 -19.01
C GLU C 362 15.97 20.17 -19.31
N ILE C 363 15.56 20.70 -20.45
CA ILE C 363 14.17 20.62 -20.87
C ILE C 363 13.80 19.20 -21.19
N GLY C 364 14.72 18.44 -21.74
CA GLY C 364 14.45 17.08 -22.10
C GLY C 364 14.52 16.03 -21.02
N GLY C 365 14.79 16.38 -19.78
CA GLY C 365 14.88 15.35 -18.79
C GLY C 365 16.28 14.88 -18.51
N ILE C 366 16.64 13.73 -19.03
CA ILE C 366 17.96 13.19 -18.79
C ILE C 366 18.68 13.17 -20.10
N GLY C 367 19.99 13.23 -20.05
CA GLY C 367 20.80 13.57 -21.18
C GLY C 367 21.38 12.44 -21.95
N HIS C 368 21.02 12.39 -23.20
CA HIS C 368 21.38 11.29 -24.06
C HIS C 368 22.47 11.68 -25.08
N THR C 369 22.20 12.70 -25.89
CA THR C 369 23.09 13.09 -26.98
C THR C 369 23.11 14.61 -27.16
N SER C 370 24.28 15.15 -27.45
CA SER C 370 24.32 16.51 -27.93
C SER C 370 25.39 16.59 -29.02
N GLY C 371 25.47 17.67 -29.78
CA GLY C 371 26.43 17.74 -30.88
C GLY C 371 26.97 19.12 -31.10
N LEU C 372 28.18 19.21 -31.67
CA LEU C 372 28.80 20.50 -31.92
C LEU C 372 29.44 20.49 -33.29
N TYR C 373 29.28 21.57 -34.07
CA TYR C 373 30.04 21.67 -35.31
C TYR C 373 30.98 22.81 -35.15
N THR C 374 32.25 22.50 -35.40
CA THR C 374 33.30 23.42 -35.15
C THR C 374 34.51 22.98 -35.98
N ASN C 375 35.50 23.85 -36.13
CA ASN C 375 36.73 23.46 -36.81
C ASN C 375 37.50 22.59 -35.84
N GLN C 376 37.35 21.29 -35.95
CA GLN C 376 37.82 20.41 -34.85
C GLN C 376 39.34 20.30 -34.73
N ASP C 377 40.06 20.71 -35.76
CA ASP C 377 41.54 20.69 -35.67
C ASP C 377 42.06 21.90 -34.88
N VAL C 378 41.44 23.07 -35.08
CA VAL C 378 41.87 24.29 -34.40
C VAL C 378 41.25 24.45 -32.99
N ASN C 379 40.14 23.77 -32.73
CA ASN C 379 39.30 24.03 -31.55
C ASN C 379 39.26 22.92 -30.48
N ALA C 380 40.40 22.29 -30.24
CA ALA C 380 40.53 21.30 -29.16
C ALA C 380 39.95 21.84 -27.85
N ASP C 381 40.29 23.07 -27.49
CA ASP C 381 39.79 23.70 -26.26
C ASP C 381 38.24 23.77 -26.21
N ARG C 382 37.60 24.17 -27.30
CA ARG C 382 36.14 24.16 -27.39
C ARG C 382 35.53 22.75 -27.26
N ILE C 383 36.13 21.75 -27.88
CA ILE C 383 35.62 20.37 -27.75
C ILE C 383 35.62 19.85 -26.30
N ARG C 384 36.72 20.08 -25.58
CA ARG C 384 36.84 19.70 -24.17
C ARG C 384 35.90 20.53 -23.28
N TYR C 385 35.77 21.81 -23.59
CA TYR C 385 34.79 22.66 -22.93
C TYR C 385 33.38 22.10 -23.14
N PHE C 386 33.05 21.79 -24.39
CA PHE C 386 31.77 21.19 -24.75
C PHE C 386 31.59 19.85 -24.00
N GLY C 387 32.58 19.02 -24.07
CA GLY C 387 32.56 17.79 -23.35
C GLY C 387 32.34 17.87 -21.86
N ASP C 388 32.80 18.91 -21.21
CA ASP C 388 32.73 18.92 -19.78
C ASP C 388 31.44 19.46 -19.32
N LYS C 389 30.81 20.23 -20.18
CA LYS C 389 29.63 20.93 -19.83
C LYS C 389 28.38 20.18 -20.18
N MSE C 390 28.36 19.53 -21.33
CA MSE C 390 27.21 18.73 -21.78
C MSE C 390 27.07 17.47 -20.94
O MSE C 390 27.99 16.67 -20.88
CB MSE C 390 27.39 18.30 -23.23
CG MSE C 390 27.43 19.41 -24.25
SE MSE C 390 26.03 20.71 -23.92
CE MSE C 390 24.51 19.70 -24.55
N LYS C 391 25.93 17.32 -20.30
CA LYS C 391 25.63 16.13 -19.50
C LYS C 391 24.83 15.14 -20.33
N THR C 392 25.47 14.55 -21.32
CA THR C 392 24.81 13.67 -22.27
C THR C 392 25.78 12.54 -22.46
N ALA C 393 25.30 11.29 -22.46
CA ALA C 393 26.18 10.12 -22.53
C ALA C 393 26.99 10.08 -23.83
N ARG C 394 26.42 10.65 -24.90
CA ARG C 394 27.08 10.75 -26.19
C ARG C 394 27.28 12.20 -26.62
N ILE C 395 28.48 12.49 -27.09
CA ILE C 395 28.81 13.82 -27.51
C ILE C 395 29.44 13.72 -28.88
N LEU C 396 28.79 14.35 -29.86
CA LEU C 396 29.19 14.22 -31.26
C LEU C 396 29.80 15.50 -31.79
N ILE C 397 30.98 15.39 -32.37
CA ILE C 397 31.65 16.57 -32.89
C ILE C 397 31.74 16.44 -34.41
N ASN C 398 30.93 17.25 -35.09
CA ASN C 398 30.91 17.33 -36.55
C ASN C 398 30.28 16.08 -37.17
N ILE C 399 29.47 15.40 -36.39
CA ILE C 399 28.93 14.10 -36.76
C ILE C 399 27.43 14.09 -36.46
N PRO C 400 26.60 13.74 -37.46
CA PRO C 400 25.17 13.58 -37.23
C PRO C 400 24.85 12.45 -36.24
N THR C 401 23.66 12.48 -35.69
CA THR C 401 23.24 11.50 -34.67
C THR C 401 22.96 10.12 -35.26
N THR C 402 22.94 10.05 -36.59
CA THR C 402 22.53 8.84 -37.29
C THR C 402 23.49 8.45 -38.42
N HIS C 403 24.77 8.77 -38.23
CA HIS C 403 25.84 8.29 -39.10
C HIS C 403 25.96 6.77 -39.00
N GLU C 432 24.24 2.66 -22.96
CA GLU C 432 24.53 1.76 -24.08
C GLU C 432 23.30 1.04 -24.62
N ASN C 433 23.44 0.40 -25.79
CA ASN C 433 22.34 -0.33 -26.43
C ASN C 433 21.94 -1.62 -25.66
N VAL C 434 20.65 -1.72 -25.34
CA VAL C 434 20.10 -2.85 -24.60
C VAL C 434 20.23 -4.11 -25.43
N GLY C 435 20.59 -5.20 -24.75
CA GLY C 435 20.92 -6.45 -25.40
C GLY C 435 20.71 -7.59 -24.42
N PRO C 436 20.92 -8.84 -24.90
CA PRO C 436 20.81 -10.07 -24.11
C PRO C 436 21.51 -10.00 -22.76
N LYS C 437 22.73 -9.46 -22.73
CA LYS C 437 23.50 -9.40 -21.48
C LYS C 437 22.73 -8.70 -20.34
N HIS C 438 21.86 -7.77 -20.69
CA HIS C 438 21.10 -7.00 -19.68
C HIS C 438 19.97 -7.80 -19.09
N LEU C 439 19.67 -8.94 -19.72
CA LEU C 439 18.51 -9.75 -19.38
C LEU C 439 18.92 -11.07 -18.74
N ILE C 440 20.18 -11.12 -18.30
CA ILE C 440 20.77 -12.26 -17.59
C ILE C 440 21.30 -11.82 -16.23
N ASN C 441 20.97 -12.56 -15.17
CA ASN C 441 21.71 -12.49 -13.91
C ASN C 441 22.92 -13.41 -13.96
N LYS C 442 24.03 -12.96 -13.37
CA LYS C 442 25.22 -13.80 -13.26
C LYS C 442 25.47 -14.25 -11.81
N LYS C 443 25.50 -15.57 -11.63
CA LYS C 443 25.65 -16.26 -10.37
C LYS C 443 27.06 -16.70 -10.25
N THR C 444 27.67 -16.41 -9.10
CA THR C 444 29.00 -16.92 -8.85
C THR C 444 28.91 -18.10 -7.91
N VAL C 445 29.50 -19.22 -8.32
CA VAL C 445 29.60 -20.39 -7.48
C VAL C 445 31.03 -20.53 -7.01
N ALA C 446 31.19 -20.55 -5.69
CA ALA C 446 32.48 -20.81 -5.07
C ALA C 446 32.40 -22.07 -4.20
N LYS C 447 33.21 -23.06 -4.56
CA LYS C 447 33.35 -24.26 -3.78
C LYS C 447 34.74 -24.23 -3.16
N ARG C 448 34.97 -25.00 -2.10
CA ARG C 448 36.27 -25.03 -1.43
C ARG C 448 37.40 -25.56 -2.33
N ALA C 449 38.58 -24.97 -2.19
CA ALA C 449 39.72 -25.33 -3.03
C ALA C 449 40.90 -25.88 -2.22
N ASN D 5 -23.16 19.17 34.75
CA ASN D 5 -24.54 19.52 34.33
C ASN D 5 -24.69 19.81 32.83
N MSE D 6 -25.95 19.87 32.37
CA MSE D 6 -26.30 19.94 30.96
C MSE D 6 -25.66 21.10 30.20
O MSE D 6 -25.11 20.92 29.11
CB MSE D 6 -27.82 19.98 30.79
CG MSE D 6 -28.31 19.55 29.41
SE MSE D 6 -27.46 17.90 28.79
CE MSE D 6 -28.89 17.26 27.61
N ALA D 7 -25.74 22.30 30.79
CA ALA D 7 -25.17 23.50 30.19
C ALA D 7 -23.64 23.40 30.03
N GLU D 8 -22.93 23.27 31.16
CA GLU D 8 -21.47 23.30 31.20
C GLU D 8 -20.82 22.13 30.42
N LEU D 9 -21.62 21.13 30.09
CA LEU D 9 -21.20 20.06 29.20
C LEU D 9 -20.88 20.61 27.81
N ASP D 10 -21.81 21.41 27.27
CA ASP D 10 -21.67 22.04 25.96
C ASP D 10 -20.40 22.89 25.86
N ALA D 11 -20.19 23.75 26.85
CA ALA D 11 -19.03 24.64 26.90
C ALA D 11 -17.72 23.87 26.93
N MSE D 12 -17.69 22.76 27.68
CA MSE D 12 -16.53 21.88 27.73
C MSE D 12 -16.28 21.16 26.40
O MSE D 12 -15.13 21.03 25.96
CB MSE D 12 -16.64 20.88 28.89
CG MSE D 12 -15.41 19.98 29.11
SE MSE D 12 -15.66 18.19 28.35
CE MSE D 12 -13.89 17.92 27.62
N ILE D 13 -17.36 20.74 25.74
CA ILE D 13 -17.26 20.08 24.41
C ILE D 13 -16.69 21.02 23.34
N ALA D 14 -17.21 22.25 23.30
CA ALA D 14 -16.75 23.27 22.33
C ALA D 14 -15.30 23.72 22.58
N ARG D 15 -14.84 23.62 23.83
CA ARG D 15 -13.43 23.83 24.16
C ARG D 15 -12.52 22.80 23.49
N VAL D 16 -12.84 21.52 23.65
CA VAL D 16 -12.05 20.40 23.11
C VAL D 16 -12.14 20.32 21.58
N LYS D 17 -13.29 20.72 21.04
CA LYS D 17 -13.41 20.89 19.59
C LYS D 17 -12.32 21.83 19.05
N LYS D 18 -12.28 23.05 19.55
CA LYS D 18 -11.28 24.02 19.11
C LYS D 18 -9.86 23.55 19.44
N ALA D 19 -9.68 22.99 20.64
CA ALA D 19 -8.40 22.40 21.05
C ALA D 19 -7.94 21.29 20.09
N GLN D 20 -8.89 20.51 19.59
CA GLN D 20 -8.61 19.45 18.62
C GLN D 20 -8.17 20.08 17.29
N GLU D 21 -8.88 21.14 16.89
CA GLU D 21 -8.58 21.87 15.65
C GLU D 21 -7.14 22.43 15.64
N GLU D 22 -6.72 22.94 16.79
CA GLU D 22 -5.33 23.34 16.97
C GLU D 22 -4.42 22.12 16.92
N PHE D 23 -4.85 21.03 17.58
CA PHE D 23 -4.07 19.80 17.66
C PHE D 23 -3.89 19.13 16.30
N ALA D 24 -4.91 19.25 15.46
CA ALA D 24 -4.91 18.62 14.13
C ALA D 24 -3.73 19.06 13.25
N THR D 25 -3.35 20.34 13.38
CA THR D 25 -2.33 20.95 12.53
C THR D 25 -0.89 20.65 13.01
N TYR D 26 -0.76 19.98 14.14
CA TYR D 26 0.55 19.69 14.72
C TYR D 26 1.40 18.78 13.83
N SER D 27 2.72 18.92 13.99
CA SER D 27 3.70 18.05 13.34
C SER D 27 3.83 16.70 14.06
N GLN D 28 4.22 15.67 13.30
CA GLN D 28 4.45 14.34 13.85
C GLN D 28 5.47 14.38 14.99
N GLU D 29 6.42 15.32 14.89
CA GLU D 29 7.46 15.48 15.89
C GLU D 29 6.91 15.98 17.23
N GLN D 30 5.90 16.85 17.16
CA GLN D 30 5.27 17.40 18.35
C GLN D 30 4.29 16.39 18.93
N VAL D 31 3.69 15.62 18.03
CA VAL D 31 2.80 14.52 18.41
C VAL D 31 3.62 13.46 19.16
N ASP D 32 4.76 13.08 18.59
CA ASP D 32 5.68 12.13 19.23
C ASP D 32 6.17 12.62 20.61
N LYS D 33 6.61 13.87 20.70
CA LYS D 33 7.07 14.43 21.98
C LYS D 33 5.99 14.40 23.08
N ILE D 34 4.74 14.69 22.70
CA ILE D 34 3.59 14.67 23.61
C ILE D 34 3.24 13.24 24.01
N PHE D 35 3.19 12.35 23.02
CA PHE D 35 2.90 10.95 23.22
C PHE D 35 3.86 10.35 24.24
N ARG D 36 5.17 10.49 24.00
CA ARG D 36 6.17 9.97 24.94
C ARG D 36 5.99 10.60 26.32
N ALA D 37 5.86 11.92 26.37
CA ALA D 37 5.75 12.63 27.64
C ALA D 37 4.48 12.25 28.40
N ALA D 38 3.39 12.01 27.67
CA ALA D 38 2.16 11.61 28.31
C ALA D 38 2.24 10.16 28.79
N SER D 39 2.93 9.32 28.02
CA SER D 39 3.04 7.91 28.33
C SER D 39 4.02 7.64 29.48
N LEU D 40 5.14 8.35 29.46
CA LEU D 40 6.18 8.21 30.50
C LEU D 40 5.64 8.66 31.86
N ALA D 41 4.90 9.75 31.86
CA ALA D 41 4.21 10.23 33.07
C ALA D 41 3.16 9.28 33.63
N ALA D 42 2.35 8.66 32.77
CA ALA D 42 1.35 7.63 33.18
C ALA D 42 2.00 6.38 33.77
N ASN D 43 3.11 5.96 33.17
CA ASN D 43 3.86 4.83 33.66
C ASN D 43 4.47 5.13 35.02
N GLN D 44 5.12 6.29 35.14
CA GLN D 44 5.68 6.72 36.41
C GLN D 44 4.63 6.88 37.50
N ALA D 45 3.34 6.99 37.12
CA ALA D 45 2.27 7.04 38.11
C ALA D 45 1.50 5.72 38.24
N ARG D 46 2.05 4.63 37.69
CA ARG D 46 1.39 3.30 37.72
C ARG D 46 0.85 2.96 39.12
N ILE D 47 1.70 3.12 40.14
CA ILE D 47 1.38 2.76 41.54
C ILE D 47 0.36 3.71 42.17
N PRO D 48 0.65 5.03 42.19
CA PRO D 48 -0.33 5.93 42.82
C PRO D 48 -1.75 5.78 42.28
N LEU D 49 -1.88 5.75 40.95
CA LEU D 49 -3.20 5.54 40.31
C LEU D 49 -3.85 4.19 40.65
N ALA D 50 -3.06 3.11 40.63
CA ALA D 50 -3.57 1.77 41.02
C ALA D 50 -4.11 1.80 42.46
N GLN D 51 -3.32 2.41 43.35
CA GLN D 51 -3.68 2.56 44.75
C GLN D 51 -4.98 3.35 44.94
N GLN D 52 -5.08 4.47 44.24
CA GLN D 52 -6.28 5.31 44.22
C GLN D 52 -7.48 4.55 43.68
N ALA D 53 -7.27 3.77 42.63
CA ALA D 53 -8.35 3.00 41.98
C ALA D 53 -8.96 1.95 42.92
N VAL D 54 -8.09 1.21 43.60
CA VAL D 54 -8.50 0.19 44.56
C VAL D 54 -9.38 0.79 45.68
N GLU D 55 -8.93 1.91 46.24
CA GLU D 55 -9.58 2.54 47.40
C GLU D 55 -10.93 3.20 47.12
N GLU D 56 -11.06 3.79 45.94
CA GLU D 56 -12.28 4.48 45.53
C GLU D 56 -13.39 3.52 45.17
N SER D 57 -13.06 2.60 44.26
CA SER D 57 -13.98 1.58 43.77
C SER D 57 -14.25 0.55 44.87
N GLY D 58 -13.23 0.30 45.69
CA GLY D 58 -13.35 -0.66 46.77
C GLY D 58 -13.25 -2.09 46.28
N MSE D 59 -12.44 -2.32 45.26
CA MSE D 59 -12.26 -3.65 44.68
C MSE D 59 -10.89 -3.82 44.03
O MSE D 59 -10.21 -2.84 43.73
CB MSE D 59 -13.36 -3.91 43.65
CG MSE D 59 -13.02 -3.39 42.26
SE MSE D 59 -14.54 -3.27 41.06
CE MSE D 59 -13.55 -3.68 39.44
N GLY D 60 -10.51 -5.08 43.83
CA GLY D 60 -9.31 -5.40 43.07
C GLY D 60 -8.05 -5.39 43.90
N ILE D 61 -6.93 -5.54 43.21
CA ILE D 61 -5.63 -5.69 43.85
C ILE D 61 -4.62 -4.70 43.29
N VAL D 62 -4.08 -3.88 44.16
CA VAL D 62 -3.08 -2.88 43.81
C VAL D 62 -2.03 -3.44 42.85
N GLU D 63 -1.32 -4.49 43.27
CA GLU D 63 -0.18 -5.01 42.49
C GLU D 63 -0.57 -5.44 41.07
N ASP D 64 -1.80 -5.92 40.91
CA ASP D 64 -2.29 -6.33 39.60
C ASP D 64 -2.73 -5.09 38.80
N LYS D 65 -3.41 -4.14 39.46
CA LYS D 65 -3.76 -2.84 38.84
C LYS D 65 -2.52 -2.03 38.44
N VAL D 66 -1.43 -2.19 39.20
CA VAL D 66 -0.12 -1.64 38.81
C VAL D 66 0.33 -2.23 37.48
N ILE D 67 0.19 -3.54 37.33
CA ILE D 67 0.53 -4.20 36.08
C ILE D 67 -0.38 -3.69 34.95
N LYS D 68 -1.69 -3.59 35.20
CA LYS D 68 -2.60 -3.05 34.20
C LYS D 68 -2.16 -1.68 33.67
N ASN D 69 -1.78 -0.80 34.59
CA ASN D 69 -1.35 0.56 34.27
C ASN D 69 -0.06 0.62 33.47
N HIS D 70 0.87 -0.26 33.82
CA HIS D 70 2.12 -0.35 33.09
C HIS D 70 1.88 -0.81 31.65
N PHE D 71 0.92 -1.71 31.45
CA PHE D 71 0.56 -2.16 30.10
C PHE D 71 -0.10 -1.05 29.29
N ALA D 72 -1.04 -0.32 29.90
CA ALA D 72 -1.74 0.79 29.23
C ALA D 72 -0.85 1.99 28.88
N SER D 73 0.37 2.01 29.41
CA SER D 73 1.24 3.18 29.22
C SER D 73 2.48 2.81 28.44
N GLU D 74 3.47 2.25 29.11
CA GLU D 74 4.73 1.90 28.47
C GLU D 74 4.52 0.93 27.32
N PHE D 75 3.66 -0.07 27.51
CA PHE D 75 3.41 -1.06 26.46
C PHE D 75 2.71 -0.46 25.22
N ILE D 76 1.73 0.42 25.44
CA ILE D 76 1.11 1.16 24.35
C ILE D 76 2.12 2.09 23.67
N TYR D 77 2.91 2.79 24.49
CA TYR D 77 3.98 3.61 23.93
C TYR D 77 4.91 2.79 23.01
N ASN D 78 5.37 1.62 23.47
CA ASN D 78 6.32 0.84 22.66
C ASN D 78 5.70 0.22 21.41
N LYS D 79 4.39 -0.02 21.44
CA LYS D 79 3.72 -0.59 20.26
C LYS D 79 3.51 0.45 19.14
N TYR D 80 3.22 1.69 19.54
CA TYR D 80 2.81 2.73 18.58
C TYR D 80 3.72 3.97 18.51
N LYS D 81 4.94 3.83 19.02
CA LYS D 81 5.95 4.90 18.97
C LYS D 81 6.19 5.37 17.54
N ASP D 82 6.15 4.43 16.59
CA ASP D 82 6.57 4.68 15.21
C ASP D 82 5.45 4.46 14.18
N GLU D 83 4.21 4.40 14.65
CA GLU D 83 3.10 4.18 13.74
C GLU D 83 2.64 5.49 13.15
N GLN D 84 2.52 5.52 11.82
CA GLN D 84 2.12 6.73 11.11
C GLN D 84 0.61 6.90 11.21
N THR D 85 0.19 8.07 11.69
CA THR D 85 -1.21 8.37 11.94
C THR D 85 -1.67 9.70 11.30
N CYS D 86 -0.77 10.35 10.58
CA CYS D 86 -0.98 11.70 10.08
C CYS D 86 -0.34 11.82 8.70
N GLY D 87 -0.95 12.60 7.81
CA GLY D 87 -0.38 12.83 6.48
C GLY D 87 -0.54 11.69 5.49
N ILE D 88 0.37 11.61 4.52
CA ILE D 88 0.27 10.67 3.43
C ILE D 88 0.71 9.28 3.84
N LEU D 89 -0.26 8.36 3.89
CA LEU D 89 -0.01 6.97 4.30
C LEU D 89 0.39 6.08 3.11
N GLU D 90 -0.05 6.46 1.92
CA GLU D 90 0.32 5.75 0.70
C GLU D 90 0.25 6.69 -0.49
N GLU D 91 1.13 6.48 -1.46
CA GLU D 91 1.05 7.16 -2.74
C GLU D 91 1.22 6.13 -3.86
N ASP D 92 0.58 6.39 -5.00
CA ASP D 92 0.95 5.76 -6.26
C ASP D 92 0.90 6.85 -7.32
N ASP D 93 2.08 7.40 -7.60
CA ASP D 93 2.23 8.51 -8.53
C ASP D 93 1.86 8.15 -9.98
N ASN D 94 1.98 6.88 -10.34
CA ASN D 94 1.53 6.42 -11.65
C ASN D 94 0.02 6.54 -11.82
N LEU D 95 -0.72 5.98 -10.86
CA LEU D 95 -2.16 6.03 -10.87
C LEU D 95 -2.66 7.46 -10.58
N GLY D 96 -1.79 8.28 -9.99
CA GLY D 96 -2.18 9.64 -9.61
C GLY D 96 -3.10 9.62 -8.42
N THR D 97 -2.87 8.67 -7.51
CA THR D 97 -3.65 8.55 -6.31
C THR D 97 -2.79 8.78 -5.05
N MSE D 98 -3.46 9.07 -3.93
CA MSE D 98 -2.84 8.98 -2.59
C MSE D 98 -3.87 8.81 -1.47
O MSE D 98 -5.01 9.25 -1.59
CB MSE D 98 -1.94 10.18 -2.28
CG MSE D 98 -2.50 11.53 -2.61
SE MSE D 98 -1.46 12.87 -1.66
CE MSE D 98 -1.84 14.47 -2.73
N THR D 99 -3.47 8.13 -0.39
CA THR D 99 -4.27 8.07 0.81
C THR D 99 -3.73 9.00 1.88
N ILE D 100 -4.63 9.81 2.43
CA ILE D 100 -4.31 10.82 3.44
C ILE D 100 -5.07 10.50 4.72
N ALA D 101 -4.38 10.64 5.84
CA ALA D 101 -4.97 10.47 7.16
C ALA D 101 -5.81 11.68 7.58
N GLU D 102 -6.82 11.45 8.42
CA GLU D 102 -7.66 12.51 8.96
C GLU D 102 -8.10 12.07 10.34
N PRO D 103 -7.70 12.83 11.39
CA PRO D 103 -8.20 12.51 12.72
C PRO D 103 -9.72 12.51 12.69
N VAL D 104 -10.32 11.61 13.45
CA VAL D 104 -11.76 11.49 13.49
C VAL D 104 -12.42 12.72 14.15
N GLY D 105 -11.68 13.39 15.03
CA GLY D 105 -12.18 14.60 15.67
C GLY D 105 -12.17 14.49 17.18
N ILE D 106 -13.37 14.46 17.77
CA ILE D 106 -13.57 14.24 19.20
C ILE D 106 -14.08 12.83 19.46
N ILE D 107 -13.39 12.12 20.34
CA ILE D 107 -13.83 10.80 20.79
C ILE D 107 -14.62 10.94 22.09
N CYS D 108 -15.65 10.14 22.22
CA CYS D 108 -16.33 9.93 23.49
C CYS D 108 -15.91 8.58 24.08
N GLY D 109 -15.20 8.64 25.20
CA GLY D 109 -14.76 7.43 25.90
C GLY D 109 -15.61 7.12 27.12
N ILE D 110 -16.28 5.97 27.09
CA ILE D 110 -17.04 5.48 28.23
C ILE D 110 -16.08 4.58 29.01
N VAL D 111 -15.90 4.89 30.29
CA VAL D 111 -14.98 4.14 31.14
C VAL D 111 -15.79 3.42 32.25
N PRO D 112 -15.51 2.11 32.44
CA PRO D 112 -16.25 1.31 33.41
C PRO D 112 -15.68 1.39 34.84
N THR D 113 -16.44 0.90 35.81
CA THR D 113 -16.00 0.79 37.21
C THR D 113 -14.82 -0.18 37.31
N THR D 114 -14.71 -1.05 36.33
CA THR D 114 -13.87 -2.21 36.47
C THR D 114 -12.36 -2.00 36.17
N ASN D 115 -12.07 -1.05 35.28
CA ASN D 115 -10.68 -0.73 34.95
C ASN D 115 -10.53 0.78 34.80
N PRO D 116 -10.81 1.53 35.88
CA PRO D 116 -10.97 2.99 35.77
C PRO D 116 -9.74 3.71 35.23
N THR D 117 -8.55 3.35 35.70
CA THR D 117 -7.36 4.09 35.33
C THR D 117 -6.70 3.56 34.06
N SER D 118 -6.51 2.25 33.94
CA SER D 118 -5.87 1.67 32.76
C SER D 118 -6.60 1.98 31.46
N THR D 119 -7.94 1.99 31.49
CA THR D 119 -8.65 2.29 30.25
C THR D 119 -8.58 3.76 29.88
N ALA D 120 -8.49 4.63 30.89
CA ALA D 120 -8.36 6.07 30.67
C ALA D 120 -6.99 6.43 30.11
N ILE D 121 -5.94 5.86 30.70
CA ILE D 121 -4.58 6.04 30.20
C ILE D 121 -4.50 5.57 28.75
N PHE D 122 -5.00 4.36 28.48
CA PHE D 122 -4.95 3.75 27.17
C PHE D 122 -5.62 4.63 26.13
N LYS D 123 -6.88 5.02 26.38
CA LYS D 123 -7.63 5.80 25.40
C LYS D 123 -7.03 7.20 25.22
N SER D 124 -6.56 7.80 26.32
CA SER D 124 -5.89 9.10 26.28
C SER D 124 -4.67 9.06 25.40
N LEU D 125 -3.81 8.06 25.62
CA LEU D 125 -2.57 8.03 24.88
C LEU D 125 -2.82 7.74 23.41
N ILE D 126 -3.80 6.90 23.10
CA ILE D 126 -4.04 6.62 21.67
C ILE D 126 -4.80 7.76 20.98
N SER D 127 -5.58 8.54 21.72
CA SER D 127 -6.19 9.76 21.16
C SER D 127 -5.11 10.81 20.84
N LEU D 128 -4.23 11.05 21.80
CA LEU D 128 -3.13 12.00 21.63
C LEU D 128 -2.26 11.66 20.42
N LYS D 129 -1.95 10.37 20.24
CA LYS D 129 -1.11 9.89 19.14
C LYS D 129 -1.75 10.12 17.78
N THR D 130 -3.07 10.26 17.77
CA THR D 130 -3.81 10.34 16.50
C THR D 130 -4.43 11.70 16.28
N ARG D 131 -4.02 12.66 17.10
CA ARG D 131 -4.43 14.07 16.97
C ARG D 131 -5.91 14.25 17.19
N ASN D 132 -6.45 13.42 18.07
CA ASN D 132 -7.86 13.49 18.39
C ASN D 132 -8.08 14.26 19.67
N GLY D 133 -9.32 14.64 19.90
CA GLY D 133 -9.75 15.04 21.23
C GLY D 133 -10.49 13.83 21.75
N ILE D 134 -10.57 13.71 23.08
CA ILE D 134 -11.31 12.62 23.73
C ILE D 134 -11.97 13.16 24.99
N ILE D 135 -13.23 12.77 25.23
CA ILE D 135 -13.94 13.17 26.44
C ILE D 135 -14.41 11.96 27.22
N PHE D 136 -14.00 11.87 28.48
CA PHE D 136 -14.34 10.70 29.29
C PHE D 136 -15.66 10.81 30.03
N SER D 137 -16.45 9.75 29.91
CA SER D 137 -17.70 9.59 30.66
C SER D 137 -17.48 8.46 31.66
N PRO D 138 -16.90 8.80 32.82
CA PRO D 138 -16.63 7.86 33.89
C PRO D 138 -17.92 7.29 34.50
N HIS D 139 -17.78 6.19 35.22
CA HIS D 139 -18.86 5.64 36.03
C HIS D 139 -18.81 6.36 37.37
N PRO D 140 -19.99 6.75 37.91
CA PRO D 140 -20.04 7.34 39.23
C PRO D 140 -19.06 6.68 40.20
N ARG D 141 -19.11 5.34 40.28
CA ARG D 141 -18.37 4.56 41.28
C ARG D 141 -16.83 4.74 41.28
N ALA D 142 -16.27 5.18 40.16
CA ALA D 142 -14.83 5.44 40.06
C ALA D 142 -14.52 6.73 39.30
N LYS D 143 -15.31 7.78 39.56
CA LYS D 143 -15.16 9.05 38.87
C LYS D 143 -13.75 9.66 38.98
N ASN D 144 -13.25 9.76 40.21
CA ASN D 144 -11.96 10.39 40.47
C ASN D 144 -10.75 9.59 39.95
N SER D 145 -10.79 8.26 40.07
CA SER D 145 -9.72 7.42 39.53
C SER D 145 -9.48 7.75 38.06
N THR D 146 -10.54 7.69 37.26
CA THR D 146 -10.40 7.89 35.82
C THR D 146 -10.12 9.35 35.45
N ASN D 147 -10.84 10.29 36.04
CA ASN D 147 -10.61 11.72 35.75
C ASN D 147 -9.23 12.21 36.19
N ASP D 148 -8.70 11.64 37.28
CA ASP D 148 -7.35 11.95 37.73
C ASP D 148 -6.33 11.22 36.89
N ALA D 149 -6.73 10.08 36.31
CA ALA D 149 -5.89 9.41 35.33
C ALA D 149 -5.84 10.30 34.08
N ALA D 150 -7.00 10.69 33.58
CA ALA D 150 -7.10 11.60 32.47
C ALA D 150 -6.30 12.90 32.71
N LYS D 151 -6.48 13.48 33.90
CA LYS D 151 -5.81 14.72 34.28
C LYS D 151 -4.29 14.58 34.27
N LEU D 152 -3.78 13.49 34.85
CA LEU D 152 -2.34 13.31 34.91
C LEU D 152 -1.74 13.29 33.51
N VAL D 153 -2.44 12.62 32.60
CA VAL D 153 -2.00 12.48 31.23
C VAL D 153 -2.15 13.80 30.49
N LEU D 154 -3.25 14.51 30.78
CA LEU D 154 -3.47 15.85 30.21
C LEU D 154 -2.30 16.76 30.56
N ASP D 155 -2.06 16.93 31.86
CA ASP D 155 -1.04 17.85 32.39
C ASP D 155 0.35 17.57 31.84
N ALA D 156 0.70 16.29 31.75
CA ALA D 156 1.97 15.91 31.13
C ALA D 156 1.93 16.26 29.65
N ALA D 157 0.76 16.13 29.04
CA ALA D 157 0.59 16.47 27.63
C ALA D 157 0.73 17.98 27.41
N VAL D 158 -0.02 18.77 28.18
CA VAL D 158 0.03 20.23 28.10
C VAL D 158 1.45 20.74 28.28
N ALA D 159 2.22 20.13 29.18
CA ALA D 159 3.60 20.54 29.46
C ALA D 159 4.63 20.23 28.36
N ALA D 160 4.29 19.32 27.46
CA ALA D 160 5.13 19.04 26.29
C ALA D 160 4.53 19.70 25.03
N GLY D 161 3.44 20.45 25.22
CA GLY D 161 2.99 21.43 24.25
C GLY D 161 1.54 21.32 23.84
N ALA D 162 0.81 20.43 24.50
CA ALA D 162 -0.54 20.08 24.06
C ALA D 162 -1.53 21.17 24.39
N PRO D 163 -2.54 21.37 23.52
CA PRO D 163 -3.57 22.39 23.78
C PRO D 163 -4.25 22.17 25.12
N LYS D 164 -4.66 23.29 25.73
CA LYS D 164 -5.21 23.31 27.07
C LYS D 164 -6.24 22.24 27.34
N ASP D 165 -7.26 22.15 26.48
CA ASP D 165 -8.39 21.24 26.74
C ASP D 165 -8.52 20.05 25.76
N ILE D 166 -7.40 19.41 25.43
CA ILE D 166 -7.42 18.34 24.44
C ILE D 166 -8.09 17.05 24.97
N ILE D 167 -8.13 16.92 26.30
CA ILE D 167 -8.92 15.92 26.97
C ILE D 167 -9.81 16.63 28.00
N GLY D 168 -11.03 16.14 28.15
CA GLY D 168 -11.88 16.54 29.26
C GLY D 168 -12.61 15.33 29.85
N TRP D 169 -13.64 15.63 30.64
CA TRP D 169 -14.41 14.61 31.34
C TRP D 169 -15.66 15.23 31.96
N ILE D 170 -16.67 14.40 32.19
CA ILE D 170 -17.83 14.83 32.95
C ILE D 170 -17.48 14.62 34.43
N ASP D 171 -17.43 15.73 35.18
CA ASP D 171 -16.96 15.72 36.57
C ASP D 171 -17.95 15.01 37.48
N GLN D 172 -19.24 15.31 37.32
CA GLN D 172 -20.30 14.61 38.03
C GLN D 172 -21.17 13.87 37.01
N PRO D 173 -20.92 12.56 36.85
CA PRO D 173 -21.61 11.74 35.84
C PRO D 173 -23.10 11.51 36.13
N SER D 174 -23.88 11.45 35.05
CA SER D 174 -25.32 11.17 35.10
C SER D 174 -25.72 10.38 33.86
N VAL D 175 -26.96 9.88 33.85
CA VAL D 175 -27.55 9.26 32.66
C VAL D 175 -27.90 10.33 31.61
N GLU D 176 -28.22 11.53 32.07
CA GLU D 176 -28.50 12.66 31.19
C GLU D 176 -27.23 13.09 30.42
N LEU D 177 -26.12 13.18 31.14
CA LEU D 177 -24.86 13.71 30.58
C LEU D 177 -24.11 12.70 29.71
N SER D 178 -24.20 11.43 30.08
CA SER D 178 -23.66 10.33 29.28
C SER D 178 -24.36 10.30 27.93
N ASN D 179 -25.68 10.43 27.94
CA ASN D 179 -26.48 10.47 26.71
C ASN D 179 -26.32 11.77 25.93
N ALA D 180 -26.03 12.85 26.64
CA ALA D 180 -25.75 14.13 26.01
C ALA D 180 -24.43 14.09 25.24
N LEU D 181 -23.39 13.56 25.88
CA LEU D 181 -22.08 13.41 25.27
C LEU D 181 -22.12 12.50 24.03
N MSE D 182 -22.90 11.43 24.11
CA MSE D 182 -22.97 10.38 23.06
C MSE D 182 -23.61 10.85 21.77
O MSE D 182 -23.03 10.67 20.70
CB MSE D 182 -23.72 9.14 23.57
CG MSE D 182 -22.91 8.24 24.48
SE MSE D 182 -23.64 6.43 24.51
CE MSE D 182 -23.41 6.04 26.41
N LYS D 183 -24.81 11.40 21.86
CA LYS D 183 -25.60 11.80 20.71
C LYS D 183 -25.21 13.19 20.17
N HIS D 184 -24.24 13.83 20.84
CA HIS D 184 -23.76 15.18 20.43
C HIS D 184 -23.13 15.22 19.03
N ASP D 185 -23.45 16.28 18.29
CA ASP D 185 -23.10 16.39 16.87
C ASP D 185 -21.61 16.41 16.55
N ASP D 186 -20.82 16.99 17.44
CA ASP D 186 -19.38 17.14 17.21
C ASP D 186 -18.53 16.07 17.89
N ILE D 187 -19.20 15.16 18.60
CA ILE D 187 -18.60 13.88 18.99
C ILE D 187 -18.76 12.93 17.81
N ALA D 188 -17.64 12.38 17.34
CA ALA D 188 -17.64 11.57 16.12
C ALA D 188 -17.67 10.04 16.30
N LEU D 189 -17.18 9.56 17.45
CA LEU D 189 -16.99 8.13 17.68
C LEU D 189 -17.33 7.82 19.14
N ILE D 190 -17.85 6.64 19.39
CA ILE D 190 -17.95 6.15 20.76
C ILE D 190 -16.99 5.00 20.96
N LEU D 191 -16.11 5.14 21.96
CA LEU D 191 -15.35 4.03 22.49
C LEU D 191 -15.99 3.62 23.80
N ALA D 192 -16.67 2.47 23.78
CA ALA D 192 -17.53 2.07 24.87
C ALA D 192 -17.01 0.79 25.50
N THR D 193 -16.50 0.91 26.73
CA THR D 193 -16.12 -0.24 27.56
C THR D 193 -16.54 0.00 29.00
N GLY D 197 -24.38 -4.30 27.54
CA GLY D 197 -25.37 -3.45 28.20
C GLY D 197 -25.14 -1.98 27.91
N MSE D 198 -24.05 -1.44 28.46
CA MSE D 198 -23.55 -0.10 28.14
C MSE D 198 -23.11 -0.09 26.67
O MSE D 198 -23.16 0.95 25.99
CB MSE D 198 -22.39 0.26 29.07
CG MSE D 198 -21.71 1.60 28.80
SE MSE D 198 -22.88 3.15 29.07
CE MSE D 198 -22.83 3.24 31.02
N VAL D 199 -22.67 -1.25 26.19
CA VAL D 199 -22.44 -1.51 24.78
C VAL D 199 -23.71 -1.19 23.98
N LYS D 200 -24.86 -1.64 24.48
CA LYS D 200 -26.15 -1.44 23.79
C LYS D 200 -26.46 0.05 23.57
N ALA D 201 -26.23 0.86 24.60
CA ALA D 201 -26.50 2.30 24.53
C ALA D 201 -25.69 2.95 23.41
N ALA D 202 -24.43 2.53 23.27
CA ALA D 202 -23.52 3.07 22.26
C ALA D 202 -23.99 2.78 20.83
N TYR D 203 -24.43 1.54 20.61
CA TYR D 203 -24.90 1.12 19.29
C TYR D 203 -26.29 1.65 18.93
N SER D 204 -26.97 2.22 19.94
CA SER D 204 -28.34 2.71 19.75
C SER D 204 -28.39 4.24 19.66
N SER D 205 -27.24 4.86 19.37
CA SER D 205 -27.09 6.31 19.45
C SER D 205 -26.91 6.99 18.10
N GLY D 206 -26.72 6.19 17.05
CA GLY D 206 -26.57 6.73 15.70
C GLY D 206 -25.14 7.03 15.34
N LYS D 207 -24.25 6.81 16.30
CA LYS D 207 -22.83 7.13 16.18
C LYS D 207 -22.01 5.91 15.78
N PRO D 208 -20.89 6.15 15.07
CA PRO D 208 -19.90 5.09 14.92
C PRO D 208 -19.42 4.68 16.32
N ALA D 209 -19.51 3.39 16.62
CA ALA D 209 -19.17 2.92 17.96
C ALA D 209 -18.31 1.69 17.89
N ILE D 210 -17.34 1.61 18.78
CA ILE D 210 -16.59 0.39 19.01
C ILE D 210 -16.84 -0.05 20.45
N GLY D 211 -17.44 -1.24 20.61
CA GLY D 211 -17.80 -1.79 21.91
C GLY D 211 -16.72 -2.76 22.36
N VAL D 212 -16.29 -2.63 23.61
CA VAL D 212 -15.14 -3.38 24.09
C VAL D 212 -15.49 -4.34 25.25
N ALA D 214 -18.15 -6.52 26.86
CA ALA D 214 -17.22 -7.60 27.16
C ALA D 214 -17.65 -8.93 26.52
N GLY D 215 -18.34 -9.79 27.28
CA GLY D 215 -18.87 -11.07 26.76
C GLY D 215 -18.73 -12.26 27.70
N ASN D 216 -19.52 -13.31 27.46
CA ASN D 216 -19.55 -14.54 28.27
C ASN D 216 -18.72 -15.67 27.64
N VAL D 217 -17.70 -16.14 28.36
CA VAL D 217 -16.78 -17.14 27.80
C VAL D 217 -16.96 -18.55 28.40
N PRO D 218 -17.47 -19.51 27.61
CA PRO D 218 -17.57 -20.90 28.06
C PRO D 218 -16.31 -21.71 27.77
N VAL D 219 -16.10 -22.75 28.56
CA VAL D 219 -15.01 -23.68 28.35
C VAL D 219 -15.54 -25.11 28.39
N VAL D 220 -15.30 -25.82 27.31
CA VAL D 220 -15.62 -27.22 27.24
C VAL D 220 -14.37 -28.03 27.54
N ILE D 221 -14.47 -28.89 28.55
CA ILE D 221 -13.43 -29.87 28.83
C ILE D 221 -14.00 -31.23 28.45
N ASP D 222 -13.45 -31.84 27.39
CA ASP D 222 -13.97 -33.15 26.95
C ASP D 222 -13.20 -34.32 27.59
N GLU D 223 -13.61 -35.56 27.26
CA GLU D 223 -13.10 -36.77 27.93
C GLU D 223 -11.65 -37.02 27.63
N THR D 224 -11.13 -36.42 26.56
CA THR D 224 -9.74 -36.71 26.12
C THR D 224 -8.72 -35.68 26.60
N ALA D 225 -9.19 -34.65 27.30
CA ALA D 225 -8.34 -33.54 27.74
C ALA D 225 -7.31 -33.96 28.80
N ASP D 226 -6.26 -33.15 28.92
CA ASP D 226 -5.37 -33.20 30.04
C ASP D 226 -6.06 -32.47 31.18
N ILE D 227 -6.58 -33.21 32.15
CA ILE D 227 -7.39 -32.61 33.22
C ILE D 227 -6.60 -31.60 34.04
N LYS D 228 -5.40 -31.98 34.46
CA LYS D 228 -4.59 -31.13 35.34
C LYS D 228 -4.21 -29.82 34.65
N ARG D 229 -3.91 -29.89 33.36
CA ARG D 229 -3.61 -28.67 32.61
C ARG D 229 -4.86 -27.79 32.41
N ALA D 230 -5.94 -28.36 31.91
CA ALA D 230 -7.19 -27.61 31.71
C ALA D 230 -7.59 -26.88 32.98
N VAL D 231 -7.60 -27.60 34.11
CA VAL D 231 -8.04 -27.03 35.38
C VAL D 231 -7.17 -25.83 35.86
N ALA D 232 -5.85 -25.97 35.76
CA ALA D 232 -4.94 -24.86 36.10
C ALA D 232 -5.08 -23.72 35.11
N SER D 233 -5.17 -24.07 33.83
CA SER D 233 -5.33 -23.09 32.76
C SER D 233 -6.55 -22.22 32.98
N VAL D 234 -7.71 -22.84 33.07
CA VAL D 234 -8.97 -22.14 33.28
C VAL D 234 -8.96 -21.26 34.53
N LEU D 235 -8.18 -21.63 35.52
CA LEU D 235 -8.10 -20.88 36.78
C LEU D 235 -7.13 -19.68 36.79
N MSE D 236 -6.20 -19.64 35.83
CA MSE D 236 -5.15 -18.61 35.80
C MSE D 236 -5.68 -17.18 35.94
O MSE D 236 -5.08 -16.35 36.65
CB MSE D 236 -4.34 -18.71 34.51
CG MSE D 236 -3.18 -19.67 34.56
SE MSE D 236 -2.22 -19.59 32.87
CE MSE D 236 -1.38 -21.38 32.84
N SER D 237 -6.80 -16.91 35.28
CA SER D 237 -7.32 -15.56 35.21
C SER D 237 -8.09 -15.14 36.45
N LYS D 238 -8.74 -16.10 37.10
CA LYS D 238 -9.80 -15.79 38.07
C LYS D 238 -9.38 -14.97 39.29
N THR D 239 -8.08 -15.00 39.60
CA THR D 239 -7.56 -14.31 40.77
C THR D 239 -6.88 -12.97 40.44
N PHE D 240 -6.39 -12.82 39.21
CA PHE D 240 -5.79 -11.56 38.77
C PHE D 240 -6.80 -10.41 38.93
N ASP D 241 -6.40 -9.37 39.66
CA ASP D 241 -7.25 -8.21 39.98
C ASP D 241 -8.66 -8.65 40.41
N ASN D 242 -8.69 -9.71 41.21
CA ASN D 242 -9.91 -10.38 41.66
C ASN D 242 -10.89 -10.72 40.54
N GLY D 243 -10.33 -11.20 39.43
CA GLY D 243 -11.12 -11.71 38.31
C GLY D 243 -11.72 -10.62 37.46
N VAL D 244 -11.16 -9.42 37.57
CA VAL D 244 -11.64 -8.29 36.83
C VAL D 244 -10.80 -8.18 35.56
N VAL D 245 -11.32 -8.82 34.52
CA VAL D 245 -10.70 -8.88 33.20
C VAL D 245 -11.73 -9.45 32.23
N CYS D 246 -11.74 -8.90 31.01
CA CYS D 246 -12.86 -8.98 30.09
C CYS D 246 -12.97 -10.28 29.30
N ALA D 247 -11.84 -10.88 28.99
CA ALA D 247 -11.85 -12.04 28.11
C ALA D 247 -12.03 -13.39 28.82
N SER D 248 -12.40 -13.38 30.11
CA SER D 248 -12.13 -14.54 30.96
C SER D 248 -13.23 -15.60 31.13
N GLU D 249 -12.76 -16.82 31.39
CA GLU D 249 -13.58 -18.02 31.44
C GLU D 249 -14.58 -17.96 32.60
N GLN D 250 -15.85 -18.11 32.26
CA GLN D 250 -16.90 -17.90 33.21
C GLN D 250 -17.45 -19.21 33.76
N ALA D 251 -17.42 -20.26 32.94
CA ALA D 251 -17.86 -21.59 33.37
C ALA D 251 -17.16 -22.74 32.67
N VAL D 252 -17.09 -23.85 33.40
CA VAL D 252 -16.55 -25.04 32.84
C VAL D 252 -17.71 -26.00 32.52
N ILE D 253 -17.73 -26.49 31.28
CA ILE D 253 -18.72 -27.47 30.85
C ILE D 253 -17.95 -28.75 30.54
N VAL D 254 -18.19 -29.77 31.37
CA VAL D 254 -17.32 -30.94 31.47
C VAL D 254 -18.06 -32.20 31.09
N VAL D 255 -17.43 -33.02 30.26
CA VAL D 255 -18.06 -34.28 29.84
C VAL D 255 -18.08 -35.28 30.99
N ASP D 256 -19.26 -35.83 31.24
CA ASP D 256 -19.58 -36.74 32.35
C ASP D 256 -18.45 -37.66 32.85
N GLU D 257 -17.88 -38.44 31.94
CA GLU D 257 -16.85 -39.41 32.29
C GLU D 257 -15.63 -38.80 33.04
N VAL D 258 -15.42 -37.51 32.85
CA VAL D 258 -14.23 -36.82 33.34
C VAL D 258 -14.65 -35.76 34.38
N TYR D 259 -15.96 -35.71 34.64
CA TYR D 259 -16.58 -34.70 35.53
C TYR D 259 -16.01 -34.72 36.95
N ASP D 260 -16.14 -35.86 37.60
CA ASP D 260 -15.67 -36.04 38.97
C ASP D 260 -14.17 -35.76 39.13
N GLU D 261 -13.37 -36.20 38.15
CA GLU D 261 -11.93 -35.94 38.16
C GLU D 261 -11.66 -34.43 38.11
N VAL D 262 -12.44 -33.69 37.29
CA VAL D 262 -12.31 -32.23 37.21
C VAL D 262 -12.69 -31.63 38.57
N LYS D 263 -13.81 -32.08 39.13
CA LYS D 263 -14.32 -31.55 40.42
C LYS D 263 -13.29 -31.76 41.54
N GLU D 264 -12.68 -32.95 41.60
CA GLU D 264 -11.69 -33.23 42.65
C GLU D 264 -10.43 -32.38 42.52
N ARG D 265 -10.00 -32.15 41.29
CA ARG D 265 -8.74 -31.42 41.01
C ARG D 265 -8.84 -29.94 41.50
N PHE D 266 -10.01 -29.33 41.34
CA PHE D 266 -10.20 -27.95 41.82
C PHE D 266 -9.60 -27.63 43.19
N ALA D 267 -9.61 -28.62 44.08
CA ALA D 267 -9.26 -28.41 45.49
C ALA D 267 -7.77 -28.18 45.72
N SER D 268 -6.93 -28.71 44.82
CA SER D 268 -5.50 -28.48 44.92
C SER D 268 -5.07 -27.12 44.36
N HIS D 269 -6.04 -26.34 43.88
CA HIS D 269 -5.79 -24.97 43.44
C HIS D 269 -6.49 -23.95 44.33
N LYS D 270 -6.98 -24.41 45.48
CA LYS D 270 -7.66 -23.54 46.43
C LYS D 270 -9.02 -23.09 45.89
N ALA D 271 -9.51 -23.82 44.90
CA ALA D 271 -10.82 -23.57 44.37
C ALA D 271 -11.77 -24.46 45.13
N HIS D 272 -12.68 -23.80 45.84
CA HIS D 272 -13.63 -24.44 46.73
C HIS D 272 -14.91 -24.69 45.94
N VAL D 273 -15.26 -25.97 45.84
CA VAL D 273 -16.45 -26.37 45.14
C VAL D 273 -17.58 -26.25 46.15
N LEU D 274 -18.54 -25.39 45.85
CA LEU D 274 -19.62 -25.12 46.79
C LEU D 274 -20.62 -26.24 46.78
N SER D 275 -21.00 -26.71 47.97
CA SER D 275 -22.13 -27.64 48.10
C SER D 275 -23.36 -27.08 47.37
N LYS D 276 -24.36 -27.92 47.12
CA LYS D 276 -25.56 -27.48 46.44
C LYS D 276 -26.20 -26.32 47.18
N THR D 277 -26.30 -26.45 48.51
CA THR D 277 -26.98 -25.46 49.33
C THR D 277 -26.18 -24.15 49.47
N ASP D 278 -24.87 -24.27 49.51
CA ASP D 278 -24.01 -23.11 49.65
C ASP D 278 -23.83 -22.39 48.31
N ALA D 279 -23.94 -23.15 47.22
CA ALA D 279 -23.99 -22.59 45.85
C ALA D 279 -25.24 -21.73 45.62
N ASP D 280 -26.37 -22.12 46.21
CA ASP D 280 -27.59 -21.32 46.12
C ASP D 280 -27.56 -20.03 46.92
N LYS D 281 -26.73 -19.99 47.95
CA LYS D 281 -26.54 -18.76 48.73
C LYS D 281 -25.59 -17.78 48.01
N VAL D 282 -24.70 -18.32 47.18
CA VAL D 282 -23.81 -17.51 46.35
C VAL D 282 -24.57 -17.04 45.12
N ARG D 283 -25.33 -17.96 44.52
CA ARG D 283 -26.11 -17.71 43.32
C ARG D 283 -27.15 -16.62 43.53
N LYS D 284 -27.60 -16.42 44.77
CA LYS D 284 -28.59 -15.39 45.08
C LYS D 284 -27.91 -14.03 45.35
N VAL D 285 -26.58 -14.02 45.27
CA VAL D 285 -25.78 -12.84 45.56
C VAL D 285 -25.08 -12.32 44.30
N LEU D 286 -24.88 -13.21 43.33
CA LEU D 286 -24.27 -12.86 42.05
C LEU D 286 -25.18 -11.97 41.21
N LEU D 287 -26.47 -12.29 41.21
CA LEU D 287 -27.45 -11.65 40.33
C LEU D 287 -28.62 -11.03 41.09
N ILE D 288 -29.12 -9.91 40.56
CA ILE D 288 -30.34 -9.25 41.06
C ILE D 288 -31.13 -8.63 39.89
N ALA D 291 -29.53 -8.91 36.98
CA ALA D 291 -28.41 -8.00 36.73
C ALA D 291 -27.25 -8.23 37.72
N LEU D 292 -26.03 -8.28 37.19
CA LEU D 292 -24.83 -8.52 37.99
C LEU D 292 -24.75 -7.58 39.21
N ASN D 293 -24.52 -8.17 40.37
CA ASN D 293 -24.40 -7.41 41.61
C ASN D 293 -23.02 -6.79 41.77
N ALA D 294 -22.99 -5.47 41.75
CA ALA D 294 -21.77 -4.65 41.82
C ALA D 294 -20.94 -4.85 43.09
N LYS D 295 -21.55 -5.39 44.13
CA LYS D 295 -20.87 -5.50 45.42
C LYS D 295 -19.91 -6.67 45.49
N ILE D 296 -20.05 -7.64 44.57
CA ILE D 296 -19.13 -8.77 44.49
C ILE D 296 -18.06 -8.57 43.43
N VAL D 297 -18.34 -7.64 42.52
CA VAL D 297 -17.48 -7.39 41.37
C VAL D 297 -16.07 -7.04 41.84
N GLY D 298 -15.10 -7.85 41.45
CA GLY D 298 -13.71 -7.62 41.84
C GLY D 298 -13.42 -7.84 43.31
N GLN D 299 -14.27 -8.61 43.99
CA GLN D 299 -14.02 -9.01 45.38
C GLN D 299 -13.38 -10.41 45.45
N PRO D 300 -12.49 -10.65 46.43
CA PRO D 300 -11.96 -12.00 46.60
C PRO D 300 -13.03 -13.04 46.94
N ALA D 301 -12.78 -14.29 46.54
CA ALA D 301 -13.68 -15.43 46.83
C ALA D 301 -14.14 -15.48 48.29
N THR D 302 -13.22 -15.22 49.21
CA THR D 302 -13.51 -15.27 50.66
C THR D 302 -14.52 -14.23 51.15
N ALA D 303 -14.61 -13.09 50.46
CA ALA D 303 -15.56 -12.04 50.86
C ALA D 303 -16.90 -12.19 50.15
N ILE D 304 -16.89 -12.81 48.99
CA ILE D 304 -18.14 -13.11 48.30
C ILE D 304 -18.88 -14.19 49.11
N ALA D 305 -18.10 -15.13 49.65
CA ALA D 305 -18.63 -16.23 50.44
C ALA D 305 -19.28 -15.66 51.68
N GLU D 306 -18.59 -14.70 52.30
CA GLU D 306 -19.07 -14.04 53.52
C GLU D 306 -20.18 -13.01 53.27
N MSE D 307 -20.51 -12.75 52.01
CA MSE D 307 -21.70 -11.96 51.63
C MSE D 307 -22.86 -12.90 51.47
O MSE D 307 -24.01 -12.58 51.79
CB MSE D 307 -21.46 -11.19 50.32
CG MSE D 307 -20.70 -9.90 50.46
SE MSE D 307 -19.92 -9.24 48.76
CE MSE D 307 -18.36 -8.32 49.55
N ALA D 308 -22.56 -14.07 50.91
CA ALA D 308 -23.45 -15.22 50.92
C ALA D 308 -23.50 -15.76 52.35
N GLY D 309 -24.09 -16.93 52.55
CA GLY D 309 -24.08 -17.53 53.89
C GLY D 309 -22.91 -18.46 54.18
N VAL D 310 -21.86 -18.41 53.36
CA VAL D 310 -20.98 -19.55 53.21
C VAL D 310 -19.61 -19.50 53.91
N LYS D 311 -19.40 -20.51 54.76
CA LYS D 311 -18.10 -20.76 55.39
C LYS D 311 -17.16 -21.42 54.38
N VAL D 312 -16.07 -20.73 54.06
CA VAL D 312 -15.07 -21.19 53.11
C VAL D 312 -13.71 -21.05 53.78
N PRO D 313 -12.78 -22.02 53.56
CA PRO D 313 -11.43 -21.88 54.16
C PRO D 313 -10.75 -20.55 53.83
N ALA D 314 -9.92 -20.07 54.76
CA ALA D 314 -9.26 -18.76 54.62
C ALA D 314 -8.38 -18.60 53.37
N ASP D 315 -7.72 -19.67 52.94
CA ASP D 315 -6.78 -19.59 51.83
C ASP D 315 -7.39 -19.84 50.45
N THR D 316 -8.72 -19.86 50.36
CA THR D 316 -9.38 -20.12 49.08
C THR D 316 -9.28 -18.94 48.12
N LYS D 317 -8.97 -19.25 46.87
CA LYS D 317 -8.79 -18.26 45.83
C LYS D 317 -10.00 -18.09 44.90
N VAL D 318 -10.82 -19.14 44.75
CA VAL D 318 -11.93 -19.18 43.77
C VAL D 318 -13.14 -20.01 44.30
N LEU D 319 -14.36 -19.56 44.00
CA LEU D 319 -15.56 -20.37 44.26
C LEU D 319 -16.07 -21.07 43.01
N ILE D 320 -16.31 -22.37 43.12
CA ILE D 320 -16.91 -23.17 42.04
C ILE D 320 -18.35 -23.53 42.40
N GLY D 321 -19.29 -23.08 41.58
CA GLY D 321 -20.70 -23.42 41.77
C GLY D 321 -21.19 -24.30 40.63
N GLU D 322 -21.46 -25.57 40.91
CA GLU D 322 -21.94 -26.48 39.86
C GLU D 322 -23.44 -26.42 39.63
N GLY D 323 -23.83 -26.41 38.35
CA GLY D 323 -25.20 -26.35 37.97
C GLY D 323 -25.87 -27.70 38.10
N LEU D 324 -27.04 -27.69 38.74
CA LEU D 324 -28.01 -28.78 38.57
C LEU D 324 -28.70 -28.51 37.24
N GLY D 325 -28.88 -29.56 36.44
CA GLY D 325 -29.35 -29.40 35.05
C GLY D 325 -28.26 -28.82 34.14
N LYS D 326 -28.65 -28.46 32.92
CA LYS D 326 -27.72 -27.94 31.92
C LYS D 326 -27.40 -26.46 32.13
N VAL D 327 -26.70 -25.85 31.17
CA VAL D 327 -26.54 -24.41 31.13
C VAL D 327 -27.90 -23.76 30.90
N SER D 328 -28.27 -22.86 31.81
CA SER D 328 -29.56 -22.20 31.80
C SER D 328 -29.42 -20.73 32.16
N TYR D 329 -30.25 -19.88 31.52
CA TYR D 329 -30.33 -18.46 31.84
C TYR D 329 -30.63 -18.22 33.32
N ASP D 330 -31.34 -19.17 33.93
CA ASP D 330 -31.72 -19.07 35.33
C ASP D 330 -30.54 -19.37 36.28
N ASP D 331 -29.45 -19.87 35.71
CA ASP D 331 -28.28 -20.17 36.52
C ASP D 331 -27.28 -19.02 36.47
N ALA D 332 -27.13 -18.33 37.59
CA ALA D 332 -26.25 -17.16 37.68
C ALA D 332 -24.79 -17.55 37.46
N PHE D 333 -24.47 -18.81 37.77
CA PHE D 333 -23.13 -19.34 37.50
C PHE D 333 -22.89 -19.56 36.00
N ALA D 334 -23.96 -19.41 35.21
CA ALA D 334 -23.87 -19.48 33.77
C ALA D 334 -23.61 -18.11 33.17
N HIS D 335 -23.64 -17.08 34.01
CA HIS D 335 -23.44 -15.69 33.58
C HIS D 335 -22.01 -15.18 33.85
N GLU D 336 -21.68 -14.08 33.19
CA GLU D 336 -20.44 -13.34 33.39
C GLU D 336 -20.41 -12.73 34.80
N LYS D 337 -19.43 -13.12 35.61
CA LYS D 337 -19.40 -12.78 37.04
C LYS D 337 -18.33 -11.78 37.52
N LEU D 338 -17.40 -11.39 36.62
CA LEU D 338 -16.35 -10.41 36.95
C LEU D 338 -15.77 -10.57 38.36
N SER D 339 -15.44 -11.82 38.72
CA SER D 339 -15.00 -12.19 40.07
C SER D 339 -14.36 -13.58 40.05
N PRO D 340 -13.72 -13.99 41.17
CA PRO D 340 -13.04 -15.29 41.23
C PRO D 340 -14.05 -16.40 41.47
N THR D 341 -14.87 -16.63 40.44
CA THR D 341 -15.97 -17.59 40.48
C THR D 341 -16.07 -18.27 39.12
N LEU D 342 -16.42 -19.56 39.14
CA LEU D 342 -16.73 -20.33 37.92
C LEU D 342 -17.97 -21.18 38.11
N GLY D 343 -18.79 -21.28 37.07
CA GLY D 343 -19.80 -22.31 37.01
C GLY D 343 -19.16 -23.61 36.56
N MSE D 344 -19.83 -24.72 36.87
CA MSE D 344 -19.45 -26.05 36.43
C MSE D 344 -20.69 -26.85 36.04
O MSE D 344 -21.57 -27.06 36.86
CB MSE D 344 -18.64 -26.79 37.51
CG MSE D 344 -18.35 -28.24 37.18
SE MSE D 344 -17.17 -29.12 38.48
CE MSE D 344 -16.57 -30.57 37.32
N PHE D 345 -20.73 -27.28 34.80
CA PHE D 345 -21.91 -27.91 34.23
C PHE D 345 -21.55 -29.23 33.58
N ARG D 346 -22.47 -30.19 33.72
CA ARG D 346 -22.24 -31.55 33.28
C ARG D 346 -22.74 -31.75 31.85
N ALA D 347 -21.98 -32.48 31.04
CA ALA D 347 -22.38 -32.77 29.67
C ALA D 347 -22.39 -34.29 29.38
N ASP D 348 -23.38 -34.75 28.61
CA ASP D 348 -23.50 -36.18 28.24
C ASP D 348 -22.31 -36.63 27.40
N ASN D 349 -21.90 -35.74 26.49
CA ASN D 349 -20.79 -35.98 25.59
C ASN D 349 -20.23 -34.68 25.01
N PHE D 350 -19.25 -34.81 24.13
CA PHE D 350 -18.62 -33.69 23.47
C PHE D 350 -19.63 -32.74 22.79
N GLU D 351 -20.37 -33.27 21.81
CA GLU D 351 -21.43 -32.52 21.12
C GLU D 351 -22.41 -31.85 22.09
N ASP D 352 -22.84 -32.55 23.14
CA ASP D 352 -23.71 -31.93 24.15
C ASP D 352 -23.03 -30.74 24.83
N ALA D 353 -21.74 -30.87 25.13
CA ALA D 353 -21.02 -29.81 25.82
C ALA D 353 -20.88 -28.60 24.90
N VAL D 354 -20.61 -28.88 23.63
CA VAL D 354 -20.58 -27.84 22.59
C VAL D 354 -21.94 -27.13 22.56
N ALA D 355 -23.04 -27.89 22.60
CA ALA D 355 -24.38 -27.31 22.55
C ALA D 355 -24.65 -26.41 23.75
N GLN D 356 -24.03 -26.71 24.86
CA GLN D 356 -24.24 -25.98 26.10
C GLN D 356 -23.40 -24.73 26.10
N ALA D 357 -22.33 -24.77 25.36
CA ALA D 357 -21.46 -23.64 25.23
C ALA D 357 -22.15 -22.63 24.37
N VAL D 358 -22.79 -23.09 23.31
CA VAL D 358 -23.56 -22.23 22.44
C VAL D 358 -24.53 -21.42 23.22
N THR D 359 -25.03 -21.96 24.29
CA THR D 359 -26.05 -21.29 25.02
C THR D 359 -25.42 -20.27 25.90
N MSE D 360 -24.26 -20.56 26.42
CA MSE D 360 -23.65 -19.60 27.30
C MSE D 360 -23.28 -18.40 26.45
O MSE D 360 -23.39 -17.30 26.88
CB MSE D 360 -22.45 -20.20 27.97
CG MSE D 360 -22.65 -20.40 29.43
SE MSE D 360 -21.16 -21.11 30.36
CE MSE D 360 -20.73 -19.67 31.39
N VAL D 361 -22.84 -18.65 25.24
CA VAL D 361 -22.47 -17.56 24.32
C VAL D 361 -23.66 -16.61 24.05
N GLU D 362 -24.85 -17.18 23.93
CA GLU D 362 -26.04 -16.40 23.71
C GLU D 362 -26.36 -15.54 24.90
N ILE D 363 -25.85 -15.88 26.04
CA ILE D 363 -25.91 -14.93 27.11
C ILE D 363 -24.76 -14.02 26.81
N GLY D 364 -25.00 -12.73 26.75
CA GLY D 364 -23.95 -11.82 26.39
C GLY D 364 -24.19 -11.15 25.06
N GLY D 365 -24.82 -11.84 24.16
CA GLY D 365 -25.04 -11.29 22.84
C GLY D 365 -23.68 -11.13 22.23
N ILE D 366 -22.70 -10.95 23.10
CA ILE D 366 -21.38 -10.67 22.64
C ILE D 366 -20.83 -12.00 22.27
N GLY D 367 -20.19 -12.09 21.12
CA GLY D 367 -19.64 -13.35 20.70
C GLY D 367 -18.16 -13.22 20.70
N HIS D 368 -17.58 -13.34 21.85
CA HIS D 368 -16.21 -12.88 22.10
C HIS D 368 -15.17 -13.99 21.96
N THR D 369 -15.12 -14.89 22.94
CA THR D 369 -14.23 -16.03 22.90
C THR D 369 -14.82 -17.25 23.58
N SER D 370 -14.40 -18.42 23.10
CA SER D 370 -14.75 -19.69 23.68
C SER D 370 -13.53 -20.59 23.67
N GLY D 371 -13.61 -21.66 24.46
CA GLY D 371 -12.46 -22.53 24.66
C GLY D 371 -12.83 -23.98 24.79
N LEU D 372 -11.91 -24.82 24.35
CA LEU D 372 -12.11 -26.26 24.38
C LEU D 372 -10.81 -26.90 24.88
N TYR D 373 -10.93 -27.86 25.78
CA TYR D 373 -9.80 -28.66 26.17
C TYR D 373 -10.05 -30.11 25.70
N THR D 374 -9.08 -30.63 24.95
CA THR D 374 -9.20 -31.88 24.24
C THR D 374 -7.83 -32.41 23.83
N ASN D 375 -7.78 -33.69 23.47
CA ASN D 375 -6.56 -34.29 22.90
C ASN D 375 -6.44 -33.86 21.44
N GLN D 376 -5.59 -32.85 21.21
CA GLN D 376 -5.34 -32.26 19.89
C GLN D 376 -4.92 -33.29 18.86
N ASP D 377 -3.96 -34.13 19.25
CA ASP D 377 -3.37 -35.18 18.40
C ASP D 377 -4.37 -36.17 17.77
N VAL D 378 -5.57 -36.25 18.34
CA VAL D 378 -6.51 -37.30 17.94
C VAL D 378 -7.96 -36.78 17.73
N ASN D 379 -8.18 -35.49 17.97
CA ASN D 379 -9.53 -34.94 17.85
C ASN D 379 -9.68 -33.78 16.87
N ALA D 380 -8.90 -33.80 15.79
CA ALA D 380 -8.99 -32.79 14.72
C ALA D 380 -10.42 -32.53 14.22
N ASP D 381 -11.21 -33.60 14.09
CA ASP D 381 -12.62 -33.50 13.73
C ASP D 381 -13.42 -32.68 14.72
N ARG D 382 -13.15 -32.90 16.00
CA ARG D 382 -13.82 -32.20 17.09
C ARG D 382 -13.48 -30.71 17.08
N ILE D 383 -12.21 -30.40 16.88
CA ILE D 383 -11.74 -29.02 16.82
C ILE D 383 -12.44 -28.26 15.68
N ARG D 384 -12.41 -28.82 14.47
CA ARG D 384 -13.17 -28.30 13.31
C ARG D 384 -14.66 -28.16 13.62
N TYR D 385 -15.20 -29.11 14.37
CA TYR D 385 -16.61 -29.09 14.73
C TYR D 385 -16.87 -27.91 15.64
N PHE D 386 -16.12 -27.87 16.74
CA PHE D 386 -16.07 -26.72 17.67
C PHE D 386 -15.91 -25.37 16.97
N GLY D 387 -14.99 -25.29 16.02
CA GLY D 387 -14.79 -24.10 15.19
C GLY D 387 -15.98 -23.70 14.33
N ASP D 388 -16.72 -24.68 13.81
CA ASP D 388 -17.88 -24.38 12.97
C ASP D 388 -19.13 -23.98 13.77
N LYS D 389 -19.15 -24.28 15.07
CA LYS D 389 -20.38 -24.11 15.89
C LYS D 389 -20.31 -22.99 16.93
N MSE D 390 -19.12 -22.49 17.20
CA MSE D 390 -19.02 -21.35 18.11
C MSE D 390 -19.10 -20.06 17.29
O MSE D 390 -18.35 -19.85 16.34
CB MSE D 390 -17.73 -21.36 18.96
CG MSE D 390 -17.50 -22.59 19.85
SE MSE D 390 -18.98 -23.05 21.08
CE MSE D 390 -18.93 -21.54 22.29
N LYS D 391 -20.05 -19.21 17.65
CA LYS D 391 -20.12 -17.85 17.13
C LYS D 391 -19.36 -16.91 18.09
N THR D 392 -18.05 -17.10 18.14
CA THR D 392 -17.14 -16.23 18.88
C THR D 392 -15.97 -15.95 17.97
N ALA D 393 -15.49 -14.72 18.01
CA ALA D 393 -14.41 -14.29 17.15
C ALA D 393 -13.11 -15.01 17.46
N ARG D 394 -12.88 -15.34 18.73
CA ARG D 394 -11.69 -16.07 19.16
C ARG D 394 -12.07 -17.46 19.66
N ILE D 395 -11.45 -18.48 19.11
CA ILE D 395 -11.70 -19.84 19.51
C ILE D 395 -10.38 -20.39 20.03
N LEU D 396 -10.37 -20.81 21.29
CA LEU D 396 -9.17 -21.31 21.97
C LEU D 396 -9.19 -22.81 22.19
N ILE D 397 -8.15 -23.49 21.74
CA ILE D 397 -7.99 -24.92 21.92
C ILE D 397 -6.83 -25.18 22.87
N ASN D 398 -7.16 -25.74 24.05
CA ASN D 398 -6.16 -26.08 25.07
C ASN D 398 -5.35 -24.89 25.59
N ILE D 399 -6.01 -23.74 25.66
CA ILE D 399 -5.39 -22.45 25.91
C ILE D 399 -6.38 -21.54 26.63
N PRO D 400 -5.91 -20.90 27.72
CA PRO D 400 -6.71 -19.93 28.48
C PRO D 400 -6.69 -18.60 27.77
N THR D 401 -7.64 -17.75 28.11
CA THR D 401 -7.75 -16.39 27.57
C THR D 401 -6.61 -15.45 27.98
N THR D 402 -5.83 -15.83 28.99
CA THR D 402 -4.73 -14.98 29.44
C THR D 402 -3.40 -15.38 28.79
N HIS D 403 -3.45 -16.37 27.91
CA HIS D 403 -2.26 -16.82 27.16
C HIS D 403 -1.63 -15.65 26.40
N ASN D 433 -8.80 -5.50 18.62
CA ASN D 433 -8.00 -4.72 19.57
C ASN D 433 -7.89 -3.25 19.19
N VAL D 434 -8.63 -2.40 19.89
CA VAL D 434 -8.63 -0.95 19.62
C VAL D 434 -7.21 -0.40 19.54
N GLY D 435 -6.96 0.43 18.53
CA GLY D 435 -5.67 1.04 18.31
C GLY D 435 -5.77 2.35 17.55
N PRO D 436 -4.64 3.05 17.40
CA PRO D 436 -4.57 4.30 16.67
C PRO D 436 -5.30 4.23 15.33
N LYS D 437 -5.11 3.15 14.58
CA LYS D 437 -5.72 2.99 13.26
C LYS D 437 -7.24 3.12 13.25
N HIS D 438 -7.88 2.99 14.41
CA HIS D 438 -9.34 3.07 14.47
C HIS D 438 -9.85 4.49 14.64
N LEU D 439 -8.95 5.39 15.00
CA LEU D 439 -9.29 6.75 15.38
C LEU D 439 -8.80 7.75 14.33
N ILE D 440 -8.56 7.27 13.12
CA ILE D 440 -8.27 8.15 11.99
C ILE D 440 -9.11 7.72 10.78
N ASN D 441 -9.38 8.67 9.88
CA ASN D 441 -10.02 8.33 8.62
C ASN D 441 -9.04 8.33 7.46
N LYS D 442 -9.15 7.36 6.59
CA LYS D 442 -8.34 7.34 5.37
C LYS D 442 -9.13 8.04 4.29
N LYS D 443 -8.53 9.06 3.70
CA LYS D 443 -9.14 9.76 2.58
C LYS D 443 -8.26 9.57 1.37
N THR D 444 -8.89 9.17 0.28
CA THR D 444 -8.15 8.88 -0.94
C THR D 444 -8.29 10.05 -1.92
N VAL D 445 -7.18 10.39 -2.58
CA VAL D 445 -7.11 11.54 -3.47
C VAL D 445 -6.72 11.07 -4.85
N ALA D 446 -7.58 11.36 -5.82
CA ALA D 446 -7.34 10.94 -7.19
C ALA D 446 -7.27 12.14 -8.10
N LYS D 447 -6.20 12.19 -8.88
CA LYS D 447 -5.78 13.27 -9.73
C LYS D 447 -5.92 12.75 -11.16
N ARG D 448 -6.24 13.61 -12.12
CA ARG D 448 -6.30 13.19 -13.52
C ARG D 448 -4.93 12.82 -14.09
CL CL E . -32.97 0.27 -10.17
CL CL F . 28.96 -0.04 12.20
CL CL G . 7.95 0.72 -36.12
CL CL H . -7.44 -0.14 36.64
#